data_8SAO
#
_entry.id   8SAO
#
_cell.length_a   81.028
_cell.length_b   52.899
_cell.length_c   233.417
_cell.angle_alpha   90.000
_cell.angle_beta   95.728
_cell.angle_gamma   90.000
#
_symmetry.space_group_name_H-M   'P 1 21 1'
#
loop_
_entity.id
_entity.type
_entity.pdbx_description
1 polymer 'Class III lanthipeptide'
2 polymer 'Class III lanthionine synthetase LanKC'
#
loop_
_entity_poly.entity_id
_entity_poly.type
_entity_poly.pdbx_seq_one_letter_code
_entity_poly.pdbx_strand_id
1 'polypeptide(L)' AMNTVLELQKLAHD A,C
2 'polypeptide(L)'
;NMLYHRYLKPNSEYYKKIEVRGKDNIYELNDIPDTYAVFLDNESVWKHYHVKGSTLPEQGWKIHVTSSLEDSKDVLDKVA
RLCIDKKIEFKHLKDKDSFMKMNSKNANRASSGKFITIYPTNNEVFVELLEMISLAIQDFKKGPYILNDKRWKNSNVFYR
YGGFKGIFNEHGEHCIRDKEGNLIKDQRNPFYQVPDFVKDFDDYLNTINNSGELENKGESRLGKYKIETALSFSNAGGVY
LATRKKDNLKVIIKEARPSAGLDGAAQDALARQKIEYDALKKLKDVSGVVNLIEYFQEWEHYFLVEEFIEGRDLRQWIAQ
EFPFFEDNNGMSNHIKDVKMILLQLLDLIDSMHNQGVAMGDLQPANIMVTEDLTVRIIDFETAMPVNSDDRPAMLTTGFV
SHEMKVSGARDWFGFKRLVRYLALPVLTSEDLEGYLQYNHLNWIKENYGYEFYSFIVDLQEKCDKRIKDYQTFIPKEINL
NDQTSDFNLTSIINKLIIGVESSLTNDERFINGDIRQFEMNGGKFNFLTGGSGAAFTLTKNKSSIAEVDKWIQSVLLDNL
PLIEEDGLFTGKTGILALLYDKGYKEVVLNELKILKDNINQTDISIRSGLSGIGLFVISLYLETENKEYLKLAKDLERMI
KLNRAKDKQLKVKDWMAVDIGVIDGLSGVSLFYSALYSVTQNQKYLEEAEVLIKEDLESTKKDDVTGVLQTVDNKNRLLP
YLSGGSIGVAISIWFLNHVSGQDLYREEMNSILKLSKTRCTISGGLFDGAGSFLLIPSMVKNDKNREVILNEVLNLLNIF
LIEKNSYYVYPGQFSYRLADDVYTGSSGIILALMGVIKGNPLYWLPLVNSDEFLARTKV
;
B,D
#
# COMPACT_ATOMS: atom_id res chain seq x y z
N ALA A 1 8.67 2.08 20.80
CA ALA A 1 7.85 1.39 19.77
C ALA A 1 8.66 0.24 19.15
N MET A 2 9.73 0.58 18.43
CA MET A 2 10.51 -0.45 17.75
C MET A 2 11.44 -1.14 18.74
N ASN A 3 11.37 -0.73 20.01
CA ASN A 3 12.06 -1.42 21.08
C ASN A 3 11.33 -2.72 21.45
N THR A 4 10.03 -2.80 21.15
CA THR A 4 9.27 -4.02 21.34
C THR A 4 9.31 -4.88 20.08
N VAL A 5 8.89 -4.29 18.95
CA VAL A 5 8.78 -4.97 17.66
C VAL A 5 10.08 -5.72 17.32
N LEU A 6 11.22 -5.11 17.66
CA LEU A 6 12.52 -5.74 17.46
C LEU A 6 12.90 -6.61 18.64
N GLU A 7 12.39 -6.29 19.84
CA GLU A 7 12.70 -7.08 21.02
C GLU A 7 11.97 -8.41 21.00
N LEU A 8 10.95 -8.52 20.13
CA LEU A 8 10.16 -9.73 20.00
C LEU A 8 11.01 -10.83 19.36
N GLN A 9 11.75 -10.43 18.31
CA GLN A 9 12.68 -11.29 17.60
C GLN A 9 13.66 -11.92 18.57
N LYS A 10 13.66 -11.42 19.81
CA LYS A 10 14.65 -11.80 20.80
C LYS A 10 14.09 -12.91 21.68
N LEU A 11 12.79 -13.21 21.54
CA LEU A 11 12.04 -13.86 22.60
C LEU A 11 12.17 -15.38 22.59
N ALA A 12 11.32 -16.01 23.42
CA ALA A 12 11.51 -17.33 23.99
C ALA A 12 11.42 -18.42 22.92
N HIS A 13 11.97 -19.58 23.27
CA HIS A 13 12.05 -20.74 22.39
C HIS A 13 11.87 -22.01 23.22
N ASP A 14 12.72 -23.01 22.99
CA ASP A 14 12.74 -24.24 23.76
C ASP A 14 14.19 -24.70 23.96
N ALA B 1 18.28 39.27 -12.26
CA ALA B 1 18.00 37.80 -12.32
C ALA B 1 16.95 37.44 -11.26
N MET B 2 17.30 37.57 -9.98
CA MET B 2 16.33 37.50 -8.90
C MET B 2 15.22 38.51 -9.14
N ASN B 3 15.29 39.18 -10.29
CA ASN B 3 14.33 40.18 -10.73
C ASN B 3 13.11 39.46 -11.32
N THR B 4 13.38 38.46 -12.18
CA THR B 4 12.41 37.95 -13.14
C THR B 4 11.32 37.13 -12.44
N VAL B 5 11.69 36.59 -11.27
CA VAL B 5 10.84 35.72 -10.47
C VAL B 5 9.49 36.37 -10.22
N LEU B 6 9.50 37.69 -9.93
CA LEU B 6 8.33 38.39 -9.45
C LEU B 6 7.49 38.91 -10.60
N GLU B 7 8.14 39.20 -11.74
CA GLU B 7 7.47 39.81 -12.87
C GLU B 7 6.56 38.80 -13.58
N LEU B 8 6.76 37.51 -13.27
CA LEU B 8 6.00 36.43 -13.88
C LEU B 8 4.54 36.48 -13.44
N GLN B 9 4.19 37.51 -12.66
CA GLN B 9 2.90 37.59 -11.98
C GLN B 9 2.05 38.69 -12.61
N LYS B 10 2.68 39.49 -13.48
CA LYS B 10 1.99 40.41 -14.36
C LYS B 10 1.57 39.65 -15.63
N LEU B 11 1.86 38.34 -15.65
CA LEU B 11 1.59 37.48 -16.77
C LEU B 11 0.13 37.05 -16.73
N ALA B 12 -0.62 37.46 -17.77
CA ALA B 12 -2.05 37.19 -17.89
C ALA B 12 -2.30 35.71 -18.16
N HIS B 13 -3.53 35.27 -17.90
CA HIS B 13 -3.95 33.89 -18.06
C HIS B 13 -4.20 33.57 -19.54
N ASP B 14 -5.48 33.45 -19.92
CA ASP B 14 -5.86 33.12 -21.29
C ASP B 14 -7.13 33.91 -21.64
N ASN C 1 18.28 -29.39 6.08
CA ASN C 1 17.25 -30.41 5.74
C ASN C 1 16.37 -29.88 4.60
N MET C 2 16.11 -28.57 4.63
CA MET C 2 15.42 -27.91 3.53
C MET C 2 16.31 -27.88 2.29
N LEU C 3 17.55 -28.35 2.43
CA LEU C 3 18.53 -28.27 1.35
C LEU C 3 18.16 -29.23 0.23
N TYR C 4 17.33 -30.23 0.56
CA TYR C 4 16.99 -31.29 -0.38
C TYR C 4 16.24 -30.71 -1.59
N HIS C 5 15.48 -29.62 -1.36
CA HIS C 5 14.76 -28.90 -2.40
C HIS C 5 15.73 -28.45 -3.49
N ARG C 6 16.95 -28.11 -3.06
CA ARG C 6 17.96 -27.52 -3.93
C ARG C 6 18.50 -28.56 -4.90
N TYR C 7 18.24 -29.84 -4.62
CA TYR C 7 18.93 -30.90 -5.36
C TYR C 7 17.99 -31.68 -6.28
N LEU C 8 16.78 -31.11 -6.54
CA LEU C 8 15.78 -31.80 -7.33
C LEU C 8 15.86 -31.39 -8.81
N LYS C 9 17.03 -31.53 -9.43
CA LYS C 9 17.11 -31.34 -10.87
C LYS C 9 15.96 -32.12 -11.51
N PRO C 10 15.07 -31.45 -12.28
CA PRO C 10 13.96 -32.15 -12.95
C PRO C 10 14.45 -33.18 -13.95
N ASN C 11 13.77 -34.34 -13.99
CA ASN C 11 14.01 -35.40 -14.97
C ASN C 11 15.25 -36.22 -14.61
N SER C 12 15.59 -36.20 -13.32
CA SER C 12 16.65 -37.06 -12.81
C SER C 12 16.08 -37.88 -11.68
N GLU C 13 16.62 -39.10 -11.52
CA GLU C 13 16.18 -39.98 -10.44
C GLU C 13 17.07 -39.80 -9.22
N TYR C 14 18.10 -38.94 -9.36
CA TYR C 14 19.12 -38.72 -8.35
C TYR C 14 19.10 -37.27 -7.86
N TYR C 15 19.66 -37.03 -6.67
CA TYR C 15 19.89 -35.69 -6.16
C TYR C 15 20.97 -35.02 -7.00
N LYS C 16 20.62 -33.88 -7.62
CA LYS C 16 21.53 -33.19 -8.52
C LYS C 16 21.26 -31.70 -8.46
N LYS C 17 22.34 -30.93 -8.47
CA LYS C 17 22.34 -29.49 -8.27
C LYS C 17 21.45 -28.82 -9.31
N ILE C 18 20.40 -28.14 -8.85
CA ILE C 18 19.58 -27.26 -9.68
C ILE C 18 20.43 -26.07 -10.11
N GLU C 19 20.72 -26.00 -11.41
CA GLU C 19 21.41 -24.83 -11.96
C GLU C 19 20.36 -23.77 -12.27
N VAL C 20 20.79 -22.50 -12.36
CA VAL C 20 19.82 -21.41 -12.50
C VAL C 20 19.50 -21.18 -13.99
N ILE C 26 21.99 -12.67 -12.97
CA ILE C 26 23.26 -11.87 -12.99
C ILE C 26 22.93 -10.39 -12.74
N TYR C 27 23.52 -9.84 -11.66
CA TYR C 27 23.51 -8.40 -11.42
C TYR C 27 24.67 -7.76 -12.18
N GLU C 28 24.35 -7.24 -13.37
CA GLU C 28 25.37 -6.69 -14.27
C GLU C 28 25.86 -5.34 -13.74
N LEU C 29 26.79 -4.75 -14.51
CA LEU C 29 27.41 -3.47 -14.23
C LEU C 29 28.83 -3.48 -14.81
N ASN C 30 29.20 -2.36 -15.46
CA ASN C 30 30.59 -2.09 -15.81
C ASN C 30 30.85 -0.58 -15.78
N ASP C 31 31.70 -0.07 -16.67
CA ASP C 31 32.41 1.19 -16.48
C ASP C 31 33.36 1.05 -15.29
N ILE C 32 34.19 0.00 -15.36
CA ILE C 32 35.00 -0.48 -14.26
C ILE C 32 36.36 0.23 -14.33
N PRO C 33 36.71 1.08 -13.35
CA PRO C 33 38.07 1.63 -13.25
C PRO C 33 39.16 0.59 -12.96
N ASP C 34 40.37 1.08 -12.71
CA ASP C 34 41.60 0.30 -12.63
C ASP C 34 41.86 -0.20 -11.21
N THR C 35 42.70 -1.23 -11.11
CA THR C 35 42.90 -2.07 -9.94
C THR C 35 41.56 -2.32 -9.24
N TYR C 36 40.46 -1.97 -9.92
CA TYR C 36 39.20 -2.63 -9.65
C TYR C 36 39.28 -4.05 -10.20
N ALA C 37 39.77 -4.93 -9.32
CA ALA C 37 39.76 -6.36 -9.56
C ALA C 37 38.39 -6.90 -9.17
N VAL C 38 37.76 -7.57 -10.14
CA VAL C 38 36.43 -8.10 -9.94
C VAL C 38 36.55 -9.62 -9.94
N PHE C 39 36.17 -10.24 -8.81
CA PHE C 39 36.28 -11.68 -8.67
C PHE C 39 35.03 -12.20 -7.96
N LEU C 40 34.86 -13.52 -8.01
CA LEU C 40 33.87 -14.25 -7.21
C LEU C 40 34.55 -14.85 -5.97
N ASP C 41 34.18 -16.09 -5.63
CA ASP C 41 34.82 -16.77 -4.52
C ASP C 41 35.01 -18.24 -4.88
N ASN C 42 35.17 -19.09 -3.85
CA ASN C 42 35.23 -20.54 -4.03
C ASN C 42 33.93 -21.00 -4.70
N GLU C 43 32.81 -20.52 -4.13
CA GLU C 43 31.50 -20.57 -4.77
C GLU C 43 30.49 -19.95 -3.83
N SER C 44 30.71 -18.67 -3.50
CA SER C 44 29.84 -17.95 -2.58
C SER C 44 28.91 -17.01 -3.33
N VAL C 45 28.21 -16.19 -2.55
CA VAL C 45 27.10 -15.38 -3.03
C VAL C 45 27.67 -14.07 -3.52
N TRP C 46 28.87 -13.74 -3.04
CA TRP C 46 29.41 -12.40 -3.08
C TRP C 46 30.22 -12.16 -4.35
N LYS C 47 30.20 -10.91 -4.82
CA LYS C 47 31.07 -10.45 -5.89
C LYS C 47 31.85 -9.26 -5.34
N HIS C 48 33.17 -9.45 -5.19
CA HIS C 48 34.06 -8.48 -4.56
C HIS C 48 34.53 -7.46 -5.60
N TYR C 49 34.35 -6.18 -5.28
CA TYR C 49 34.97 -5.09 -6.03
C TYR C 49 36.13 -4.53 -5.23
N HIS C 50 37.35 -4.84 -5.70
CA HIS C 50 38.58 -4.60 -4.97
C HIS C 50 39.37 -3.45 -5.59
N VAL C 51 40.00 -2.62 -4.74
CA VAL C 51 40.80 -1.49 -5.18
C VAL C 51 42.26 -1.70 -4.76
N LYS C 52 43.20 -1.20 -5.58
CA LYS C 52 44.56 -0.86 -5.18
C LYS C 52 45.22 -2.03 -4.46
N GLY C 53 45.84 -1.73 -3.31
CA GLY C 53 46.26 -2.74 -2.36
C GLY C 53 46.55 -2.10 -1.01
N SER C 54 45.59 -2.21 -0.09
CA SER C 54 45.64 -1.47 1.16
C SER C 54 44.96 -2.24 2.29
N THR C 55 45.72 -2.47 3.37
CA THR C 55 45.22 -3.08 4.59
C THR C 55 43.90 -2.42 4.98
N LEU C 56 42.79 -3.13 4.71
CA LEU C 56 41.52 -2.76 5.30
C LEU C 56 41.44 -3.40 6.69
N PRO C 57 41.13 -2.60 7.73
CA PRO C 57 41.36 -2.98 9.13
C PRO C 57 41.08 -4.41 9.58
N GLU C 58 41.73 -4.78 10.70
CA GLU C 58 41.68 -6.09 11.33
C GLU C 58 40.23 -6.40 11.74
N GLN C 59 39.31 -5.61 11.19
CA GLN C 59 37.93 -5.45 11.59
C GLN C 59 37.61 -3.96 11.52
N GLY C 60 36.32 -3.62 11.43
CA GLY C 60 35.94 -2.23 11.63
C GLY C 60 34.43 -2.02 11.59
N TRP C 61 34.06 -0.74 11.40
CA TRP C 61 32.67 -0.35 11.18
C TRP C 61 32.34 -0.49 9.69
N LYS C 62 31.36 -1.34 9.40
CA LYS C 62 31.00 -1.67 8.02
C LYS C 62 29.56 -1.22 7.78
N ILE C 63 29.25 -0.90 6.52
CA ILE C 63 27.94 -0.46 6.08
C ILE C 63 27.32 -1.56 5.22
N HIS C 64 26.04 -1.86 5.46
CA HIS C 64 25.23 -2.67 4.56
C HIS C 64 24.09 -1.82 4.00
N VAL C 65 23.92 -1.91 2.66
CA VAL C 65 22.75 -1.36 2.00
C VAL C 65 21.76 -2.50 1.77
N THR C 66 20.51 -2.28 2.21
CA THR C 66 19.42 -3.19 1.91
C THR C 66 18.63 -2.66 0.72
N SER C 67 18.11 -3.58 -0.08
CA SER C 67 17.40 -3.25 -1.31
C SER C 67 16.28 -4.26 -1.52
N SER C 68 15.37 -3.96 -2.46
CA SER C 68 14.36 -4.92 -2.87
C SER C 68 14.62 -5.35 -4.31
N LEU C 69 13.97 -6.47 -4.69
CA LEU C 69 14.42 -7.33 -5.76
C LEU C 69 14.57 -6.58 -7.08
N GLU C 70 13.59 -5.74 -7.42
CA GLU C 70 13.55 -5.07 -8.70
C GLU C 70 14.49 -3.86 -8.69
N ASP C 71 14.30 -3.00 -7.68
CA ASP C 71 15.13 -1.81 -7.45
C ASP C 71 16.60 -2.22 -7.57
N SER C 72 16.98 -3.20 -6.75
CA SER C 72 18.27 -3.88 -6.75
C SER C 72 19.17 -3.46 -7.90
N LYS C 73 18.71 -3.62 -9.16
CA LYS C 73 19.53 -3.38 -10.34
C LYS C 73 20.01 -1.92 -10.38
N ASP C 74 19.13 -1.00 -9.96
CA ASP C 74 19.46 0.41 -9.92
C ASP C 74 20.26 0.70 -8.64
N VAL C 75 19.81 0.12 -7.52
CA VAL C 75 20.43 0.34 -6.21
C VAL C 75 21.91 -0.01 -6.27
N LEU C 76 22.28 -1.00 -7.09
CA LEU C 76 23.69 -1.35 -7.25
C LEU C 76 24.41 -0.28 -8.07
N ASP C 77 23.81 0.14 -9.19
CA ASP C 77 24.44 1.10 -10.08
C ASP C 77 24.63 2.44 -9.36
N LYS C 78 23.69 2.77 -8.47
CA LYS C 78 23.70 4.04 -7.76
C LYS C 78 24.76 4.04 -6.67
N VAL C 79 24.85 2.93 -5.92
CA VAL C 79 25.77 2.82 -4.80
C VAL C 79 27.18 2.53 -5.32
N ALA C 80 27.27 1.76 -6.42
CA ALA C 80 28.54 1.36 -6.99
C ALA C 80 29.30 2.59 -7.49
N ARG C 81 28.58 3.60 -7.96
CA ARG C 81 29.22 4.81 -8.47
C ARG C 81 29.64 5.72 -7.33
N LEU C 82 28.76 5.88 -6.32
CA LEU C 82 29.14 6.64 -5.14
C LEU C 82 30.07 5.81 -4.26
N CYS C 83 30.72 4.83 -4.89
CA CYS C 83 31.72 3.98 -4.26
C CYS C 83 32.91 3.86 -5.20
N ILE C 84 32.64 3.95 -6.50
CA ILE C 84 33.67 3.84 -7.51
C ILE C 84 34.34 5.21 -7.64
N ASP C 85 33.51 6.26 -7.59
CA ASP C 85 34.00 7.62 -7.72
C ASP C 85 34.70 8.02 -6.43
N LYS C 86 34.29 7.43 -5.30
CA LYS C 86 34.95 7.70 -4.02
C LYS C 86 35.98 6.61 -3.72
N LYS C 87 36.19 5.72 -4.71
CA LYS C 87 37.22 4.68 -4.69
C LYS C 87 37.15 3.88 -3.39
N ILE C 88 35.96 3.34 -3.09
CA ILE C 88 35.71 2.56 -1.88
C ILE C 88 35.56 1.09 -2.27
N GLU C 89 35.75 0.21 -1.29
CA GLU C 89 35.75 -1.24 -1.49
C GLU C 89 34.43 -1.85 -1.01
N PHE C 90 33.85 -2.72 -1.85
CA PHE C 90 32.52 -3.27 -1.61
C PHE C 90 32.35 -4.60 -2.33
N LYS C 91 31.34 -5.35 -1.84
CA LYS C 91 30.89 -6.61 -2.42
C LYS C 91 29.37 -6.61 -2.51
N HIS C 92 28.83 -7.32 -3.51
CA HIS C 92 27.40 -7.48 -3.65
C HIS C 92 27.05 -8.91 -4.06
N LEU C 93 25.82 -9.32 -3.75
CA LEU C 93 25.31 -10.62 -4.13
C LEU C 93 25.32 -10.73 -5.65
N LYS C 94 25.90 -11.83 -6.14
CA LYS C 94 26.42 -11.88 -7.51
C LYS C 94 25.29 -11.95 -8.53
N ASP C 95 24.15 -12.53 -8.15
CA ASP C 95 23.05 -12.75 -9.08
C ASP C 95 21.71 -12.82 -8.36
N LYS C 96 20.64 -12.98 -9.16
CA LYS C 96 19.26 -13.07 -8.70
C LYS C 96 19.09 -14.26 -7.74
N ASP C 97 19.64 -15.42 -8.10
CA ASP C 97 19.55 -16.62 -7.29
C ASP C 97 20.12 -16.34 -5.90
N SER C 98 21.24 -15.61 -5.86
CA SER C 98 21.91 -15.24 -4.63
C SER C 98 21.01 -14.38 -3.75
N PHE C 99 20.38 -13.36 -4.36
CA PHE C 99 19.50 -12.43 -3.65
C PHE C 99 18.34 -13.20 -3.03
N MET C 100 17.75 -14.12 -3.83
CA MET C 100 16.64 -14.95 -3.40
C MET C 100 17.01 -15.75 -2.16
N LYS C 101 18.20 -16.37 -2.15
CA LYS C 101 18.57 -17.31 -1.10
C LYS C 101 18.87 -16.58 0.20
N MET C 102 19.36 -15.33 0.11
CA MET C 102 19.75 -14.56 1.27
C MET C 102 18.55 -13.84 1.89
N ASN C 103 17.43 -13.78 1.15
CA ASN C 103 16.28 -12.99 1.53
C ASN C 103 15.01 -13.84 1.59
N SER C 104 15.13 -15.12 1.20
CA SER C 104 13.98 -16.02 1.08
C SER C 104 13.31 -16.22 2.44
N LYS C 105 12.13 -16.84 2.41
CA LYS C 105 11.36 -17.11 3.62
C LYS C 105 12.24 -17.78 4.67
N ASN C 106 13.15 -18.65 4.21
CA ASN C 106 13.84 -19.53 5.13
C ASN C 106 15.34 -19.26 5.14
N ALA C 107 15.73 -18.00 4.90
CA ALA C 107 17.10 -17.58 5.09
C ALA C 107 17.35 -17.32 6.57
N ASN C 108 18.61 -17.39 6.99
CA ASN C 108 18.99 -17.11 8.36
C ASN C 108 18.76 -15.62 8.63
N ARG C 109 18.21 -15.32 9.82
CA ARG C 109 17.75 -13.98 10.12
C ARG C 109 18.95 -13.03 10.22
N ALA C 110 20.06 -13.56 10.72
CA ALA C 110 21.22 -12.75 11.05
C ALA C 110 21.93 -12.25 9.79
N SER C 111 21.60 -12.82 8.63
CA SER C 111 22.38 -12.52 7.44
C SER C 111 21.55 -11.87 6.33
N SER C 112 20.23 -11.84 6.51
CA SER C 112 19.31 -11.44 5.44
C SER C 112 19.31 -9.92 5.27
N GLY C 113 18.88 -9.48 4.09
CA GLY C 113 18.79 -8.07 3.78
C GLY C 113 20.11 -7.47 3.31
N LYS C 114 21.21 -8.11 3.66
CA LYS C 114 22.53 -7.60 3.37
C LYS C 114 22.82 -7.75 1.88
N PHE C 115 22.56 -6.69 1.09
CA PHE C 115 22.70 -6.81 -0.36
C PHE C 115 24.09 -6.38 -0.82
N ILE C 116 24.51 -5.18 -0.36
CA ILE C 116 25.83 -4.64 -0.65
C ILE C 116 26.52 -4.39 0.68
N THR C 117 27.78 -4.83 0.78
CA THR C 117 28.59 -4.48 1.94
C THR C 117 29.64 -3.46 1.52
N ILE C 118 29.86 -2.47 2.39
CA ILE C 118 30.75 -1.35 2.13
C ILE C 118 31.78 -1.26 3.26
N TYR C 119 33.05 -1.15 2.84
CA TYR C 119 34.21 -1.13 3.73
C TYR C 119 34.92 0.22 3.60
N PRO C 120 34.61 1.19 4.49
CA PRO C 120 35.27 2.50 4.47
C PRO C 120 36.59 2.43 5.22
N THR C 121 37.62 3.14 4.72
CA THR C 121 38.97 3.12 5.28
C THR C 121 38.95 3.24 6.81
N ASN C 122 38.23 4.24 7.34
CA ASN C 122 37.90 4.31 8.76
C ASN C 122 36.76 5.30 9.06
N ASN C 123 36.59 5.58 10.37
CA ASN C 123 35.39 6.05 11.05
C ASN C 123 34.84 7.35 10.50
N GLU C 124 35.68 8.14 9.82
CA GLU C 124 35.25 9.42 9.29
C GLU C 124 34.48 9.16 8.00
N VAL C 125 35.11 8.42 7.08
CA VAL C 125 34.52 8.03 5.81
C VAL C 125 33.33 7.10 6.06
N PHE C 126 33.30 6.49 7.25
CA PHE C 126 32.15 5.69 7.67
C PHE C 126 30.97 6.61 7.94
N VAL C 127 31.14 7.45 8.99
CA VAL C 127 30.13 8.38 9.45
C VAL C 127 29.93 9.46 8.38
N GLU C 128 30.21 9.11 7.12
CA GLU C 128 30.13 10.05 6.02
C GLU C 128 29.66 9.32 4.76
N LEU C 129 29.91 8.01 4.72
CA LEU C 129 29.27 7.20 3.69
C LEU C 129 27.82 6.94 4.12
N LEU C 130 27.60 6.75 5.42
CA LEU C 130 26.26 6.80 6.01
C LEU C 130 25.48 7.91 5.32
N GLU C 131 26.09 9.10 5.23
CA GLU C 131 25.48 10.28 4.66
C GLU C 131 25.33 10.14 3.15
N MET C 132 26.46 10.02 2.45
CA MET C 132 26.53 10.17 1.00
C MET C 132 25.84 9.01 0.28
N ILE C 133 25.36 8.02 1.04
CA ILE C 133 24.73 6.85 0.43
C ILE C 133 23.22 6.89 0.65
N SER C 134 22.79 7.25 1.87
CA SER C 134 21.38 7.48 2.12
C SER C 134 20.82 8.40 1.04
N LEU C 135 21.63 9.38 0.62
CA LEU C 135 21.22 10.46 -0.26
C LEU C 135 20.96 9.94 -1.68
N ALA C 136 21.88 9.11 -2.20
CA ALA C 136 21.81 8.61 -3.56
C ALA C 136 20.68 7.59 -3.71
N ILE C 137 20.19 7.08 -2.58
CA ILE C 137 19.17 6.05 -2.58
C ILE C 137 17.97 6.49 -1.73
N GLN C 138 17.66 7.80 -1.77
CA GLN C 138 16.52 8.33 -1.04
C GLN C 138 15.21 7.98 -1.75
N ASP C 139 15.28 7.84 -3.08
CA ASP C 139 14.13 7.61 -3.92
C ASP C 139 14.02 6.12 -4.26
N PHE C 140 14.13 5.25 -3.25
CA PHE C 140 14.07 3.82 -3.49
C PHE C 140 13.32 3.09 -2.38
N LYS C 141 12.50 2.13 -2.81
CA LYS C 141 11.52 1.46 -1.97
C LYS C 141 12.24 0.77 -0.82
N LYS C 142 11.72 0.98 0.40
CA LYS C 142 12.35 0.57 1.63
C LYS C 142 12.43 -0.96 1.71
N GLY C 143 13.66 -1.47 1.63
CA GLY C 143 13.94 -2.89 1.51
C GLY C 143 13.95 -3.60 2.87
N PRO C 144 14.29 -4.90 2.90
CA PRO C 144 14.27 -5.68 4.14
C PRO C 144 15.21 -5.15 5.22
N TYR C 145 14.70 -5.08 6.45
CA TYR C 145 15.44 -4.60 7.60
C TYR C 145 16.44 -5.67 8.02
N ILE C 146 17.69 -5.26 8.25
CA ILE C 146 18.76 -6.14 8.71
C ILE C 146 18.69 -6.19 10.24
N LEU C 147 18.51 -7.39 10.79
CA LEU C 147 18.23 -7.55 12.22
C LEU C 147 19.51 -7.57 13.04
N ASN C 148 20.66 -7.76 12.38
CA ASN C 148 21.94 -7.87 13.07
C ASN C 148 22.59 -6.49 13.19
N ASP C 149 22.07 -5.53 12.43
CA ASP C 149 22.66 -4.21 12.30
C ASP C 149 21.76 -3.16 12.95
N LYS C 150 22.30 -1.94 13.07
CA LYS C 150 21.54 -0.75 13.43
C LYS C 150 21.12 -0.04 12.15
N ARG C 151 19.90 0.50 12.16
CA ARG C 151 19.38 1.22 11.02
C ARG C 151 19.85 2.67 11.11
N TRP C 152 20.21 3.25 9.97
CA TRP C 152 20.61 4.65 9.99
C TRP C 152 19.43 5.51 9.58
N LYS C 153 18.95 6.29 10.56
CA LYS C 153 17.84 7.21 10.38
C LYS C 153 16.63 6.47 9.83
N ASN C 154 16.24 6.78 8.59
CA ASN C 154 15.03 6.24 7.99
C ASN C 154 15.38 5.60 6.65
N SER C 155 16.61 5.11 6.53
CA SER C 155 17.11 4.67 5.25
C SER C 155 17.22 3.15 5.16
N ASN C 156 17.62 2.71 3.96
CA ASN C 156 18.00 1.35 3.66
C ASN C 156 19.47 1.12 4.02
N VAL C 157 20.07 2.07 4.74
CA VAL C 157 21.48 1.96 5.07
C VAL C 157 21.62 1.51 6.52
N PHE C 158 22.44 0.46 6.70
CA PHE C 158 22.62 -0.16 8.01
C PHE C 158 24.11 -0.25 8.30
N TYR C 159 24.45 -0.33 9.59
CA TYR C 159 25.85 -0.40 9.98
C TYR C 159 25.98 -1.34 11.18
N ARG C 160 27.19 -1.88 11.32
CA ARG C 160 27.56 -2.81 12.38
C ARG C 160 29.09 -2.83 12.45
N TYR C 161 29.61 -3.19 13.63
CA TYR C 161 31.04 -3.45 13.77
C TYR C 161 31.28 -4.96 13.71
N GLY C 162 32.26 -5.35 12.87
CA GLY C 162 32.59 -6.74 12.62
C GLY C 162 33.78 -6.87 11.67
N GLY C 163 34.09 -8.11 11.27
CA GLY C 163 35.29 -8.42 10.50
C GLY C 163 35.15 -8.05 9.02
N PHE C 164 36.29 -7.76 8.38
CA PHE C 164 36.31 -7.37 6.98
C PHE C 164 36.84 -8.53 6.14
N LYS C 165 37.35 -9.58 6.82
CA LYS C 165 37.87 -10.75 6.15
C LYS C 165 37.77 -11.98 7.05
N GLY C 166 38.91 -12.59 7.42
CA GLY C 166 38.91 -13.87 8.11
C GLY C 166 39.46 -13.77 9.54
N ILE C 167 38.63 -14.21 10.51
CA ILE C 167 38.97 -14.26 11.92
C ILE C 167 38.17 -15.38 12.57
N PHE C 168 38.82 -16.51 12.88
CA PHE C 168 38.17 -17.70 13.41
C PHE C 168 38.88 -18.15 14.68
N ASN C 169 38.11 -18.70 15.63
CA ASN C 169 38.64 -19.15 16.91
C ASN C 169 38.64 -20.67 16.95
N GLU C 170 39.74 -21.26 16.49
CA GLU C 170 39.87 -22.72 16.32
C GLU C 170 38.75 -23.20 15.42
N HIS C 171 37.64 -23.66 16.03
CA HIS C 171 36.44 -24.09 15.34
C HIS C 171 35.28 -23.17 15.70
N GLY C 172 35.57 -22.11 16.48
CA GLY C 172 34.56 -21.29 17.14
C GLY C 172 34.05 -20.15 16.27
N GLU C 173 33.26 -20.49 15.24
CA GLU C 173 32.51 -19.56 14.41
C GLU C 173 33.43 -18.45 13.88
N HIS C 174 32.91 -17.21 13.81
CA HIS C 174 33.67 -16.05 13.40
C HIS C 174 34.09 -15.22 14.62
N CYS C 175 35.06 -14.31 14.40
CA CYS C 175 35.64 -13.51 15.47
C CYS C 175 36.07 -12.13 14.98
N ILE C 176 36.64 -11.33 15.90
CA ILE C 176 37.32 -10.06 15.64
C ILE C 176 38.37 -9.83 16.72
N ARG C 177 39.64 -9.66 16.29
CA ARG C 177 40.77 -9.59 17.23
C ARG C 177 40.57 -8.42 18.19
N ASP C 178 40.51 -8.74 19.49
CA ASP C 178 40.21 -7.80 20.56
C ASP C 178 41.47 -7.00 20.88
N LYS C 179 41.95 -7.15 22.13
CA LYS C 179 43.08 -6.39 22.65
C LYS C 179 43.88 -7.30 23.59
N GLU C 180 43.32 -7.60 24.77
CA GLU C 180 43.91 -8.57 25.70
C GLU C 180 43.65 -9.98 25.19
N GLY C 181 42.37 -10.31 24.98
CA GLY C 181 41.95 -11.59 24.42
C GLY C 181 42.34 -11.72 22.95
N ASN C 182 42.22 -10.60 22.21
CA ASN C 182 42.63 -10.46 20.82
C ASN C 182 41.94 -11.52 19.95
N LEU C 183 40.64 -11.75 20.19
CA LEU C 183 39.89 -12.79 19.48
C LEU C 183 38.43 -12.36 19.28
N ILE C 184 37.72 -12.10 20.37
CA ILE C 184 36.30 -11.74 20.42
C ILE C 184 35.54 -12.32 19.22
N LYS C 185 34.79 -13.40 19.46
CA LYS C 185 33.96 -14.05 18.44
C LYS C 185 32.92 -13.05 17.93
N ASP C 186 32.48 -13.24 16.67
CA ASP C 186 31.59 -12.29 16.01
C ASP C 186 30.14 -12.69 16.25
N GLN C 187 29.38 -11.77 16.85
CA GLN C 187 27.99 -11.98 17.21
C GLN C 187 27.12 -11.70 15.98
N ARG C 188 26.93 -12.72 15.15
CA ARG C 188 25.89 -12.69 14.12
C ARG C 188 24.65 -13.36 14.69
N ASN C 189 23.65 -12.52 14.97
CA ASN C 189 22.48 -12.86 15.75
C ASN C 189 21.30 -12.02 15.26
N PRO C 190 20.03 -12.37 15.61
CA PRO C 190 18.87 -11.62 15.15
C PRO C 190 18.65 -10.27 15.83
N PHE C 191 19.59 -9.88 16.70
CA PHE C 191 19.59 -8.55 17.30
C PHE C 191 20.92 -7.87 17.02
N TYR C 192 21.07 -6.64 17.54
CA TYR C 192 22.26 -5.83 17.35
C TYR C 192 23.14 -5.96 18.60
N GLN C 193 24.29 -6.64 18.46
CA GLN C 193 25.16 -7.00 19.58
C GLN C 193 26.53 -6.39 19.37
N VAL C 194 26.60 -5.08 19.61
CA VAL C 194 27.79 -4.25 19.71
C VAL C 194 28.90 -5.01 20.44
N PRO C 195 30.17 -4.87 20.02
CA PRO C 195 31.32 -5.28 20.85
C PRO C 195 31.32 -4.58 22.21
N ASP C 196 32.52 -4.29 22.75
CA ASP C 196 32.64 -3.49 23.96
C ASP C 196 33.83 -2.54 23.87
N PHE C 197 34.87 -2.95 23.14
CA PHE C 197 36.10 -2.17 23.02
C PHE C 197 35.94 -1.04 22.00
N VAL C 198 34.79 -0.98 21.32
CA VAL C 198 34.49 0.18 20.49
C VAL C 198 33.12 0.74 20.88
N LYS C 199 32.74 0.48 22.14
CA LYS C 199 31.51 0.99 22.75
C LYS C 199 31.49 2.51 22.64
N ASP C 200 32.68 3.12 22.78
CA ASP C 200 32.89 4.56 22.76
C ASP C 200 32.24 5.19 21.54
N PHE C 201 32.57 4.65 20.35
CA PHE C 201 32.16 5.22 19.07
C PHE C 201 30.70 4.90 18.79
N ASP C 202 30.17 3.86 19.47
CA ASP C 202 28.83 3.39 19.25
C ASP C 202 27.84 4.40 19.83
N ASP C 203 28.08 4.82 21.08
CA ASP C 203 27.18 5.75 21.76
C ASP C 203 27.15 7.08 21.00
N TYR C 204 28.30 7.44 20.42
CA TYR C 204 28.39 8.64 19.61
C TYR C 204 27.30 8.62 18.54
N LEU C 205 27.16 7.44 17.90
CA LEU C 205 26.27 7.28 16.77
C LEU C 205 24.82 7.19 17.24
N ASN C 206 24.63 6.93 18.54
CA ASN C 206 23.31 6.73 19.11
C ASN C 206 22.61 8.07 19.34
N THR C 207 23.38 9.16 19.35
CA THR C 207 22.81 10.48 19.56
C THR C 207 22.91 11.30 18.28
N ILE C 208 23.49 10.72 17.23
CA ILE C 208 23.51 11.38 15.93
C ILE C 208 22.55 10.68 14.97
N ASN C 209 21.98 9.54 15.42
CA ASN C 209 20.87 8.88 14.75
C ASN C 209 19.56 9.59 15.13
N ASN C 210 19.33 10.75 14.49
CA ASN C 210 18.47 11.82 14.96
C ASN C 210 18.96 12.35 16.30
N SER C 220 -1.08 1.97 22.86
CA SER C 220 -0.61 0.66 23.41
C SER C 220 -1.29 -0.49 22.67
N ARG C 221 -0.62 -1.00 21.64
CA ARG C 221 -1.24 -1.87 20.65
C ARG C 221 -0.67 -3.29 20.69
N LEU C 222 0.33 -3.53 21.56
CA LEU C 222 0.86 -4.87 21.73
C LEU C 222 1.08 -5.17 23.22
N GLY C 223 0.85 -4.15 24.06
CA GLY C 223 0.50 -4.36 25.46
C GLY C 223 -0.97 -4.75 25.56
N LYS C 224 -1.68 -4.56 24.45
CA LYS C 224 -3.00 -5.07 24.15
C LYS C 224 -3.06 -6.56 24.48
N TYR C 225 -1.98 -7.25 24.11
CA TYR C 225 -1.80 -8.68 24.39
C TYR C 225 -0.54 -8.88 25.22
N LYS C 226 -0.54 -9.90 26.08
CA LYS C 226 0.71 -10.37 26.65
C LYS C 226 1.33 -11.32 25.63
N ILE C 227 2.67 -11.40 25.64
CA ILE C 227 3.39 -12.25 24.70
C ILE C 227 4.45 -13.02 25.47
N GLU C 228 4.17 -14.31 25.73
CA GLU C 228 5.12 -15.17 26.39
C GLU C 228 6.03 -15.80 25.34
N THR C 229 5.75 -17.07 25.02
CA THR C 229 6.63 -17.91 24.25
C THR C 229 6.56 -17.53 22.78
N ALA C 230 7.63 -17.88 22.04
CA ALA C 230 7.57 -17.92 20.59
C ALA C 230 7.46 -19.38 20.13
N LEU C 231 6.54 -19.63 19.19
CA LEU C 231 6.40 -20.94 18.58
C LEU C 231 7.58 -21.16 17.64
N SER C 232 7.52 -20.48 16.48
CA SER C 232 8.59 -20.55 15.50
C SER C 232 9.06 -19.14 15.18
N PHE C 233 10.26 -19.04 14.60
CA PHE C 233 10.76 -17.80 14.00
C PHE C 233 10.52 -17.87 12.49
N SER C 234 11.36 -17.16 11.73
CA SER C 234 11.56 -17.31 10.28
C SER C 234 11.64 -15.95 9.59
N ASN C 235 12.41 -15.88 8.50
CA ASN C 235 12.85 -14.61 7.94
C ASN C 235 11.66 -13.72 7.59
N ALA C 236 10.49 -14.34 7.38
CA ALA C 236 9.25 -13.63 7.11
C ALA C 236 8.78 -12.89 8.36
N GLY C 237 9.16 -13.39 9.54
CA GLY C 237 8.68 -12.85 10.80
C GLY C 237 8.75 -13.87 11.93
N GLY C 238 7.80 -13.80 12.87
CA GLY C 238 7.69 -14.78 13.95
C GLY C 238 6.24 -15.14 14.23
N VAL C 239 6.05 -16.09 15.16
CA VAL C 239 4.75 -16.58 15.60
C VAL C 239 4.82 -16.82 17.11
N TYR C 240 3.85 -16.26 17.84
CA TYR C 240 3.99 -16.10 19.28
C TYR C 240 2.81 -16.74 20.02
N LEU C 241 3.09 -17.13 21.28
CA LEU C 241 2.11 -17.62 22.25
C LEU C 241 1.52 -16.44 23.02
N ALA C 242 0.38 -15.93 22.53
CA ALA C 242 -0.21 -14.70 23.01
C ALA C 242 -1.35 -15.01 23.99
N THR C 243 -1.85 -13.96 24.66
CA THR C 243 -2.95 -14.04 25.61
C THR C 243 -3.58 -12.65 25.75
N ARG C 244 -4.62 -12.39 24.95
CA ARG C 244 -5.30 -11.10 24.92
C ARG C 244 -6.08 -10.92 26.22
N LYS C 245 -5.66 -9.99 27.10
CA LYS C 245 -6.55 -9.64 28.21
C LYS C 245 -7.57 -8.60 27.73
N LYS C 246 -8.71 -8.56 28.43
CA LYS C 246 -10.01 -8.22 27.89
C LYS C 246 -10.69 -9.54 27.55
N ASP C 247 -10.01 -10.66 27.86
CA ASP C 247 -10.46 -12.01 27.59
C ASP C 247 -9.65 -13.01 28.42
N ASN C 248 -8.42 -13.29 27.97
CA ASN C 248 -7.63 -14.48 28.27
C ASN C 248 -7.67 -15.44 27.07
N LEU C 249 -8.15 -14.91 25.94
CA LEU C 249 -8.26 -15.63 24.68
C LEU C 249 -6.86 -15.83 24.10
N LYS C 250 -6.24 -16.99 24.41
CA LYS C 250 -4.95 -17.37 23.82
C LYS C 250 -5.08 -17.37 22.30
N VAL C 251 -4.15 -16.70 21.61
CA VAL C 251 -4.19 -16.56 20.15
C VAL C 251 -2.76 -16.56 19.59
N ILE C 252 -2.67 -16.58 18.25
CA ILE C 252 -1.42 -16.81 17.54
C ILE C 252 -1.18 -15.61 16.63
N ILE C 253 -0.06 -14.90 16.84
CA ILE C 253 0.18 -13.66 16.11
C ILE C 253 1.24 -13.89 15.04
N LYS C 254 0.95 -13.40 13.82
CA LYS C 254 1.78 -13.63 12.64
C LYS C 254 2.41 -12.32 12.17
N GLU C 255 3.69 -12.15 12.55
CA GLU C 255 4.55 -11.03 12.15
C GLU C 255 4.81 -11.09 10.65
N ALA C 256 5.03 -9.92 10.03
CA ALA C 256 5.31 -9.90 8.60
C ALA C 256 6.18 -8.69 8.26
N ARG C 257 7.50 -8.92 8.20
CA ARG C 257 8.47 -7.88 7.90
C ARG C 257 8.47 -7.60 6.40
N PRO C 258 8.17 -6.37 5.93
CA PRO C 258 7.99 -6.11 4.50
C PRO C 258 9.31 -6.16 3.73
N SER C 259 9.24 -6.79 2.55
CA SER C 259 10.36 -6.95 1.64
C SER C 259 11.30 -8.07 2.11
N ALA C 260 10.92 -8.73 3.21
CA ALA C 260 11.68 -9.86 3.76
C ALA C 260 11.30 -11.16 3.05
N GLY C 261 11.14 -12.23 3.84
CA GLY C 261 10.97 -13.60 3.40
C GLY C 261 10.41 -13.77 1.98
N LEU C 262 11.26 -13.58 0.96
CA LEU C 262 10.86 -13.77 -0.42
C LEU C 262 10.59 -15.25 -0.69
N ASP C 263 9.64 -15.52 -1.59
CA ASP C 263 9.39 -16.85 -2.10
C ASP C 263 9.79 -16.89 -3.57
N GLY C 264 9.38 -17.96 -4.27
CA GLY C 264 9.83 -18.21 -5.63
C GLY C 264 9.05 -17.43 -6.68
N ALA C 265 8.10 -16.59 -6.24
CA ALA C 265 7.19 -15.91 -7.16
C ALA C 265 7.45 -14.40 -7.19
N ALA C 266 8.41 -13.94 -6.38
CA ALA C 266 8.76 -12.54 -6.23
C ALA C 266 7.88 -11.88 -5.16
N GLN C 267 7.22 -12.73 -4.37
CA GLN C 267 6.28 -12.28 -3.37
C GLN C 267 7.00 -12.20 -2.02
N ASP C 268 6.77 -11.09 -1.32
CA ASP C 268 7.40 -10.81 -0.04
C ASP C 268 6.48 -11.24 1.10
N ALA C 269 6.88 -10.97 2.35
CA ALA C 269 6.11 -11.39 3.51
C ALA C 269 4.95 -10.42 3.76
N LEU C 270 4.76 -9.47 2.83
CA LEU C 270 3.59 -8.60 2.85
C LEU C 270 2.48 -9.29 2.07
N ALA C 271 2.77 -9.64 0.82
CA ALA C 271 1.84 -10.38 -0.02
C ALA C 271 1.17 -11.50 0.79
N ARG C 272 1.97 -12.39 1.38
CA ARG C 272 1.43 -13.59 2.01
C ARG C 272 0.81 -13.27 3.37
N GLN C 273 0.38 -12.02 3.55
CA GLN C 273 -0.43 -11.67 4.72
C GLN C 273 -1.71 -11.00 4.24
N LYS C 274 -1.63 -10.33 3.08
CA LYS C 274 -2.76 -9.78 2.35
C LYS C 274 -3.21 -10.71 1.20
N ILE C 275 -2.62 -11.92 1.14
CA ILE C 275 -3.15 -13.04 0.37
C ILE C 275 -3.67 -14.10 1.34
N GLU C 276 -3.00 -14.23 2.50
CA GLU C 276 -3.66 -14.80 3.67
C GLU C 276 -4.61 -13.77 4.27
N TYR C 277 -5.13 -12.88 3.43
CA TYR C 277 -6.18 -11.94 3.81
C TYR C 277 -7.31 -12.02 2.79
N ASP C 278 -6.99 -11.72 1.52
CA ASP C 278 -7.95 -11.79 0.42
C ASP C 278 -8.63 -13.15 0.40
N ALA C 279 -7.91 -14.18 0.87
CA ALA C 279 -8.35 -15.56 0.75
C ALA C 279 -8.55 -16.17 2.13
N LEU C 280 -8.37 -15.39 3.20
CA LEU C 280 -8.83 -15.78 4.52
C LEU C 280 -10.24 -15.23 4.71
N LYS C 281 -10.55 -14.18 3.93
CA LYS C 281 -11.78 -13.41 3.94
C LYS C 281 -12.91 -14.24 3.35
N LYS C 282 -12.66 -14.75 2.14
CA LYS C 282 -13.64 -15.53 1.40
C LYS C 282 -13.95 -16.81 2.16
N LEU C 283 -12.99 -17.23 3.00
CA LEU C 283 -13.11 -18.51 3.70
C LEU C 283 -13.36 -18.28 5.19
N LYS C 284 -14.10 -17.21 5.48
CA LYS C 284 -14.51 -16.96 6.86
C LYS C 284 -15.71 -17.86 7.19
N ASP C 285 -16.39 -18.30 6.13
CA ASP C 285 -17.71 -18.94 6.20
C ASP C 285 -17.61 -20.46 6.32
N VAL C 286 -16.56 -20.98 6.97
CA VAL C 286 -16.29 -22.41 7.10
C VAL C 286 -15.53 -22.62 8.41
N SER C 287 -16.07 -23.44 9.31
CA SER C 287 -15.61 -23.50 10.70
C SER C 287 -14.57 -24.59 10.90
N GLY C 288 -14.17 -25.24 9.80
CA GLY C 288 -12.94 -26.02 9.80
C GLY C 288 -11.75 -25.08 9.67
N VAL C 289 -11.82 -24.23 8.62
CA VAL C 289 -10.83 -23.21 8.28
C VAL C 289 -10.61 -22.30 9.48
N VAL C 290 -9.49 -21.57 9.44
CA VAL C 290 -9.13 -20.61 10.47
C VAL C 290 -9.77 -19.26 10.14
N ASN C 291 -10.13 -18.52 11.19
CA ASN C 291 -10.64 -17.17 11.08
C ASN C 291 -9.67 -16.22 11.80
N LEU C 292 -9.63 -14.96 11.34
CA LEU C 292 -8.71 -13.96 11.85
C LEU C 292 -9.31 -13.19 13.02
N ILE C 293 -8.46 -12.44 13.74
CA ILE C 293 -8.90 -11.51 14.77
C ILE C 293 -9.02 -10.11 14.16
N GLU C 294 -7.93 -9.62 13.54
CA GLU C 294 -7.90 -8.26 13.00
C GLU C 294 -7.00 -8.19 11.77
N TYR C 295 -5.84 -7.53 11.92
CA TYR C 295 -4.94 -7.07 10.87
C TYR C 295 -4.73 -5.58 11.10
N PHE C 296 -3.51 -5.11 10.83
CA PHE C 296 -3.09 -3.75 11.11
C PHE C 296 -1.62 -3.57 10.75
N GLN C 297 -1.23 -2.31 10.49
CA GLN C 297 0.14 -1.97 10.18
C GLN C 297 0.88 -1.43 11.40
N GLU C 298 0.95 -2.19 12.50
CA GLU C 298 1.63 -1.71 13.68
C GLU C 298 3.14 -1.69 13.43
N TRP C 299 3.78 -0.58 13.84
CA TRP C 299 5.14 -0.20 13.48
C TRP C 299 5.31 -0.10 11.96
N GLU C 300 6.41 -0.68 11.46
CA GLU C 300 6.68 -0.81 10.04
C GLU C 300 6.26 -2.21 9.58
N HIS C 301 6.03 -3.09 10.57
CA HIS C 301 5.68 -4.49 10.37
C HIS C 301 4.19 -4.65 10.05
N TYR C 302 3.62 -5.77 10.54
CA TYR C 302 2.23 -6.16 10.42
C TYR C 302 1.96 -7.30 11.37
N PHE C 303 0.79 -7.30 12.01
CA PHE C 303 0.38 -8.40 12.86
C PHE C 303 -1.05 -8.80 12.53
N LEU C 304 -1.20 -9.89 11.77
CA LEU C 304 -2.49 -10.50 11.52
C LEU C 304 -2.74 -11.57 12.58
N VAL C 305 -3.50 -11.20 13.61
CA VAL C 305 -3.76 -12.08 14.74
C VAL C 305 -4.67 -13.20 14.27
N GLU C 306 -4.36 -14.42 14.71
CA GLU C 306 -5.03 -15.62 14.21
C GLU C 306 -5.81 -16.27 15.35
N GLU C 307 -6.96 -16.85 14.99
CA GLU C 307 -7.79 -17.65 15.87
C GLU C 307 -6.96 -18.86 16.34
N PHE C 308 -6.75 -18.97 17.66
CA PHE C 308 -5.92 -20.04 18.17
C PHE C 308 -6.72 -21.34 18.19
N ILE C 309 -6.02 -22.45 17.92
CA ILE C 309 -6.60 -23.78 17.85
C ILE C 309 -5.69 -24.74 18.62
N GLU C 310 -6.14 -25.19 19.79
CA GLU C 310 -5.43 -26.19 20.56
C GLU C 310 -5.41 -27.50 19.78
N GLY C 311 -4.44 -28.36 20.12
CA GLY C 311 -4.35 -29.70 19.56
C GLY C 311 -2.91 -30.12 19.26
N ARG C 312 -2.71 -30.70 18.08
CA ARG C 312 -1.42 -31.06 17.51
C ARG C 312 -1.56 -31.03 15.99
N ASP C 313 -0.46 -30.74 15.27
CA ASP C 313 -0.46 -30.92 13.83
C ASP C 313 -0.40 -32.43 13.54
N LEU C 314 -0.82 -32.81 12.32
CA LEU C 314 -0.98 -34.21 11.98
C LEU C 314 0.34 -34.94 12.20
N ARG C 315 1.44 -34.31 11.79
CA ARG C 315 2.79 -34.85 11.88
C ARG C 315 3.07 -35.25 13.34
N GLN C 316 2.69 -34.37 14.26
CA GLN C 316 2.93 -34.55 15.69
C GLN C 316 2.05 -35.67 16.22
N TRP C 317 0.84 -35.79 15.65
CA TRP C 317 -0.11 -36.83 16.01
C TRP C 317 0.41 -38.19 15.54
N ILE C 318 0.80 -38.27 14.26
CA ILE C 318 1.44 -39.43 13.67
C ILE C 318 2.60 -39.87 14.57
N ALA C 319 3.47 -38.92 14.90
CA ALA C 319 4.67 -39.20 15.68
C ALA C 319 4.32 -39.87 17.00
N GLN C 320 3.22 -39.43 17.65
CA GLN C 320 2.96 -39.88 19.00
C GLN C 320 1.88 -40.94 19.06
N GLU C 321 1.04 -41.02 18.02
CA GLU C 321 -0.17 -41.84 18.12
C GLU C 321 -0.18 -43.00 17.13
N PHE C 322 0.31 -42.78 15.91
CA PHE C 322 0.46 -43.86 14.94
C PHE C 322 1.24 -45.00 15.60
N PRO C 323 0.79 -46.27 15.50
CA PRO C 323 1.49 -47.38 16.14
C PRO C 323 2.67 -47.88 15.31
N PHE C 324 3.82 -47.99 15.97
CA PHE C 324 5.06 -48.42 15.34
C PHE C 324 5.42 -49.82 15.83
N PHE C 325 5.13 -50.11 17.10
CA PHE C 325 5.44 -51.41 17.67
C PHE C 325 4.41 -52.45 17.22
N GLU C 326 4.93 -53.59 16.73
CA GLU C 326 4.10 -54.71 16.28
C GLU C 326 3.38 -55.30 17.48
N ASP C 327 2.15 -54.81 17.71
CA ASP C 327 1.45 -54.95 18.98
C ASP C 327 0.34 -55.99 18.88
N ASN C 328 0.26 -56.65 17.71
CA ASN C 328 -0.58 -57.83 17.51
C ASN C 328 -2.03 -57.50 17.84
N ASN C 329 -2.74 -56.96 16.83
CA ASN C 329 -4.15 -56.60 16.91
C ASN C 329 -4.29 -55.21 17.49
N GLY C 330 -4.70 -54.24 16.65
CA GLY C 330 -5.05 -52.92 17.14
C GLY C 330 -4.64 -51.81 16.16
N MET C 331 -4.53 -52.16 14.87
CA MET C 331 -4.29 -51.18 13.83
C MET C 331 -5.62 -50.57 13.38
N SER C 332 -6.72 -51.28 13.69
CA SER C 332 -8.06 -50.83 13.43
C SER C 332 -8.35 -49.54 14.22
N ASN C 333 -7.81 -49.47 15.44
CA ASN C 333 -7.82 -48.27 16.25
C ASN C 333 -7.44 -47.08 15.38
N HIS C 334 -6.28 -47.20 14.69
CA HIS C 334 -5.75 -46.15 13.87
C HIS C 334 -6.57 -45.99 12.59
N ILE C 335 -7.30 -47.06 12.22
CA ILE C 335 -8.06 -47.08 10.98
C ILE C 335 -9.21 -46.08 11.08
N LYS C 336 -9.98 -46.17 12.18
CA LYS C 336 -11.15 -45.33 12.37
C LYS C 336 -10.71 -43.89 12.45
N ASP C 337 -9.53 -43.66 13.02
CA ASP C 337 -8.96 -42.33 13.16
C ASP C 337 -8.66 -41.76 11.77
N VAL C 338 -7.95 -42.54 10.95
CA VAL C 338 -7.73 -42.11 9.58
C VAL C 338 -9.08 -41.93 8.88
N LYS C 339 -10.13 -42.54 9.46
CA LYS C 339 -11.48 -42.45 8.92
C LYS C 339 -12.17 -41.17 9.38
N MET C 340 -12.25 -40.97 10.69
CA MET C 340 -12.72 -39.73 11.29
C MET C 340 -12.15 -38.53 10.53
N ILE C 341 -10.81 -38.48 10.39
CA ILE C 341 -10.08 -37.32 9.91
C ILE C 341 -10.32 -37.12 8.41
N LEU C 342 -9.92 -38.10 7.60
CA LEU C 342 -9.76 -37.91 6.17
C LEU C 342 -11.11 -37.66 5.51
N LEU C 343 -12.18 -38.23 6.09
CA LEU C 343 -13.55 -38.09 5.62
C LEU C 343 -13.95 -36.63 5.62
N GLN C 344 -13.76 -35.98 6.77
CA GLN C 344 -14.02 -34.56 6.92
C GLN C 344 -13.24 -33.81 5.85
N LEU C 345 -11.91 -33.77 6.03
CA LEU C 345 -10.98 -33.05 5.17
C LEU C 345 -11.44 -33.09 3.72
N LEU C 346 -12.09 -34.19 3.32
CA LEU C 346 -12.52 -34.43 1.95
C LEU C 346 -13.66 -33.48 1.58
N ASP C 347 -14.55 -33.18 2.55
CA ASP C 347 -15.62 -32.21 2.37
C ASP C 347 -15.12 -30.80 2.71
N LEU C 348 -14.22 -30.70 3.70
CA LEU C 348 -13.63 -29.43 4.08
C LEU C 348 -12.95 -28.79 2.86
N ILE C 349 -12.46 -29.62 1.94
CA ILE C 349 -11.86 -29.12 0.72
C ILE C 349 -12.95 -28.83 -0.30
N ASP C 350 -14.07 -29.55 -0.19
CA ASP C 350 -15.25 -29.32 -1.01
C ASP C 350 -15.86 -27.97 -0.63
N SER C 351 -16.05 -27.73 0.68
CA SER C 351 -16.49 -26.46 1.22
C SER C 351 -15.74 -25.30 0.56
N MET C 352 -14.41 -25.31 0.73
CA MET C 352 -13.48 -24.27 0.31
C MET C 352 -13.67 -23.93 -1.17
N HIS C 353 -13.97 -24.94 -1.99
CA HIS C 353 -13.91 -24.82 -3.43
C HIS C 353 -15.11 -24.08 -4.00
N ASN C 354 -16.13 -23.80 -3.17
CA ASN C 354 -17.28 -23.03 -3.59
C ASN C 354 -17.07 -21.54 -3.29
N GLN C 355 -15.86 -21.20 -2.78
CA GLN C 355 -15.46 -19.81 -2.60
C GLN C 355 -14.59 -19.40 -3.79
N GLY C 356 -14.10 -20.39 -4.54
CA GLY C 356 -13.26 -20.18 -5.72
C GLY C 356 -11.76 -20.14 -5.39
N VAL C 357 -11.41 -20.59 -4.18
CA VAL C 357 -10.09 -20.37 -3.61
C VAL C 357 -9.43 -21.69 -3.20
N ALA C 358 -8.15 -21.84 -3.58
CA ALA C 358 -7.37 -23.06 -3.39
C ALA C 358 -6.51 -22.96 -2.13
N MET C 359 -6.48 -24.05 -1.36
CA MET C 359 -5.78 -24.18 -0.09
C MET C 359 -4.26 -24.10 -0.26
N GLY C 360 -3.77 -24.36 -1.47
CA GLY C 360 -2.43 -23.95 -1.90
C GLY C 360 -1.32 -24.95 -1.55
N ASP C 361 -1.33 -25.45 -0.30
CA ASP C 361 -0.25 -26.27 0.22
C ASP C 361 -0.80 -27.22 1.28
N LEU C 362 -1.30 -28.37 0.82
CA LEU C 362 -2.00 -29.33 1.67
C LEU C 362 -1.04 -30.44 2.10
N GLN C 363 -0.75 -30.51 3.41
CA GLN C 363 0.14 -31.53 3.95
C GLN C 363 -0.01 -31.62 5.47
N PRO C 364 0.51 -32.69 6.13
CA PRO C 364 0.29 -32.92 7.56
C PRO C 364 0.77 -31.85 8.54
N ALA C 365 1.44 -30.81 8.03
CA ALA C 365 1.91 -29.71 8.86
C ALA C 365 0.78 -28.70 9.07
N ASN C 366 0.04 -28.45 7.99
CA ASN C 366 -0.98 -27.43 7.88
C ASN C 366 -2.37 -28.00 8.16
N ILE C 367 -2.44 -29.08 8.94
CA ILE C 367 -3.71 -29.64 9.40
C ILE C 367 -3.54 -30.07 10.84
N MET C 368 -4.55 -29.79 11.68
CA MET C 368 -4.43 -30.00 13.12
C MET C 368 -5.50 -30.99 13.59
N VAL C 369 -5.32 -31.50 14.81
CA VAL C 369 -6.13 -32.60 15.34
C VAL C 369 -6.10 -32.55 16.87
N THR C 370 -7.29 -32.37 17.45
CA THR C 370 -7.47 -32.13 18.87
C THR C 370 -7.40 -33.46 19.62
N GLU C 371 -7.98 -33.48 20.84
CA GLU C 371 -8.11 -34.71 21.60
C GLU C 371 -9.49 -35.34 21.41
N ASP C 372 -10.06 -35.16 20.21
CA ASP C 372 -11.36 -35.69 19.84
C ASP C 372 -11.46 -35.66 18.31
N LEU C 373 -10.31 -35.46 17.67
CA LEU C 373 -10.12 -35.64 16.23
C LEU C 373 -10.92 -34.58 15.47
N THR C 374 -10.76 -33.32 15.87
CA THR C 374 -11.33 -32.21 15.11
C THR C 374 -10.26 -31.63 14.20
N VAL C 375 -10.62 -31.42 12.92
CA VAL C 375 -9.70 -31.12 11.84
C VAL C 375 -9.89 -29.68 11.36
N ARG C 376 -8.77 -28.94 11.22
CA ARG C 376 -8.81 -27.57 10.71
C ARG C 376 -7.53 -27.22 9.95
N ILE C 377 -7.71 -26.45 8.87
CA ILE C 377 -6.63 -26.07 7.97
C ILE C 377 -6.14 -24.65 8.30
N ILE C 378 -4.89 -24.56 8.78
CA ILE C 378 -4.26 -23.29 9.14
C ILE C 378 -3.38 -22.84 7.97
N ASP C 379 -2.71 -21.68 8.13
CA ASP C 379 -1.66 -21.21 7.24
C ASP C 379 -2.21 -21.04 5.82
N PHE C 380 -2.28 -19.80 5.32
CA PHE C 380 -2.85 -19.55 4.00
C PHE C 380 -1.98 -18.63 3.14
N GLU C 381 -0.66 -18.83 3.19
CA GLU C 381 0.27 -18.02 2.41
C GLU C 381 0.19 -18.37 0.92
N THR C 382 -0.49 -19.49 0.61
CA THR C 382 -0.37 -20.09 -0.71
C THR C 382 -1.69 -19.99 -1.46
N ALA C 383 -2.74 -19.57 -0.75
CA ALA C 383 -4.11 -19.56 -1.26
C ALA C 383 -4.14 -18.86 -2.61
N MET C 384 -4.82 -19.49 -3.58
CA MET C 384 -4.82 -19.01 -4.97
C MET C 384 -6.24 -19.04 -5.54
N PRO C 385 -6.46 -18.59 -6.80
CA PRO C 385 -7.73 -18.82 -7.49
C PRO C 385 -7.76 -20.14 -8.26
N VAL C 386 -8.72 -21.01 -7.88
CA VAL C 386 -8.97 -22.25 -8.60
C VAL C 386 -9.20 -21.90 -10.07
N ASN C 387 -8.63 -22.72 -10.96
CA ASN C 387 -8.77 -22.57 -12.40
C ASN C 387 -7.56 -21.79 -12.96
N SER C 388 -6.93 -20.98 -12.10
CA SER C 388 -5.75 -20.21 -12.45
C SER C 388 -4.52 -21.12 -12.39
N ASP C 389 -3.65 -20.99 -13.40
CA ASP C 389 -2.33 -21.61 -13.32
C ASP C 389 -1.19 -20.58 -13.33
N ASP C 390 -1.06 -19.87 -12.20
CA ASP C 390 0.22 -19.29 -11.80
C ASP C 390 0.99 -20.35 -11.01
N ARG C 391 2.29 -20.49 -11.28
CA ARG C 391 3.11 -21.47 -10.57
C ARG C 391 2.98 -21.20 -9.07
N PRO C 392 2.65 -22.21 -8.24
CA PRO C 392 2.42 -22.01 -6.81
C PRO C 392 3.65 -21.49 -6.05
N ALA C 393 3.42 -21.02 -4.82
CA ALA C 393 4.42 -20.31 -4.05
C ALA C 393 5.47 -21.27 -3.51
N MET C 394 5.17 -21.96 -2.40
CA MET C 394 6.05 -23.00 -1.90
C MET C 394 5.45 -24.37 -2.23
N LEU C 395 6.24 -25.20 -2.94
CA LEU C 395 5.88 -26.58 -3.23
C LEU C 395 6.34 -27.48 -2.10
N THR C 396 5.43 -28.33 -1.59
CA THR C 396 5.84 -29.31 -0.60
C THR C 396 5.98 -30.68 -1.25
N THR C 397 7.16 -30.88 -1.85
CA THR C 397 7.63 -32.17 -2.34
C THR C 397 7.16 -33.27 -1.41
N GLY C 398 6.68 -34.37 -2.00
CA GLY C 398 6.18 -35.47 -1.20
C GLY C 398 4.65 -35.46 -1.14
N PHE C 399 4.05 -34.33 -1.53
CA PHE C 399 2.60 -34.20 -1.59
C PHE C 399 2.18 -33.36 -2.79
N VAL C 400 3.07 -33.24 -3.79
CA VAL C 400 2.76 -32.49 -5.00
C VAL C 400 3.37 -33.20 -6.20
N SER C 401 3.01 -32.77 -7.42
CA SER C 401 3.64 -33.28 -8.63
C SER C 401 3.66 -32.21 -9.71
N HIS C 402 4.79 -32.15 -10.43
CA HIS C 402 5.04 -31.10 -11.40
C HIS C 402 4.46 -31.48 -12.76
N GLU C 403 3.31 -32.14 -12.76
CA GLU C 403 2.54 -32.30 -13.99
C GLU C 403 1.09 -31.83 -13.80
N MET C 404 0.74 -31.45 -12.57
CA MET C 404 -0.49 -30.71 -12.34
C MET C 404 -0.29 -29.26 -12.80
N LYS C 405 -1.19 -28.79 -13.67
CA LYS C 405 -1.02 -27.48 -14.26
C LYS C 405 -1.94 -26.46 -13.59
N VAL C 406 -3.12 -26.92 -13.14
CA VAL C 406 -4.16 -26.01 -12.70
C VAL C 406 -4.21 -25.99 -11.17
N SER C 407 -4.48 -24.80 -10.62
CA SER C 407 -4.51 -24.59 -9.18
C SER C 407 -5.25 -25.71 -8.47
N GLY C 408 -6.56 -25.77 -8.68
CA GLY C 408 -7.45 -26.65 -7.93
C GLY C 408 -6.96 -28.10 -7.88
N ALA C 409 -6.51 -28.61 -9.03
CA ALA C 409 -6.00 -29.96 -9.18
C ALA C 409 -4.98 -30.26 -8.09
N ARG C 410 -3.99 -29.35 -7.95
CA ARG C 410 -2.86 -29.45 -7.04
C ARG C 410 -3.33 -29.62 -5.59
N ASP C 411 -4.40 -28.91 -5.22
CA ASP C 411 -4.94 -28.97 -3.88
C ASP C 411 -5.43 -30.38 -3.58
N TRP C 412 -6.07 -31.01 -4.58
CA TRP C 412 -6.64 -32.33 -4.41
C TRP C 412 -5.56 -33.40 -4.45
N PHE C 413 -4.55 -33.22 -5.29
CA PHE C 413 -3.45 -34.16 -5.37
C PHE C 413 -2.74 -34.24 -4.01
N GLY C 414 -2.62 -33.09 -3.32
CA GLY C 414 -2.06 -33.07 -1.99
C GLY C 414 -2.79 -34.04 -1.07
N PHE C 415 -4.12 -33.97 -1.11
CA PHE C 415 -5.00 -34.84 -0.34
C PHE C 415 -4.79 -36.31 -0.73
N LYS C 416 -4.73 -36.56 -2.04
CA LYS C 416 -4.50 -37.89 -2.59
C LYS C 416 -3.30 -38.54 -1.90
N ARG C 417 -2.11 -37.94 -2.10
CA ARG C 417 -0.88 -38.44 -1.52
C ARG C 417 -1.00 -38.54 0.01
N LEU C 418 -1.69 -37.57 0.62
CA LEU C 418 -1.86 -37.48 2.06
C LEU C 418 -2.77 -38.60 2.57
N VAL C 419 -3.66 -39.09 1.69
CA VAL C 419 -4.58 -40.18 2.03
C VAL C 419 -3.76 -41.38 2.49
N ARG C 420 -2.85 -41.81 1.62
CA ARG C 420 -2.00 -42.96 1.92
C ARG C 420 -1.07 -42.64 3.07
N TYR C 421 -0.54 -41.40 3.10
CA TYR C 421 0.43 -41.00 4.10
C TYR C 421 -0.04 -41.33 5.53
N LEU C 422 -1.33 -41.12 5.81
CA LEU C 422 -1.78 -41.32 7.17
C LEU C 422 -1.86 -42.80 7.48
N ALA C 423 -2.00 -43.62 6.43
CA ALA C 423 -2.06 -45.07 6.57
C ALA C 423 -0.66 -45.65 6.72
N LEU C 424 0.26 -45.24 5.84
CA LEU C 424 1.68 -45.54 5.99
C LEU C 424 2.48 -44.25 5.87
N PRO C 425 3.04 -43.72 6.99
CA PRO C 425 3.74 -42.44 7.00
C PRO C 425 5.20 -42.63 6.57
N VAL C 426 5.38 -42.60 5.24
CA VAL C 426 6.68 -42.71 4.61
C VAL C 426 6.66 -41.70 3.47
N LEU C 427 7.52 -40.68 3.58
CA LEU C 427 7.55 -39.64 2.56
C LEU C 427 7.97 -40.26 1.24
N THR C 428 7.60 -39.60 0.15
CA THR C 428 8.02 -39.97 -1.19
C THR C 428 7.92 -38.72 -2.04
N SER C 429 8.62 -38.69 -3.17
CA SER C 429 8.48 -37.61 -4.13
C SER C 429 7.97 -38.15 -5.47
N GLU C 430 7.38 -37.28 -6.28
CA GLU C 430 6.78 -37.63 -7.56
C GLU C 430 7.83 -38.20 -8.51
N ASP C 431 9.06 -38.37 -8.02
CA ASP C 431 10.12 -38.94 -8.84
C ASP C 431 10.23 -40.45 -8.61
N LEU C 432 9.82 -40.89 -7.41
CA LEU C 432 10.02 -42.25 -6.97
C LEU C 432 8.67 -42.92 -6.66
N GLU C 433 7.64 -42.08 -6.51
CA GLU C 433 6.29 -42.50 -6.15
C GLU C 433 5.76 -43.51 -7.16
N GLY C 434 6.15 -43.33 -8.43
CA GLY C 434 5.89 -44.31 -9.48
C GLY C 434 6.19 -45.73 -9.01
N TYR C 435 7.36 -45.92 -8.40
CA TYR C 435 7.81 -47.25 -8.01
C TYR C 435 7.24 -47.64 -6.66
N LEU C 436 7.17 -46.67 -5.74
CA LEU C 436 6.93 -47.00 -4.34
C LEU C 436 5.43 -47.08 -4.02
N GLN C 437 4.59 -46.54 -4.90
CA GLN C 437 3.15 -46.69 -4.72
C GLN C 437 2.84 -48.16 -4.53
N TYR C 438 3.40 -48.98 -5.44
CA TYR C 438 3.31 -50.41 -5.37
C TYR C 438 3.68 -50.87 -3.97
N ASN C 439 4.83 -50.39 -3.49
CA ASN C 439 5.36 -50.84 -2.21
C ASN C 439 4.39 -50.54 -1.08
N HIS C 440 3.85 -49.31 -1.02
CA HIS C 440 3.08 -48.90 0.14
C HIS C 440 1.67 -49.50 0.12
N LEU C 441 1.07 -49.56 -1.08
CA LEU C 441 -0.27 -50.11 -1.18
C LEU C 441 -0.25 -51.57 -0.71
N ASN C 442 0.73 -52.34 -1.21
CA ASN C 442 0.89 -53.73 -0.83
C ASN C 442 1.14 -53.83 0.67
N TRP C 443 1.90 -52.89 1.23
CA TRP C 443 2.16 -52.88 2.67
C TRP C 443 0.84 -52.69 3.42
N ILE C 444 0.01 -51.77 2.94
CA ILE C 444 -1.24 -51.39 3.60
C ILE C 444 -2.19 -52.60 3.57
N LYS C 445 -2.39 -53.15 2.36
CA LYS C 445 -3.19 -54.34 2.14
C LYS C 445 -2.78 -55.43 3.14
N GLU C 446 -1.47 -55.53 3.40
CA GLU C 446 -0.91 -56.61 4.19
C GLU C 446 -1.12 -56.40 5.68
N ASN C 447 -1.26 -55.15 6.12
CA ASN C 447 -1.20 -54.88 7.56
C ASN C 447 -2.54 -54.38 8.07
N TYR C 448 -3.38 -53.90 7.17
CA TYR C 448 -4.67 -53.33 7.54
C TYR C 448 -5.81 -54.24 7.12
N GLY C 449 -5.66 -54.89 5.96
CA GLY C 449 -6.70 -55.69 5.34
C GLY C 449 -7.13 -55.09 3.99
N TYR C 450 -7.93 -55.84 3.23
CA TYR C 450 -8.44 -55.35 1.97
C TYR C 450 -9.41 -54.19 2.20
N GLU C 451 -10.05 -54.16 3.38
CA GLU C 451 -10.99 -53.14 3.79
C GLU C 451 -10.35 -51.75 3.66
N PHE C 452 -9.29 -51.52 4.44
CA PHE C 452 -8.63 -50.23 4.50
C PHE C 452 -7.98 -49.92 3.15
N TYR C 453 -7.42 -50.96 2.51
CA TYR C 453 -6.85 -50.75 1.20
C TYR C 453 -7.88 -50.13 0.26
N SER C 454 -9.13 -50.64 0.29
CA SER C 454 -10.18 -50.24 -0.63
C SER C 454 -10.61 -48.80 -0.39
N PHE C 455 -10.85 -48.45 0.88
CA PHE C 455 -11.07 -47.09 1.34
C PHE C 455 -10.09 -46.14 0.64
N ILE C 456 -8.78 -46.48 0.76
CA ILE C 456 -7.71 -45.65 0.24
C ILE C 456 -7.87 -45.50 -1.28
N VAL C 457 -7.99 -46.64 -1.99
CA VAL C 457 -7.96 -46.64 -3.46
C VAL C 457 -8.99 -45.65 -4.00
N ASP C 458 -10.20 -45.68 -3.42
CA ASP C 458 -11.37 -44.96 -3.90
C ASP C 458 -11.21 -43.47 -3.63
N LEU C 459 -10.92 -43.16 -2.36
CA LEU C 459 -10.65 -41.80 -1.90
C LEU C 459 -9.62 -41.16 -2.83
N GLN C 460 -8.75 -42.00 -3.40
CA GLN C 460 -7.67 -41.56 -4.27
C GLN C 460 -8.16 -41.48 -5.71
N GLU C 461 -9.22 -42.22 -6.01
CA GLU C 461 -9.88 -42.13 -7.31
C GLU C 461 -10.90 -41.00 -7.26
N LYS C 462 -11.42 -40.74 -6.06
CA LYS C 462 -12.26 -39.59 -5.75
C LYS C 462 -11.53 -38.30 -6.14
N CYS C 463 -10.32 -38.12 -5.60
CA CYS C 463 -9.47 -36.98 -5.89
C CYS C 463 -9.22 -36.88 -7.39
N ASP C 464 -9.10 -38.05 -8.05
CA ASP C 464 -8.90 -38.11 -9.49
C ASP C 464 -10.09 -37.50 -10.22
N LYS C 465 -11.28 -37.60 -9.62
CA LYS C 465 -12.51 -37.01 -10.15
C LYS C 465 -12.38 -35.49 -10.11
N ARG C 466 -12.17 -35.01 -8.87
CA ARG C 466 -12.15 -33.60 -8.50
C ARG C 466 -10.96 -32.91 -9.18
N ILE C 467 -10.14 -33.68 -9.92
CA ILE C 467 -9.03 -33.12 -10.68
C ILE C 467 -9.44 -33.05 -12.15
N LYS C 468 -10.21 -34.06 -12.59
CA LYS C 468 -10.69 -34.14 -13.96
C LYS C 468 -11.68 -33.01 -14.22
N ASP C 469 -12.28 -32.52 -13.12
CA ASP C 469 -13.13 -31.33 -13.12
C ASP C 469 -12.32 -30.15 -13.65
N TYR C 470 -11.02 -30.12 -13.33
CA TYR C 470 -10.20 -28.94 -13.57
C TYR C 470 -9.35 -29.08 -14.83
N GLN C 471 -8.75 -30.26 -15.06
CA GLN C 471 -7.87 -30.39 -16.22
C GLN C 471 -7.69 -31.85 -16.63
N THR C 472 -7.25 -32.01 -17.89
CA THR C 472 -6.76 -33.22 -18.51
C THR C 472 -5.76 -33.94 -17.59
N PHE C 473 -6.16 -35.11 -17.10
CA PHE C 473 -5.37 -35.87 -16.13
C PHE C 473 -5.77 -37.35 -16.17
N ILE C 474 -5.22 -38.08 -17.15
CA ILE C 474 -5.43 -39.52 -17.20
C ILE C 474 -4.24 -40.22 -16.55
N PRO C 475 -4.38 -40.74 -15.31
CA PRO C 475 -3.30 -41.46 -14.65
C PRO C 475 -3.17 -42.88 -15.21
N LYS C 476 -2.08 -43.57 -14.87
CA LYS C 476 -1.94 -44.99 -15.18
C LYS C 476 -2.52 -45.82 -14.04
N GLU C 477 -2.80 -47.11 -14.33
CA GLU C 477 -3.64 -47.96 -13.52
C GLU C 477 -2.82 -48.96 -12.70
N ILE C 478 -3.56 -49.77 -11.93
CA ILE C 478 -3.10 -50.63 -10.85
C ILE C 478 -2.19 -51.76 -11.37
N ASN C 479 -2.24 -52.89 -10.64
CA ASN C 479 -1.51 -54.14 -10.88
C ASN C 479 -0.43 -54.31 -9.83
N LEU C 480 -0.86 -54.46 -8.57
CA LEU C 480 0.01 -54.65 -7.42
C LEU C 480 0.91 -55.88 -7.62
N ASN C 481 0.42 -56.87 -8.36
CA ASN C 481 1.11 -58.14 -8.51
C ASN C 481 2.46 -57.95 -9.19
N ASP C 482 2.72 -56.72 -9.66
CA ASP C 482 3.90 -56.42 -10.45
C ASP C 482 5.11 -56.22 -9.55
N GLN C 483 4.84 -56.17 -8.25
CA GLN C 483 5.82 -55.93 -7.20
C GLN C 483 5.56 -56.95 -6.09
N THR C 484 6.62 -57.68 -5.73
CA THR C 484 6.58 -58.65 -4.65
C THR C 484 7.82 -58.49 -3.80
N SER C 485 7.69 -58.87 -2.52
CA SER C 485 8.76 -58.82 -1.55
C SER C 485 9.86 -59.82 -1.91
N ASP C 486 11.08 -59.48 -1.49
CA ASP C 486 12.22 -60.37 -1.58
C ASP C 486 12.79 -60.54 -0.18
N PHE C 487 12.90 -61.79 0.28
CA PHE C 487 13.34 -62.09 1.64
C PHE C 487 14.63 -62.89 1.62
N ASN C 488 15.18 -63.09 0.43
CA ASN C 488 16.43 -63.82 0.32
C ASN C 488 17.59 -62.80 0.28
N LEU C 489 18.45 -62.87 1.31
CA LEU C 489 19.49 -61.88 1.54
C LEU C 489 20.42 -61.77 0.35
N THR C 490 20.82 -62.93 -0.21
CA THR C 490 21.74 -63.03 -1.32
C THR C 490 21.08 -62.47 -2.58
N SER C 491 19.78 -62.71 -2.72
CA SER C 491 19.02 -62.18 -3.84
C SER C 491 19.06 -60.65 -3.81
N ILE C 492 18.84 -60.07 -2.61
CA ILE C 492 18.81 -58.61 -2.46
C ILE C 492 20.18 -58.00 -2.71
N ILE C 493 21.22 -58.55 -2.09
CA ILE C 493 22.58 -58.05 -2.28
C ILE C 493 22.86 -57.94 -3.78
N ASN C 494 22.79 -59.08 -4.49
CA ASN C 494 23.14 -59.21 -5.89
C ASN C 494 22.42 -58.17 -6.74
N LYS C 495 21.14 -57.97 -6.44
CA LYS C 495 20.34 -57.10 -7.27
C LYS C 495 20.62 -55.63 -6.93
N LEU C 496 21.02 -55.37 -5.67
CA LEU C 496 21.42 -54.01 -5.33
C LEU C 496 22.77 -53.70 -5.99
N ILE C 497 23.70 -54.69 -5.98
CA ILE C 497 24.99 -54.55 -6.63
C ILE C 497 24.78 -54.17 -8.09
N ILE C 498 24.04 -54.99 -8.83
CA ILE C 498 23.81 -54.77 -10.24
C ILE C 498 23.30 -53.35 -10.40
N GLY C 499 22.40 -52.94 -9.50
CA GLY C 499 21.87 -51.58 -9.48
C GLY C 499 23.00 -50.56 -9.47
N VAL C 500 23.97 -50.74 -8.57
CA VAL C 500 25.06 -49.80 -8.42
C VAL C 500 25.88 -49.79 -9.71
N GLU C 501 26.21 -50.99 -10.20
CA GLU C 501 26.96 -51.16 -11.44
C GLU C 501 26.22 -50.50 -12.61
N SER C 502 24.90 -50.37 -12.48
CA SER C 502 24.07 -49.82 -13.55
C SER C 502 23.94 -48.31 -13.46
N SER C 503 24.57 -47.69 -12.45
CA SER C 503 24.39 -46.26 -12.22
C SER C 503 25.72 -45.57 -11.93
N LEU C 504 26.84 -46.20 -12.30
CA LEU C 504 28.11 -45.50 -12.22
C LEU C 504 28.01 -44.23 -13.06
N THR C 505 28.01 -43.08 -12.39
CA THR C 505 28.50 -41.86 -12.99
C THR C 505 29.88 -42.19 -13.56
N ASN C 506 30.41 -41.34 -14.45
CA ASN C 506 31.83 -41.48 -14.74
C ASN C 506 32.52 -40.17 -14.37
N ASP C 507 31.89 -39.46 -13.42
CA ASP C 507 32.49 -38.28 -12.82
C ASP C 507 33.22 -38.70 -11.53
N GLU C 508 33.78 -37.70 -10.84
CA GLU C 508 34.69 -37.85 -9.73
C GLU C 508 34.04 -38.60 -8.57
N ARG C 509 32.72 -38.51 -8.46
CA ARG C 509 31.94 -39.03 -7.35
C ARG C 509 31.83 -40.55 -7.38
N PHE C 510 31.88 -41.14 -8.57
CA PHE C 510 31.74 -42.57 -8.81
C PHE C 510 30.28 -43.00 -8.67
N ILE C 511 29.52 -42.34 -7.81
CA ILE C 511 28.14 -42.75 -7.60
C ILE C 511 27.33 -41.52 -7.22
N ASN C 512 26.00 -41.60 -7.40
CA ASN C 512 25.06 -40.61 -6.92
C ASN C 512 24.72 -40.94 -5.47
N GLY C 513 24.96 -39.99 -4.57
CA GLY C 513 24.62 -40.21 -3.19
C GLY C 513 23.77 -39.06 -2.66
N ASP C 514 23.81 -38.91 -1.33
CA ASP C 514 23.10 -37.88 -0.60
C ASP C 514 23.61 -36.50 -1.06
N ILE C 515 22.95 -35.45 -0.58
CA ILE C 515 23.30 -34.09 -0.98
C ILE C 515 24.63 -33.67 -0.32
N ARG C 516 24.94 -34.31 0.81
CA ARG C 516 26.19 -34.06 1.51
C ARG C 516 27.37 -34.31 0.57
N GLN C 517 27.12 -34.95 -0.57
CA GLN C 517 28.12 -35.12 -1.61
C GLN C 517 28.59 -33.74 -2.10
N PHE C 518 27.66 -32.79 -2.21
CA PHE C 518 27.97 -31.48 -2.74
C PHE C 518 28.09 -30.44 -1.62
N GLU C 519 27.49 -30.73 -0.47
CA GLU C 519 27.34 -29.74 0.57
C GLU C 519 28.50 -29.81 1.58
N MET C 520 29.19 -30.96 1.64
CA MET C 520 30.14 -31.18 2.72
C MET C 520 31.52 -31.50 2.19
N ASN C 521 32.54 -30.98 2.89
CA ASN C 521 33.94 -31.21 2.62
C ASN C 521 34.23 -32.69 2.37
N GLY C 522 34.72 -32.99 1.17
CA GLY C 522 35.23 -34.31 0.83
C GLY C 522 34.14 -35.32 0.48
N GLY C 523 32.90 -34.84 0.41
CA GLY C 523 31.72 -35.68 0.27
C GLY C 523 31.68 -36.43 -1.06
N LYS C 524 32.45 -35.98 -2.05
CA LYS C 524 32.50 -36.66 -3.34
C LYS C 524 33.41 -37.89 -3.26
N PHE C 525 34.19 -38.03 -2.18
CA PHE C 525 35.24 -39.04 -2.21
C PHE C 525 35.13 -40.01 -1.04
N ASN C 526 34.65 -39.49 0.10
CA ASN C 526 34.76 -40.15 1.39
C ASN C 526 33.79 -41.33 1.49
N PHE C 527 33.98 -42.12 2.54
CA PHE C 527 33.28 -43.39 2.66
C PHE C 527 31.78 -43.19 2.87
N LEU C 528 31.36 -42.04 3.39
CA LEU C 528 30.00 -41.86 3.86
C LEU C 528 29.03 -41.56 2.71
N THR C 529 29.38 -40.61 1.84
CA THR C 529 28.53 -40.31 0.70
C THR C 529 29.29 -40.41 -0.62
N GLY C 530 30.62 -40.61 -0.55
CA GLY C 530 31.48 -40.44 -1.71
C GLY C 530 31.66 -41.74 -2.49
N GLY C 531 32.70 -41.81 -3.30
CA GLY C 531 32.90 -42.96 -4.17
C GLY C 531 33.55 -44.14 -3.44
N SER C 532 34.42 -43.81 -2.48
CA SER C 532 35.09 -44.79 -1.63
C SER C 532 34.09 -45.79 -1.04
N GLY C 533 32.89 -45.32 -0.68
CA GLY C 533 31.88 -46.16 -0.06
C GLY C 533 31.30 -47.20 -1.00
N ALA C 534 31.04 -46.82 -2.26
CA ALA C 534 30.57 -47.79 -3.24
C ALA C 534 31.75 -48.61 -3.75
N ALA C 535 32.91 -47.95 -3.93
CA ALA C 535 34.12 -48.66 -4.36
C ALA C 535 34.40 -49.83 -3.43
N PHE C 536 34.45 -49.52 -2.12
CA PHE C 536 34.63 -50.47 -1.03
C PHE C 536 33.64 -51.62 -1.10
N THR C 537 32.33 -51.31 -1.17
CA THR C 537 31.29 -52.32 -1.21
C THR C 537 31.40 -53.23 -2.44
N LEU C 538 31.70 -52.65 -3.62
CA LEU C 538 31.90 -53.44 -4.83
C LEU C 538 33.09 -54.40 -4.69
N THR C 539 34.15 -53.95 -4.01
CA THR C 539 35.30 -54.79 -3.71
C THR C 539 34.96 -55.93 -2.75
N LYS C 540 33.93 -55.78 -1.90
CA LYS C 540 33.56 -56.86 -0.98
C LYS C 540 32.86 -57.97 -1.76
N ASN C 541 32.00 -57.58 -2.70
CA ASN C 541 31.32 -58.54 -3.53
C ASN C 541 32.14 -58.90 -4.77
N LYS C 542 33.42 -58.53 -4.81
CA LYS C 542 34.31 -58.88 -5.92
C LYS C 542 33.65 -58.53 -7.25
N SER C 543 33.17 -57.29 -7.33
CA SER C 543 32.39 -56.85 -8.46
C SER C 543 32.94 -55.50 -8.96
N SER C 544 32.86 -55.31 -10.30
CA SER C 544 33.29 -54.12 -11.01
C SER C 544 34.75 -53.74 -10.78
N ILE C 545 35.66 -54.71 -10.73
CA ILE C 545 37.06 -54.44 -10.40
C ILE C 545 37.69 -53.34 -11.27
N ALA C 546 37.52 -53.39 -12.60
CA ALA C 546 38.19 -52.41 -13.47
C ALA C 546 37.59 -51.02 -13.30
N GLU C 547 36.28 -50.93 -13.09
CA GLU C 547 35.65 -49.65 -12.80
C GLU C 547 36.24 -49.07 -11.52
N VAL C 548 36.40 -49.92 -10.48
CA VAL C 548 36.97 -49.46 -9.23
C VAL C 548 38.40 -48.98 -9.46
N ASP C 549 39.21 -49.81 -10.14
CA ASP C 549 40.59 -49.44 -10.44
C ASP C 549 40.64 -48.15 -11.26
N LYS C 550 39.87 -48.06 -12.35
CA LYS C 550 39.85 -46.83 -13.12
C LYS C 550 39.63 -45.63 -12.19
N TRP C 551 38.58 -45.72 -11.35
CA TRP C 551 38.25 -44.57 -10.51
C TRP C 551 39.35 -44.30 -9.48
N ILE C 552 39.86 -45.37 -8.85
CA ILE C 552 40.94 -45.17 -7.89
C ILE C 552 42.10 -44.44 -8.58
N GLN C 553 42.47 -44.94 -9.75
CA GLN C 553 43.68 -44.55 -10.45
C GLN C 553 43.64 -43.09 -10.93
N SER C 554 42.48 -42.63 -11.43
CA SER C 554 42.43 -41.41 -12.21
C SER C 554 41.70 -40.29 -11.49
N VAL C 555 41.19 -40.60 -10.28
CA VAL C 555 40.43 -39.64 -9.50
C VAL C 555 40.91 -39.64 -8.04
N LEU C 556 40.81 -40.81 -7.38
CA LEU C 556 40.97 -40.86 -5.94
C LEU C 556 42.39 -40.48 -5.53
N LEU C 557 43.41 -41.13 -6.12
CA LEU C 557 44.78 -40.90 -5.68
C LEU C 557 45.15 -39.44 -5.82
N ASP C 558 44.71 -38.84 -6.92
CA ASP C 558 45.05 -37.46 -7.24
C ASP C 558 44.46 -36.55 -6.19
N ASN C 559 43.29 -36.94 -5.67
CA ASN C 559 42.50 -36.09 -4.79
C ASN C 559 42.86 -36.34 -3.33
N LEU C 560 43.41 -37.51 -3.03
CA LEU C 560 43.64 -37.95 -1.66
C LEU C 560 44.36 -36.85 -0.87
N PRO C 561 45.51 -36.32 -1.36
CA PRO C 561 46.32 -35.39 -0.57
C PRO C 561 45.61 -34.06 -0.32
N LEU C 562 44.40 -33.94 -0.88
CA LEU C 562 43.67 -32.68 -0.88
C LEU C 562 42.44 -32.78 0.01
N ILE C 563 42.10 -33.98 0.49
CA ILE C 563 41.04 -34.11 1.47
C ILE C 563 41.53 -33.60 2.83
N GLU C 564 40.87 -32.57 3.37
CA GLU C 564 41.39 -31.90 4.55
C GLU C 564 41.11 -32.72 5.81
N GLU C 565 39.97 -33.43 5.85
CA GLU C 565 39.54 -34.12 7.06
C GLU C 565 40.16 -35.51 7.14
N ASP C 566 40.41 -35.96 8.38
CA ASP C 566 41.02 -37.26 8.60
C ASP C 566 39.95 -38.31 8.93
N GLY C 567 38.70 -37.83 9.07
CA GLY C 567 37.57 -38.57 9.60
C GLY C 567 37.38 -39.95 8.97
N LEU C 568 36.85 -40.89 9.75
CA LEU C 568 36.63 -42.25 9.28
C LEU C 568 35.52 -42.28 8.24
N PHE C 569 34.43 -41.55 8.47
CA PHE C 569 33.35 -41.55 7.49
C PHE C 569 33.50 -40.34 6.57
N THR C 570 34.05 -39.25 7.10
CA THR C 570 34.02 -37.94 6.46
C THR C 570 35.32 -37.66 5.68
N GLY C 571 36.40 -38.38 5.96
CA GLY C 571 37.70 -37.97 5.47
C GLY C 571 38.62 -39.12 5.03
N LYS C 572 39.92 -38.99 5.29
CA LYS C 572 40.93 -39.83 4.67
C LYS C 572 40.94 -41.27 5.18
N THR C 573 40.58 -41.52 6.45
CA THR C 573 40.88 -42.81 7.05
C THR C 573 40.02 -43.92 6.44
N GLY C 574 38.72 -43.64 6.22
CA GLY C 574 37.87 -44.57 5.49
C GLY C 574 38.46 -44.92 4.13
N ILE C 575 38.89 -43.87 3.39
CA ILE C 575 39.50 -44.00 2.08
C ILE C 575 40.77 -44.88 2.15
N LEU C 576 41.62 -44.65 3.16
CA LEU C 576 42.87 -45.41 3.35
C LEU C 576 42.59 -46.90 3.56
N ALA C 577 41.45 -47.21 4.19
CA ALA C 577 41.05 -48.60 4.33
C ALA C 577 40.83 -49.22 2.95
N LEU C 578 40.03 -48.56 2.11
CA LEU C 578 39.84 -48.99 0.73
C LEU C 578 41.19 -49.14 0.02
N LEU C 579 42.02 -48.09 0.06
CA LEU C 579 43.29 -48.11 -0.64
C LEU C 579 44.17 -49.29 -0.21
N TYR C 580 44.23 -49.57 1.10
CA TYR C 580 45.08 -50.66 1.61
C TYR C 580 44.57 -52.01 1.12
N ASP C 581 43.24 -52.19 1.18
CA ASP C 581 42.62 -53.44 0.76
C ASP C 581 42.74 -53.64 -0.73
N LYS C 582 43.17 -52.59 -1.45
CA LYS C 582 43.26 -52.68 -2.89
C LYS C 582 44.72 -52.89 -3.31
N GLY C 583 45.62 -52.90 -2.31
CA GLY C 583 47.03 -53.19 -2.52
C GLY C 583 47.95 -51.96 -2.50
N TYR C 584 47.39 -50.77 -2.19
CA TYR C 584 48.15 -49.52 -2.24
C TYR C 584 48.84 -49.23 -0.91
N LYS C 585 49.68 -50.18 -0.45
CA LYS C 585 50.22 -50.12 0.89
C LYS C 585 51.08 -48.87 1.06
N GLU C 586 51.93 -48.61 0.06
CA GLU C 586 52.85 -47.49 0.04
C GLU C 586 52.11 -46.19 0.36
N VAL C 587 50.96 -46.01 -0.30
CA VAL C 587 50.22 -44.77 -0.26
C VAL C 587 49.64 -44.57 1.15
N VAL C 588 49.05 -45.63 1.70
CA VAL C 588 48.55 -45.61 3.07
C VAL C 588 49.74 -45.28 3.99
N LEU C 589 50.84 -46.00 3.76
CA LEU C 589 52.03 -45.86 4.57
C LEU C 589 52.41 -44.38 4.64
N ASN C 590 52.59 -43.75 3.49
CA ASN C 590 52.98 -42.34 3.43
C ASN C 590 51.93 -41.49 4.13
N GLU C 591 50.66 -41.83 3.96
CA GLU C 591 49.58 -41.03 4.50
C GLU C 591 49.55 -41.12 6.03
N LEU C 592 49.97 -42.27 6.58
CA LEU C 592 49.98 -42.49 8.02
C LEU C 592 51.12 -41.72 8.67
N LYS C 593 52.24 -41.62 7.94
CA LYS C 593 53.39 -40.85 8.36
C LYS C 593 52.95 -39.41 8.63
N ILE C 594 51.92 -38.97 7.89
CA ILE C 594 51.46 -37.59 7.93
C ILE C 594 50.32 -37.46 8.92
N LEU C 595 49.65 -38.57 9.24
CA LEU C 595 48.53 -38.55 10.16
C LEU C 595 49.02 -38.42 11.60
N LYS C 596 50.11 -39.13 11.90
CA LYS C 596 50.71 -39.19 13.23
C LYS C 596 50.87 -37.79 13.83
N ASP C 597 50.89 -36.77 12.94
CA ASP C 597 51.05 -35.40 13.35
C ASP C 597 49.85 -34.56 12.91
N ASN C 598 49.28 -34.93 11.76
CA ASN C 598 48.22 -34.20 11.07
C ASN C 598 47.54 -33.25 12.04
N ILE C 599 46.80 -33.83 13.00
CA ILE C 599 46.14 -33.06 14.04
C ILE C 599 45.66 -34.03 15.11
N ASN C 600 45.67 -33.57 16.37
CA ASN C 600 44.95 -34.20 17.45
C ASN C 600 43.82 -33.25 17.86
N GLN C 601 42.66 -33.43 17.22
CA GLN C 601 41.56 -32.48 17.22
C GLN C 601 40.76 -32.66 18.51
N THR C 602 39.69 -31.88 18.64
CA THR C 602 38.80 -31.96 19.79
C THR C 602 37.59 -32.85 19.51
N ASP C 603 37.53 -33.44 18.31
CA ASP C 603 36.42 -34.25 17.87
C ASP C 603 36.80 -35.70 18.11
N ILE C 604 35.95 -36.43 18.82
CA ILE C 604 36.31 -37.77 19.24
C ILE C 604 35.36 -38.80 18.62
N SER C 605 34.38 -38.32 17.85
CA SER C 605 33.32 -39.15 17.28
C SER C 605 33.89 -40.24 16.39
N ILE C 606 33.09 -41.29 16.16
CA ILE C 606 33.42 -42.30 15.18
C ILE C 606 33.33 -41.68 13.79
N ARG C 607 32.24 -40.94 13.54
CA ARG C 607 31.96 -40.33 12.26
C ARG C 607 33.21 -39.62 11.74
N SER C 608 33.71 -38.63 12.50
CA SER C 608 34.74 -37.75 11.98
C SER C 608 35.90 -37.50 12.94
N GLY C 609 35.93 -38.15 14.11
CA GLY C 609 36.86 -37.79 15.16
C GLY C 609 37.93 -38.83 15.45
N LEU C 610 38.66 -38.61 16.55
CA LEU C 610 39.80 -39.42 16.93
C LEU C 610 39.43 -40.88 17.14
N SER C 611 38.18 -41.17 17.58
CA SER C 611 37.78 -42.55 17.82
C SER C 611 37.71 -43.35 16.53
N GLY C 612 37.05 -42.77 15.52
CA GLY C 612 36.92 -43.39 14.21
C GLY C 612 38.28 -43.61 13.57
N ILE C 613 39.16 -42.60 13.70
CA ILE C 613 40.53 -42.61 13.21
C ILE C 613 41.32 -43.68 13.98
N GLY C 614 41.23 -43.64 15.33
CA GLY C 614 41.86 -44.65 16.16
C GLY C 614 41.40 -46.08 15.86
N LEU C 615 40.09 -46.25 15.62
CA LEU C 615 39.58 -47.56 15.21
C LEU C 615 40.26 -48.02 13.91
N PHE C 616 40.33 -47.13 12.91
CA PHE C 616 41.03 -47.49 11.69
C PHE C 616 42.48 -47.87 12.03
N VAL C 617 43.17 -47.00 12.80
CA VAL C 617 44.57 -47.22 13.14
C VAL C 617 44.76 -48.61 13.77
N ILE C 618 43.90 -48.98 14.72
CA ILE C 618 43.98 -50.31 15.30
C ILE C 618 43.83 -51.38 14.24
N SER C 619 42.86 -51.22 13.32
CA SER C 619 42.61 -52.26 12.34
C SER C 619 43.80 -52.44 11.40
N LEU C 620 44.57 -51.35 11.16
CA LEU C 620 45.78 -51.37 10.36
C LEU C 620 46.93 -52.04 11.13
N TYR C 621 46.97 -51.82 12.46
CA TYR C 621 47.91 -52.51 13.32
C TYR C 621 47.68 -54.01 13.25
N LEU C 622 46.40 -54.41 13.31
CA LEU C 622 46.08 -55.83 13.25
C LEU C 622 46.55 -56.43 11.93
N GLU C 623 46.39 -55.67 10.84
CA GLU C 623 46.71 -56.17 9.52
C GLU C 623 48.23 -56.27 9.33
N THR C 624 48.97 -55.25 9.81
CA THR C 624 50.39 -55.14 9.52
C THR C 624 51.29 -55.73 10.61
N GLU C 625 50.79 -55.84 11.85
CA GLU C 625 51.58 -56.28 13.00
C GLU C 625 52.77 -55.36 13.24
N ASN C 626 52.61 -54.06 12.92
CA ASN C 626 53.66 -53.07 13.00
C ASN C 626 53.37 -52.16 14.19
N LYS C 627 54.28 -52.18 15.19
CA LYS C 627 54.04 -51.67 16.52
C LYS C 627 53.93 -50.14 16.54
N GLU C 628 54.42 -49.51 15.46
CA GLU C 628 54.33 -48.06 15.32
C GLU C 628 52.88 -47.63 15.38
N TYR C 629 51.97 -48.48 14.86
CA TYR C 629 50.56 -48.19 14.80
C TYR C 629 49.87 -48.43 16.13
N LEU C 630 50.39 -49.40 16.91
CA LEU C 630 49.92 -49.59 18.26
C LEU C 630 50.27 -48.35 19.07
N LYS C 631 51.50 -47.87 18.89
CA LYS C 631 51.99 -46.70 19.61
C LYS C 631 51.11 -45.50 19.24
N LEU C 632 50.62 -45.50 18.00
CA LEU C 632 49.81 -44.39 17.51
C LEU C 632 48.43 -44.49 18.14
N ALA C 633 47.93 -45.72 18.32
CA ALA C 633 46.62 -45.93 18.89
C ALA C 633 46.62 -45.47 20.35
N LYS C 634 47.73 -45.72 21.05
CA LYS C 634 47.83 -45.35 22.45
C LYS C 634 47.89 -43.83 22.58
N ASP C 635 48.67 -43.18 21.71
CA ASP C 635 48.76 -41.73 21.71
C ASP C 635 47.38 -41.11 21.45
N LEU C 636 46.58 -41.72 20.58
CA LEU C 636 45.27 -41.21 20.22
C LEU C 636 44.33 -41.32 21.41
N GLU C 637 44.46 -42.44 22.14
CA GLU C 637 43.70 -42.65 23.36
C GLU C 637 43.95 -41.49 24.32
N ARG C 638 45.23 -41.18 24.57
CA ARG C 638 45.61 -40.09 25.48
C ARG C 638 44.93 -38.79 25.07
N MET C 639 44.87 -38.53 23.77
CA MET C 639 44.17 -37.36 23.26
C MET C 639 42.66 -37.42 23.51
N ILE C 640 42.06 -38.64 23.42
CA ILE C 640 40.63 -38.78 23.56
C ILE C 640 40.26 -38.51 25.02
N LYS C 641 41.01 -39.16 25.90
CA LYS C 641 40.90 -39.04 27.35
C LYS C 641 40.84 -37.57 27.72
N LEU C 642 41.81 -36.80 27.25
CA LEU C 642 41.91 -35.40 27.61
C LEU C 642 40.70 -34.65 27.08
N ASN C 643 40.33 -34.96 25.83
CA ASN C 643 39.22 -34.30 25.16
C ASN C 643 37.92 -34.57 25.92
N ARG C 644 37.76 -35.82 26.38
CA ARG C 644 36.69 -36.25 27.27
C ARG C 644 36.65 -35.40 28.54
N ALA C 645 37.82 -34.91 28.96
CA ALA C 645 37.93 -34.12 30.17
C ALA C 645 37.54 -32.66 29.91
N LYS C 646 37.72 -32.19 28.67
CA LYS C 646 37.56 -30.78 28.31
C LYS C 646 36.15 -30.29 28.61
N ASP C 647 35.16 -31.19 28.44
CA ASP C 647 33.78 -30.97 28.86
C ASP C 647 32.92 -32.15 28.43
N LYS C 648 31.94 -32.50 29.29
CA LYS C 648 31.03 -33.62 29.06
C LYS C 648 29.93 -33.22 28.08
N GLN C 649 30.30 -32.42 27.06
CA GLN C 649 29.41 -31.98 25.99
C GLN C 649 30.01 -32.41 24.65
N LEU C 650 29.16 -32.46 23.62
CA LEU C 650 29.61 -32.65 22.24
C LEU C 650 29.04 -31.56 21.33
N LYS C 651 29.95 -30.79 20.71
CA LYS C 651 29.61 -29.81 19.68
C LYS C 651 29.29 -30.57 18.39
N VAL C 652 28.51 -29.95 17.48
CA VAL C 652 27.96 -30.66 16.33
C VAL C 652 28.17 -29.88 15.03
N LYS C 653 28.17 -30.61 13.90
CA LYS C 653 28.41 -30.06 12.57
C LYS C 653 27.25 -30.45 11.64
N ASP C 654 27.11 -31.77 11.38
CA ASP C 654 26.05 -32.30 10.53
C ASP C 654 24.71 -32.12 11.21
N TRP C 655 23.72 -31.59 10.46
CA TRP C 655 22.43 -31.21 11.02
C TRP C 655 21.63 -32.43 11.50
N MET C 656 22.01 -33.63 11.04
CA MET C 656 21.32 -34.85 11.42
C MET C 656 22.03 -35.53 12.59
N ALA C 657 23.22 -35.04 12.95
CA ALA C 657 23.95 -35.65 14.04
C ALA C 657 23.21 -35.41 15.37
N VAL C 658 23.49 -36.26 16.36
CA VAL C 658 23.20 -35.98 17.76
C VAL C 658 24.27 -36.62 18.63
N ASP C 659 24.41 -36.12 19.86
CA ASP C 659 25.54 -36.40 20.73
C ASP C 659 25.25 -37.62 21.61
N ILE C 660 24.48 -38.56 21.06
CA ILE C 660 24.24 -39.85 21.69
C ILE C 660 24.49 -40.93 20.64
N GLY C 661 25.06 -42.06 21.06
CA GLY C 661 25.08 -43.22 20.19
C GLY C 661 26.41 -43.40 19.47
N VAL C 662 26.44 -44.36 18.54
CA VAL C 662 27.68 -44.98 18.11
C VAL C 662 28.36 -44.13 17.06
N ILE C 663 27.61 -43.25 16.38
CA ILE C 663 28.09 -42.47 15.26
C ILE C 663 28.76 -41.18 15.75
N ASP C 664 28.05 -40.41 16.58
CA ASP C 664 28.50 -39.11 17.04
C ASP C 664 28.57 -39.05 18.57
N GLY C 665 28.31 -40.17 19.25
CA GLY C 665 28.19 -40.19 20.69
C GLY C 665 29.29 -41.00 21.37
N LEU C 666 29.17 -41.13 22.70
CA LEU C 666 30.17 -41.75 23.54
C LEU C 666 30.19 -43.26 23.36
N SER C 667 29.07 -43.81 22.89
CA SER C 667 28.95 -45.22 22.52
C SER C 667 29.97 -45.61 21.46
N GLY C 668 30.16 -44.70 20.50
CA GLY C 668 31.13 -44.89 19.44
C GLY C 668 32.55 -44.73 19.96
N VAL C 669 32.75 -43.80 20.90
CA VAL C 669 34.04 -43.66 21.54
C VAL C 669 34.44 -44.99 22.21
N SER C 670 33.44 -45.73 22.70
CA SER C 670 33.69 -46.98 23.41
C SER C 670 34.22 -48.07 22.48
N LEU C 671 33.76 -48.07 21.21
CA LEU C 671 34.26 -48.99 20.19
C LEU C 671 35.78 -48.95 20.17
N PHE C 672 36.33 -47.73 20.23
CA PHE C 672 37.78 -47.57 20.17
C PHE C 672 38.42 -48.28 21.36
N TYR C 673 37.81 -48.08 22.54
CA TYR C 673 38.37 -48.59 23.78
C TYR C 673 38.30 -50.11 23.78
N SER C 674 37.16 -50.66 23.35
CA SER C 674 37.07 -52.11 23.25
C SER C 674 38.21 -52.60 22.36
N ALA C 675 38.32 -51.97 21.18
CA ALA C 675 39.25 -52.44 20.16
C ALA C 675 40.66 -52.40 20.71
N LEU C 676 41.01 -51.25 21.34
CA LEU C 676 42.29 -51.09 21.99
C LEU C 676 42.47 -52.14 23.09
N TYR C 677 41.38 -52.48 23.80
CA TYR C 677 41.48 -53.56 24.76
C TYR C 677 41.99 -54.82 24.07
N SER C 678 41.31 -55.21 22.98
CA SER C 678 41.65 -56.45 22.29
C SER C 678 43.15 -56.58 22.01
N VAL C 679 43.89 -55.46 21.85
CA VAL C 679 45.26 -55.55 21.36
C VAL C 679 46.28 -55.22 22.44
N THR C 680 45.86 -54.57 23.52
CA THR C 680 46.76 -54.30 24.64
C THR C 680 46.66 -55.42 25.68
N GLN C 681 45.42 -55.80 26.05
CA GLN C 681 45.10 -56.73 27.13
C GLN C 681 45.13 -55.97 28.46
N ASN C 682 45.07 -54.65 28.34
CA ASN C 682 45.08 -53.70 29.41
C ASN C 682 43.63 -53.42 29.84
N GLN C 683 43.32 -53.82 31.09
CA GLN C 683 41.96 -53.83 31.61
C GLN C 683 41.43 -52.40 31.75
N LYS C 684 42.35 -51.43 31.87
CA LYS C 684 41.95 -50.04 32.06
C LYS C 684 41.03 -49.57 30.94
N TYR C 685 41.37 -49.94 29.69
CA TYR C 685 40.57 -49.55 28.52
C TYR C 685 39.18 -50.17 28.56
N LEU C 686 39.12 -51.43 29.00
CA LEU C 686 37.83 -52.09 29.11
C LEU C 686 36.87 -51.32 30.02
N GLU C 687 37.36 -50.73 31.12
CA GLU C 687 36.46 -50.03 32.02
C GLU C 687 36.03 -48.69 31.45
N GLU C 688 36.91 -48.07 30.64
CA GLU C 688 36.53 -46.84 29.98
C GLU C 688 35.43 -47.11 28.95
N ALA C 689 35.52 -48.27 28.27
CA ALA C 689 34.51 -48.68 27.30
C ALA C 689 33.15 -48.82 27.98
N GLU C 690 33.10 -49.61 29.06
CA GLU C 690 31.89 -49.86 29.83
C GLU C 690 31.25 -48.55 30.30
N VAL C 691 32.10 -47.63 30.78
CA VAL C 691 31.66 -46.34 31.30
C VAL C 691 31.07 -45.49 30.18
N LEU C 692 31.69 -45.53 29.01
CA LEU C 692 31.23 -44.66 27.93
C LEU C 692 29.86 -45.12 27.45
N ILE C 693 29.67 -46.46 27.43
CA ILE C 693 28.38 -47.06 27.14
C ILE C 693 27.40 -46.56 28.21
N LYS C 694 27.77 -46.82 29.47
CA LYS C 694 26.93 -46.49 30.61
C LYS C 694 26.39 -45.07 30.49
N GLU C 695 27.28 -44.09 30.29
CA GLU C 695 26.86 -42.70 30.19
C GLU C 695 25.83 -42.49 29.07
N ASP C 696 25.85 -43.36 28.04
CA ASP C 696 24.90 -43.26 26.94
C ASP C 696 23.57 -43.92 27.31
N LEU C 697 23.64 -45.06 28.00
CA LEU C 697 22.43 -45.76 28.42
C LEU C 697 21.59 -44.87 29.34
N GLU C 698 22.25 -43.94 30.06
CA GLU C 698 21.57 -43.05 30.98
C GLU C 698 20.57 -42.16 30.24
N SER C 699 20.83 -41.91 28.95
CA SER C 699 20.00 -41.06 28.12
C SER C 699 19.13 -41.90 27.19
N THR C 700 18.72 -43.07 27.68
CA THR C 700 17.75 -43.88 26.97
C THR C 700 16.39 -43.68 27.62
N LYS C 701 15.31 -44.00 26.87
CA LYS C 701 13.98 -44.05 27.45
C LYS C 701 13.34 -45.41 27.14
N LYS C 702 13.20 -46.24 28.19
CA LYS C 702 12.45 -47.47 28.04
C LYS C 702 10.96 -47.16 28.04
N ASP C 703 10.22 -47.87 27.18
CA ASP C 703 8.80 -47.61 27.06
C ASP C 703 8.06 -48.63 27.92
N ASP C 704 7.11 -48.15 28.74
CA ASP C 704 6.37 -49.02 29.64
C ASP C 704 5.31 -49.80 28.84
N VAL C 705 4.52 -49.06 28.05
CA VAL C 705 3.49 -49.61 27.17
C VAL C 705 4.11 -50.72 26.32
N THR C 706 4.77 -50.31 25.24
CA THR C 706 5.58 -51.18 24.40
C THR C 706 6.93 -51.39 25.09
N GLY C 707 7.57 -52.54 24.86
CA GLY C 707 8.70 -52.93 25.68
C GLY C 707 10.08 -52.44 25.21
N VAL C 708 10.12 -51.35 24.43
CA VAL C 708 11.30 -51.01 23.64
C VAL C 708 12.10 -49.87 24.29
N LEU C 709 13.41 -50.10 24.38
CA LEU C 709 14.41 -49.07 24.67
C LEU C 709 14.77 -48.31 23.39
N GLN C 710 14.60 -46.99 23.43
CA GLN C 710 15.16 -46.06 22.47
C GLN C 710 16.01 -45.05 23.24
N THR C 711 16.89 -44.33 22.53
CA THR C 711 17.57 -43.20 23.15
C THR C 711 16.62 -42.00 23.13
N VAL C 712 17.02 -40.97 23.89
CA VAL C 712 16.26 -39.74 24.01
C VAL C 712 17.22 -38.58 23.76
N ASP C 713 16.92 -37.76 22.75
CA ASP C 713 17.84 -36.68 22.46
C ASP C 713 17.44 -35.43 23.26
N ASN C 714 18.27 -34.39 23.13
CA ASN C 714 18.06 -33.10 23.75
C ASN C 714 16.74 -32.51 23.27
N LYS C 715 16.47 -32.72 21.97
CA LYS C 715 15.37 -32.06 21.28
C LYS C 715 14.10 -32.83 21.53
N ASN C 716 14.18 -33.80 22.46
CA ASN C 716 13.09 -34.66 22.88
C ASN C 716 12.48 -35.42 21.70
N ARG C 717 13.38 -35.98 20.89
CA ARG C 717 13.10 -37.06 19.96
C ARG C 717 13.44 -38.38 20.66
N LEU C 718 12.67 -39.44 20.36
CA LEU C 718 13.04 -40.81 20.70
C LEU C 718 13.63 -41.48 19.46
N LEU C 719 14.81 -42.10 19.61
CA LEU C 719 15.63 -42.49 18.47
C LEU C 719 15.94 -43.98 18.49
N PRO C 720 15.55 -44.75 17.44
CA PRO C 720 15.99 -46.13 17.30
C PRO C 720 17.28 -46.41 16.51
N TYR C 721 17.72 -45.43 15.70
CA TYR C 721 18.57 -45.67 14.55
C TYR C 721 20.04 -45.86 14.92
N LEU C 722 20.87 -46.14 13.91
CA LEU C 722 22.31 -46.32 14.13
C LEU C 722 22.96 -44.98 14.44
N SER C 723 22.46 -43.93 13.80
CA SER C 723 22.91 -42.59 14.07
C SER C 723 21.99 -41.98 15.12
N GLY C 724 22.44 -42.02 16.38
CA GLY C 724 21.78 -41.31 17.46
C GLY C 724 20.93 -42.20 18.37
N GLY C 725 20.61 -43.43 17.93
CA GLY C 725 19.60 -44.23 18.62
C GLY C 725 20.12 -45.53 19.22
N SER C 726 19.19 -46.35 19.72
CA SER C 726 19.52 -47.49 20.57
C SER C 726 20.19 -48.62 19.81
N ILE C 727 19.93 -48.74 18.50
CA ILE C 727 20.54 -49.82 17.74
C ILE C 727 22.07 -49.69 17.83
N GLY C 728 22.55 -48.45 17.74
CA GLY C 728 23.97 -48.13 17.84
C GLY C 728 24.54 -48.50 19.21
N VAL C 729 23.81 -48.09 20.25
CA VAL C 729 24.15 -48.41 21.63
C VAL C 729 24.38 -49.92 21.74
N ALA C 730 23.43 -50.70 21.19
CA ALA C 730 23.50 -52.15 21.24
C ALA C 730 24.77 -52.67 20.55
N ILE C 731 25.09 -52.13 19.36
CA ILE C 731 26.29 -52.50 18.63
C ILE C 731 27.51 -52.31 19.53
N SER C 732 27.55 -51.20 20.29
CA SER C 732 28.67 -50.96 21.20
C SER C 732 28.73 -52.01 22.32
N ILE C 733 27.56 -52.38 22.87
CA ILE C 733 27.49 -53.46 23.86
C ILE C 733 27.94 -54.77 23.22
N TRP C 734 27.45 -55.04 22.01
CA TRP C 734 27.75 -56.33 21.43
C TRP C 734 29.25 -56.47 21.28
N PHE C 735 29.94 -55.34 21.09
CA PHE C 735 31.33 -55.37 20.70
C PHE C 735 32.22 -55.44 21.94
N LEU C 736 31.90 -54.65 22.97
CA LEU C 736 32.47 -54.83 24.29
C LEU C 736 32.43 -56.31 24.69
N ASN C 737 31.25 -56.92 24.61
CA ASN C 737 31.10 -58.33 25.00
C ASN C 737 32.02 -59.21 24.17
N HIS C 738 32.08 -58.93 22.87
CA HIS C 738 32.84 -59.72 21.91
C HIS C 738 34.34 -59.71 22.25
N VAL C 739 34.86 -58.57 22.72
CA VAL C 739 36.29 -58.46 22.97
C VAL C 739 36.65 -59.03 24.34
N SER C 740 35.73 -58.95 25.31
CA SER C 740 36.04 -59.22 26.71
C SER C 740 35.63 -60.62 27.14
N GLY C 741 34.57 -61.18 26.51
CA GLY C 741 34.06 -62.49 26.88
C GLY C 741 32.88 -62.41 27.85
N GLN C 742 32.35 -61.22 28.07
CA GLN C 742 31.28 -61.02 29.04
C GLN C 742 29.92 -61.04 28.34
N ASP C 743 28.84 -60.78 29.10
CA ASP C 743 27.50 -60.59 28.54
C ASP C 743 26.79 -59.44 29.24
N LEU C 744 27.50 -58.32 29.42
CA LEU C 744 26.97 -57.15 30.07
C LEU C 744 25.64 -56.71 29.44
N TYR C 745 24.96 -55.80 30.13
CA TYR C 745 23.75 -55.09 29.71
C TYR C 745 22.77 -55.97 28.91
N ARG C 746 22.82 -57.28 29.17
CA ARG C 746 22.01 -58.26 28.47
C ARG C 746 20.52 -57.89 28.48
N GLU C 747 20.07 -57.19 29.52
CA GLU C 747 18.67 -56.87 29.69
C GLU C 747 18.28 -55.64 28.86
N GLU C 748 19.20 -54.67 28.75
CA GLU C 748 19.00 -53.50 27.92
C GLU C 748 19.19 -53.88 26.45
N MET C 749 20.07 -54.86 26.20
CA MET C 749 20.29 -55.42 24.88
C MET C 749 18.99 -56.02 24.36
N ASN C 750 18.35 -56.85 25.19
CA ASN C 750 17.09 -57.50 24.84
C ASN C 750 16.02 -56.46 24.53
N SER C 751 16.00 -55.37 25.29
CA SER C 751 14.96 -54.37 25.10
C SER C 751 15.16 -53.58 23.80
N ILE C 752 16.38 -53.63 23.24
CA ILE C 752 16.66 -52.87 22.03
C ILE C 752 16.25 -53.71 20.83
N LEU C 753 16.56 -55.01 20.89
CA LEU C 753 16.24 -55.94 19.81
C LEU C 753 14.73 -56.00 19.57
N LYS C 754 13.94 -55.58 20.57
CA LYS C 754 12.48 -55.51 20.46
C LYS C 754 12.08 -54.50 19.38
N LEU C 755 13.02 -53.61 19.01
CA LEU C 755 12.82 -52.65 17.94
C LEU C 755 12.67 -53.38 16.60
N SER C 756 12.95 -54.69 16.60
CA SER C 756 12.81 -55.50 15.42
C SER C 756 11.36 -55.46 14.94
N LYS C 757 10.44 -55.20 15.89
CA LYS C 757 9.00 -55.34 15.61
C LYS C 757 8.46 -54.03 15.03
N THR C 758 9.34 -53.09 14.67
CA THR C 758 8.91 -51.81 14.12
C THR C 758 8.22 -52.02 12.78
N ARG C 759 7.11 -51.31 12.57
CA ARG C 759 6.25 -51.48 11.41
C ARG C 759 6.77 -50.65 10.23
N CYS C 760 7.16 -49.39 10.49
CA CYS C 760 7.65 -48.53 9.44
C CYS C 760 8.57 -47.45 9.99
N THR C 761 9.29 -46.77 9.08
CA THR C 761 10.19 -45.67 9.34
C THR C 761 9.94 -44.66 8.23
N ILE C 762 10.25 -43.37 8.47
CA ILE C 762 9.94 -42.30 7.52
C ILE C 762 10.86 -42.39 6.31
N SER C 763 12.04 -42.99 6.50
CA SER C 763 13.14 -43.00 5.53
C SER C 763 13.85 -44.36 5.58
N GLY C 764 14.68 -44.64 4.58
CA GLY C 764 15.04 -46.03 4.31
C GLY C 764 16.45 -46.44 4.74
N GLY C 765 17.28 -45.44 5.06
CA GLY C 765 18.74 -45.52 4.98
C GLY C 765 19.38 -46.20 6.18
N LEU C 766 20.67 -46.53 6.02
CA LEU C 766 21.44 -47.26 7.02
C LEU C 766 21.49 -46.49 8.33
N PHE C 767 21.75 -45.17 8.24
CA PHE C 767 22.05 -44.33 9.40
C PHE C 767 20.76 -43.80 10.02
N ASP C 768 19.81 -43.37 9.18
CA ASP C 768 18.67 -42.59 9.63
C ASP C 768 17.32 -43.26 9.32
N GLY C 769 17.31 -44.50 8.81
CA GLY C 769 16.05 -45.07 8.36
C GLY C 769 15.94 -46.56 8.60
N ALA C 770 15.17 -47.23 7.75
CA ALA C 770 14.86 -48.66 7.83
C ALA C 770 16.13 -49.51 7.86
N GLY C 771 17.15 -49.08 7.11
CA GLY C 771 18.44 -49.76 7.02
C GLY C 771 19.10 -50.02 8.38
N SER C 772 18.76 -49.20 9.38
CA SER C 772 19.32 -49.36 10.73
C SER C 772 18.98 -50.74 11.29
N PHE C 773 17.73 -51.15 11.08
CA PHE C 773 17.13 -52.30 11.73
C PHE C 773 17.76 -53.59 11.24
N LEU C 774 18.25 -53.57 9.99
CA LEU C 774 18.99 -54.67 9.41
C LEU C 774 20.09 -55.12 10.38
N LEU C 775 20.65 -54.18 11.14
CA LEU C 775 21.75 -54.49 12.04
C LEU C 775 21.28 -55.37 13.22
N ILE C 776 20.01 -55.24 13.61
CA ILE C 776 19.47 -55.97 14.76
C ILE C 776 19.76 -57.46 14.65
N PRO C 777 19.36 -58.17 13.55
CA PRO C 777 19.69 -59.59 13.39
C PRO C 777 21.15 -60.00 13.51
N SER C 778 22.08 -59.14 13.10
CA SER C 778 23.47 -59.54 13.14
C SER C 778 23.96 -59.65 14.58
N MET C 779 23.12 -59.22 15.54
CA MET C 779 23.53 -59.18 16.94
C MET C 779 22.91 -60.33 17.73
N VAL C 780 21.86 -60.96 17.17
CA VAL C 780 21.12 -62.02 17.83
C VAL C 780 21.89 -63.33 17.69
N LYS C 781 22.09 -63.99 18.83
CA LYS C 781 23.02 -65.12 18.92
C LYS C 781 22.32 -66.42 18.55
N ASN C 782 21.05 -66.53 18.97
CA ASN C 782 20.10 -67.52 18.50
C ASN C 782 20.05 -67.50 16.97
N ASP C 783 19.89 -68.69 16.38
CA ASP C 783 19.50 -68.83 14.98
C ASP C 783 17.97 -68.73 14.88
N LYS C 784 17.31 -69.08 15.98
CA LYS C 784 15.91 -69.46 15.99
C LYS C 784 15.05 -68.20 16.09
N ASN C 785 15.56 -67.21 16.82
CA ASN C 785 14.90 -65.92 16.94
C ASN C 785 15.46 -64.95 15.91
N ARG C 786 16.61 -65.30 15.33
CA ARG C 786 17.24 -64.53 14.25
C ARG C 786 16.29 -64.49 13.05
N GLU C 787 15.59 -65.60 12.78
CA GLU C 787 14.77 -65.77 11.59
C GLU C 787 13.52 -64.89 11.68
N VAL C 788 12.81 -64.97 12.81
CA VAL C 788 11.64 -64.14 13.07
C VAL C 788 12.06 -62.68 12.94
N ILE C 789 13.24 -62.36 13.51
CA ILE C 789 13.71 -60.98 13.59
C ILE C 789 14.12 -60.51 12.20
N LEU C 790 14.99 -61.29 11.54
CA LEU C 790 15.38 -61.02 10.18
C LEU C 790 14.13 -60.77 9.34
N ASN C 791 13.14 -61.66 9.48
CA ASN C 791 11.96 -61.60 8.65
C ASN C 791 11.16 -60.33 8.91
N GLU C 792 11.21 -59.80 10.13
CA GLU C 792 10.47 -58.59 10.46
C GLU C 792 11.12 -57.37 9.81
N VAL C 793 12.45 -57.28 9.90
CA VAL C 793 13.19 -56.12 9.42
C VAL C 793 13.22 -56.10 7.88
N LEU C 794 13.13 -57.29 7.26
CA LEU C 794 12.97 -57.38 5.82
C LEU C 794 11.60 -56.86 5.38
N ASN C 795 10.59 -57.00 6.26
CA ASN C 795 9.30 -56.40 5.97
C ASN C 795 9.45 -54.89 5.90
N LEU C 796 10.12 -54.35 6.92
CA LEU C 796 10.45 -52.94 6.95
C LEU C 796 11.15 -52.54 5.66
N LEU C 797 12.23 -53.25 5.32
CA LEU C 797 13.06 -52.95 4.17
C LEU C 797 12.27 -52.99 2.86
N ASN C 798 11.29 -53.88 2.74
CA ASN C 798 10.57 -54.05 1.49
C ASN C 798 9.66 -52.85 1.21
N ILE C 799 9.47 -52.00 2.22
CA ILE C 799 8.80 -50.71 2.01
C ILE C 799 9.65 -49.86 1.07
N PHE C 800 10.95 -50.14 0.99
CA PHE C 800 11.90 -49.23 0.38
C PHE C 800 12.57 -49.82 -0.85
N LEU C 801 12.60 -51.16 -0.95
CA LEU C 801 13.24 -51.82 -2.07
C LEU C 801 12.46 -51.48 -3.34
N ILE C 802 13.20 -51.12 -4.40
CA ILE C 802 12.61 -50.76 -5.69
C ILE C 802 13.11 -51.72 -6.77
N GLU C 803 12.16 -52.45 -7.38
CA GLU C 803 12.39 -53.21 -8.60
C GLU C 803 12.57 -52.22 -9.75
N LYS C 804 13.65 -52.37 -10.50
CA LYS C 804 13.91 -51.56 -11.68
C LYS C 804 14.70 -52.42 -12.67
N ASN C 805 14.14 -52.58 -13.87
CA ASN C 805 14.59 -53.57 -14.83
C ASN C 805 14.74 -54.93 -14.12
N SER C 806 15.95 -55.48 -14.15
CA SER C 806 16.15 -56.80 -13.58
C SER C 806 16.60 -56.71 -12.10
N TYR C 807 16.85 -55.49 -11.61
CA TYR C 807 17.65 -55.32 -10.41
C TYR C 807 16.93 -54.41 -9.41
N TYR C 808 17.61 -54.10 -8.31
CA TYR C 808 17.08 -53.18 -7.32
C TYR C 808 17.92 -51.92 -7.30
N VAL C 809 17.25 -50.80 -6.99
CA VAL C 809 17.91 -49.55 -6.60
C VAL C 809 17.34 -49.15 -5.23
N TYR C 810 17.89 -48.08 -4.65
CA TYR C 810 17.44 -47.74 -3.32
C TYR C 810 17.21 -46.24 -3.24
N PRO C 811 16.11 -45.81 -2.57
CA PRO C 811 15.83 -44.38 -2.38
C PRO C 811 16.78 -43.82 -1.34
N GLY C 812 17.21 -42.57 -1.56
CA GLY C 812 17.95 -41.81 -0.56
C GLY C 812 17.01 -41.26 0.50
N GLN C 813 17.47 -40.23 1.20
CA GLN C 813 16.74 -39.64 2.32
C GLN C 813 15.37 -39.17 1.85
N PHE C 814 14.34 -39.50 2.63
CA PHE C 814 12.97 -39.06 2.40
C PHE C 814 12.40 -39.64 1.10
N SER C 815 13.14 -40.56 0.49
CA SER C 815 12.77 -41.20 -0.78
C SER C 815 12.34 -40.16 -1.82
N TYR C 816 13.06 -39.04 -1.90
CA TYR C 816 12.80 -38.09 -2.98
C TYR C 816 13.60 -38.45 -4.22
N ARG C 817 14.75 -39.10 -4.03
CA ARG C 817 15.67 -39.45 -5.12
C ARG C 817 16.49 -40.69 -4.74
N LEU C 818 17.02 -41.38 -5.76
CA LEU C 818 17.84 -42.57 -5.55
C LEU C 818 19.21 -42.16 -5.00
N ALA C 819 19.90 -43.13 -4.38
CA ALA C 819 21.27 -42.92 -3.92
C ALA C 819 21.98 -44.27 -3.75
N ASP C 820 23.28 -44.30 -4.05
CA ASP C 820 24.03 -45.54 -4.01
C ASP C 820 25.06 -45.54 -2.89
N ASP C 821 25.05 -44.50 -2.05
CA ASP C 821 26.09 -44.24 -1.06
C ASP C 821 25.87 -45.08 0.20
N VAL C 822 26.84 -44.99 1.12
CA VAL C 822 26.81 -45.77 2.35
C VAL C 822 25.79 -45.15 3.31
N TYR C 823 25.79 -43.81 3.44
CA TYR C 823 24.94 -43.06 4.36
C TYR C 823 23.45 -43.33 4.17
N THR C 824 22.98 -43.39 2.91
CA THR C 824 21.54 -43.47 2.68
C THR C 824 21.21 -44.49 1.59
N GLY C 825 22.20 -44.79 0.74
CA GLY C 825 21.92 -45.49 -0.49
C GLY C 825 22.19 -46.97 -0.36
N SER C 826 22.23 -47.64 -1.52
CA SER C 826 22.24 -49.09 -1.56
C SER C 826 23.50 -49.69 -0.95
N SER C 827 24.63 -48.98 -0.98
CA SER C 827 25.88 -49.50 -0.44
C SER C 827 25.77 -49.71 1.08
N GLY C 828 25.12 -48.77 1.75
CA GLY C 828 24.88 -48.87 3.17
C GLY C 828 24.13 -50.15 3.49
N ILE C 829 23.12 -50.41 2.67
CA ILE C 829 22.23 -51.55 2.81
C ILE C 829 22.95 -52.85 2.44
N ILE C 830 23.75 -52.83 1.36
CA ILE C 830 24.47 -54.02 0.96
C ILE C 830 25.37 -54.44 2.11
N LEU C 831 26.06 -53.48 2.71
CA LEU C 831 26.97 -53.74 3.82
C LEU C 831 26.23 -54.34 5.01
N ALA C 832 25.00 -53.87 5.24
CA ALA C 832 24.21 -54.31 6.38
C ALA C 832 23.78 -55.75 6.18
N LEU C 833 23.38 -56.06 4.93
CA LEU C 833 22.88 -57.38 4.59
C LEU C 833 24.02 -58.39 4.65
N MET C 834 25.23 -57.95 4.31
CA MET C 834 26.40 -58.80 4.36
C MET C 834 26.78 -59.05 5.81
N GLY C 835 26.53 -58.05 6.67
CA GLY C 835 26.69 -58.21 8.11
C GLY C 835 25.81 -59.35 8.65
N VAL C 836 24.52 -59.30 8.35
CA VAL C 836 23.58 -60.34 8.72
C VAL C 836 24.16 -61.71 8.39
N ILE C 837 24.48 -61.93 7.10
CA ILE C 837 25.11 -63.16 6.65
C ILE C 837 26.25 -63.52 7.61
N LYS C 838 27.21 -62.61 7.74
CA LYS C 838 28.46 -62.85 8.48
C LYS C 838 28.25 -62.83 10.00
N GLY C 839 27.05 -62.45 10.46
CA GLY C 839 26.80 -62.23 11.87
C GLY C 839 27.77 -61.18 12.43
N ASN C 840 27.98 -60.12 11.66
CA ASN C 840 28.88 -59.03 11.99
C ASN C 840 28.11 -57.70 11.94
N PRO C 841 27.69 -57.15 13.11
CA PRO C 841 27.02 -55.85 13.14
C PRO C 841 27.94 -54.64 12.98
N LEU C 842 29.23 -54.86 12.69
CA LEU C 842 30.18 -53.77 12.49
C LEU C 842 30.65 -53.66 11.04
N TYR C 843 30.01 -54.37 10.12
CA TYR C 843 30.60 -54.57 8.81
C TYR C 843 30.49 -53.30 7.95
N TRP C 844 29.68 -52.34 8.41
CA TRP C 844 29.48 -51.07 7.73
C TRP C 844 30.61 -50.10 8.09
N LEU C 845 31.55 -50.54 8.93
CA LEU C 845 32.70 -49.72 9.30
C LEU C 845 33.80 -49.90 8.24
N PRO C 846 34.44 -48.81 7.76
CA PRO C 846 35.51 -48.94 6.78
C PRO C 846 36.87 -49.22 7.43
N LEU C 847 37.03 -50.48 7.88
CA LEU C 847 38.30 -50.91 8.48
C LEU C 847 39.14 -51.74 7.50
N VAL C 848 40.45 -51.75 7.71
CA VAL C 848 41.40 -52.57 6.99
C VAL C 848 41.01 -54.04 7.20
N ASN C 849 40.97 -54.80 6.09
CA ASN C 849 40.72 -56.24 6.09
C ASN C 849 39.71 -56.60 7.17
N SER C 850 38.54 -55.97 7.10
CA SER C 850 37.48 -56.04 8.08
C SER C 850 36.80 -57.41 8.02
N ASP C 851 37.27 -58.27 7.12
CA ASP C 851 36.75 -59.64 7.03
C ASP C 851 37.49 -60.53 8.03
N GLU C 852 38.61 -60.06 8.57
CA GLU C 852 39.32 -60.79 9.61
C GLU C 852 39.13 -60.12 10.97
N PHE C 853 38.61 -58.89 10.97
CA PHE C 853 38.61 -58.01 12.14
C PHE C 853 37.97 -58.65 13.37
N LEU C 854 36.75 -59.20 13.23
CA LEU C 854 36.05 -59.82 14.35
C LEU C 854 36.89 -60.93 14.97
N ALA C 855 37.43 -61.83 14.14
CA ALA C 855 38.21 -62.98 14.61
C ALA C 855 39.43 -62.49 15.37
N ARG C 856 39.97 -61.33 14.96
CA ARG C 856 41.23 -60.81 15.48
C ARG C 856 41.01 -60.02 16.77
N THR C 857 39.77 -59.59 17.01
CA THR C 857 39.44 -58.82 18.20
C THR C 857 38.73 -59.72 19.21
N LYS C 858 38.34 -60.93 18.82
CA LYS C 858 37.60 -61.80 19.72
C LYS C 858 38.47 -62.14 20.93
N VAL C 859 37.83 -62.50 22.05
CA VAL C 859 38.46 -62.50 23.36
C VAL C 859 39.75 -63.34 23.38
N ASN D 1 -17.00 30.93 -5.37
CA ASN D 1 -17.36 29.46 -5.52
C ASN D 1 -16.58 28.65 -4.49
N MET D 2 -15.34 29.07 -4.21
CA MET D 2 -14.54 28.57 -3.10
C MET D 2 -15.29 28.76 -1.79
N LEU D 3 -16.22 29.73 -1.79
CA LEU D 3 -16.81 30.25 -0.58
C LEU D 3 -17.75 29.21 0.01
N TYR D 4 -18.20 28.29 -0.84
CA TYR D 4 -19.18 27.28 -0.45
C TYR D 4 -18.64 26.41 0.68
N HIS D 5 -17.32 26.19 0.70
CA HIS D 5 -16.62 25.45 1.74
C HIS D 5 -16.94 26.03 3.11
N ARG D 6 -17.07 27.36 3.14
CA ARG D 6 -17.20 28.12 4.37
C ARG D 6 -18.57 27.89 4.98
N TYR D 7 -19.51 27.35 4.18
CA TYR D 7 -20.90 27.34 4.62
C TYR D 7 -21.41 25.93 4.90
N LEU D 8 -20.48 24.97 4.98
CA LEU D 8 -20.81 23.57 5.22
C LEU D 8 -20.74 23.24 6.71
N LYS D 9 -21.47 24.02 7.55
CA LYS D 9 -21.65 23.65 8.93
C LYS D 9 -21.95 22.16 8.99
N PRO D 10 -21.13 21.35 9.70
CA PRO D 10 -21.43 19.92 9.89
C PRO D 10 -22.77 19.70 10.59
N ASN D 11 -23.49 18.67 10.14
CA ASN D 11 -24.74 18.20 10.73
C ASN D 11 -25.96 18.92 10.18
N SER D 12 -25.77 19.90 9.27
CA SER D 12 -26.88 20.70 8.78
C SER D 12 -27.13 20.36 7.32
N GLU D 13 -28.40 20.46 6.92
CA GLU D 13 -28.77 20.18 5.54
C GLU D 13 -28.77 21.46 4.71
N TYR D 14 -28.49 22.60 5.38
CA TYR D 14 -28.51 23.93 4.79
C TYR D 14 -27.11 24.55 4.82
N TYR D 15 -26.88 25.54 3.95
CA TYR D 15 -25.69 26.37 4.00
C TYR D 15 -25.73 27.22 5.27
N LYS D 16 -24.71 27.07 6.12
CA LYS D 16 -24.64 27.81 7.37
C LYS D 16 -23.18 28.06 7.71
N LYS D 17 -22.88 29.25 8.22
CA LYS D 17 -21.51 29.67 8.50
C LYS D 17 -20.89 28.71 9.53
N ILE D 18 -19.78 28.04 9.11
CA ILE D 18 -18.83 27.36 9.98
C ILE D 18 -18.24 28.37 10.94
N GLU D 19 -18.59 28.24 12.23
CA GLU D 19 -18.07 29.16 13.23
C GLU D 19 -16.74 28.63 13.77
N VAL D 20 -16.05 29.48 14.52
CA VAL D 20 -14.65 29.28 14.85
C VAL D 20 -14.55 28.42 16.12
N ILE D 26 -4.55 32.26 19.96
CA ILE D 26 -4.95 33.60 19.45
C ILE D 26 -3.80 34.59 19.66
N TYR D 27 -4.04 35.83 19.25
CA TYR D 27 -3.11 36.94 19.36
C TYR D 27 -3.77 38.05 20.18
N GLU D 28 -3.07 38.52 21.22
CA GLU D 28 -3.64 39.48 22.15
C GLU D 28 -2.51 40.32 22.74
N LEU D 29 -2.51 40.42 24.07
CA LEU D 29 -1.42 40.95 24.88
C LEU D 29 -2.00 41.65 26.11
N ASN D 30 -1.30 41.46 27.24
CA ASN D 30 -1.52 42.24 28.45
C ASN D 30 -0.62 43.47 28.41
N ASP D 31 -0.84 44.37 29.37
CA ASP D 31 -0.10 45.62 29.49
C ASP D 31 -0.31 46.43 28.21
N ILE D 32 -1.56 46.47 27.76
CA ILE D 32 -2.01 47.35 26.70
C ILE D 32 -2.23 48.73 27.33
N PRO D 33 -1.38 49.73 27.02
CA PRO D 33 -1.40 51.00 27.74
C PRO D 33 -2.76 51.71 27.67
N ASP D 34 -3.09 52.44 28.74
CA ASP D 34 -4.37 53.09 28.92
C ASP D 34 -4.58 54.15 27.83
N THR D 35 -3.45 54.55 27.22
CA THR D 35 -3.41 55.56 26.17
C THR D 35 -3.87 54.94 24.85
N TYR D 36 -4.45 53.73 24.91
CA TYR D 36 -4.88 53.02 23.72
C TYR D 36 -6.35 52.69 23.84
N ALA D 37 -7.08 52.88 22.73
CA ALA D 37 -8.36 52.20 22.52
C ALA D 37 -8.11 50.99 21.62
N VAL D 38 -8.77 49.87 21.94
CA VAL D 38 -8.64 48.65 21.15
C VAL D 38 -9.96 48.41 20.44
N PHE D 39 -9.89 48.31 19.11
CA PHE D 39 -11.09 48.11 18.30
C PHE D 39 -11.13 46.72 17.66
N LEU D 40 -12.36 46.23 17.48
CA LEU D 40 -12.68 44.90 17.01
C LEU D 40 -13.90 45.01 16.10
N ASP D 41 -13.73 44.81 14.79
CA ASP D 41 -14.87 44.63 13.91
C ASP D 41 -15.10 43.13 13.76
N ASN D 42 -16.34 42.68 14.01
CA ASN D 42 -16.66 41.27 14.00
C ASN D 42 -16.71 40.74 12.57
N GLU D 43 -17.05 41.62 11.61
CA GLU D 43 -17.04 41.28 10.19
C GLU D 43 -15.75 41.76 9.53
N SER D 44 -14.74 42.08 10.35
CA SER D 44 -13.42 42.41 9.85
C SER D 44 -12.48 41.21 9.99
N VAL D 45 -11.18 41.48 9.91
CA VAL D 45 -10.13 40.50 10.11
C VAL D 45 -9.10 41.15 11.03
N TRP D 46 -9.15 42.48 11.07
CA TRP D 46 -8.14 43.30 11.72
C TRP D 46 -8.52 43.56 13.17
N LYS D 47 -7.50 43.78 14.00
CA LYS D 47 -7.65 44.32 15.34
C LYS D 47 -6.85 45.63 15.40
N HIS D 48 -7.59 46.75 15.53
CA HIS D 48 -7.03 48.09 15.48
C HIS D 48 -6.54 48.50 16.86
N TYR D 49 -5.28 48.93 16.93
CA TYR D 49 -4.75 49.56 18.13
C TYR D 49 -4.60 51.05 17.87
N HIS D 50 -5.51 51.83 18.45
CA HIS D 50 -5.59 53.27 18.22
C HIS D 50 -5.05 54.02 19.43
N VAL D 51 -4.29 55.09 19.15
CA VAL D 51 -3.60 55.86 20.16
C VAL D 51 -4.49 57.02 20.61
N LYS D 52 -4.55 57.20 21.95
CA LYS D 52 -4.95 58.43 22.61
C LYS D 52 -6.26 58.95 22.04
N GLY D 53 -6.27 60.27 21.82
CA GLY D 53 -7.05 60.99 20.84
C GLY D 53 -6.07 61.86 20.04
N SER D 54 -5.80 61.44 18.80
CA SER D 54 -4.75 62.04 18.01
C SER D 54 -5.14 62.04 16.54
N THR D 55 -4.16 62.36 15.68
CA THR D 55 -4.44 62.80 14.32
C THR D 55 -3.53 62.05 13.34
N LEU D 56 -4.10 61.04 12.67
CA LEU D 56 -3.43 60.32 11.62
C LEU D 56 -3.75 60.97 10.28
N PRO D 57 -2.80 61.03 9.32
CA PRO D 57 -3.11 61.48 7.96
C PRO D 57 -4.15 60.62 7.24
N GLU D 58 -4.69 61.20 6.17
CA GLU D 58 -5.63 60.60 5.22
C GLU D 58 -5.07 59.29 4.67
N GLN D 59 -3.75 59.25 4.50
CA GLN D 59 -3.07 58.30 3.63
C GLN D 59 -1.57 58.57 3.74
N GLY D 60 -0.74 57.68 3.18
CA GLY D 60 0.70 57.90 3.25
C GLY D 60 1.52 56.64 2.98
N TRP D 61 2.78 56.67 3.42
CA TRP D 61 3.65 55.51 3.39
C TRP D 61 3.43 54.65 4.62
N LYS D 62 2.99 53.41 4.41
CA LYS D 62 2.77 52.52 5.54
C LYS D 62 3.68 51.29 5.46
N ILE D 63 3.81 50.64 6.61
CA ILE D 63 4.64 49.46 6.81
C ILE D 63 3.74 48.25 7.02
N HIS D 64 4.09 47.14 6.35
CA HIS D 64 3.54 45.82 6.65
C HIS D 64 4.65 44.89 7.15
N VAL D 65 4.37 44.19 8.26
CA VAL D 65 5.22 43.12 8.75
C VAL D 65 4.60 41.79 8.32
N THR D 66 5.40 40.93 7.67
CA THR D 66 4.99 39.55 7.41
C THR D 66 5.58 38.63 8.46
N SER D 67 4.85 37.56 8.78
CA SER D 67 5.31 36.53 9.70
C SER D 67 4.82 35.17 9.21
N SER D 68 5.43 34.10 9.74
CA SER D 68 4.93 32.76 9.45
C SER D 68 3.87 32.40 10.49
N LEU D 69 3.11 31.33 10.22
CA LEU D 69 1.99 30.93 11.06
C LEU D 69 2.44 30.74 12.52
N GLU D 70 3.62 30.14 12.70
CA GLU D 70 4.17 29.83 14.01
C GLU D 70 4.75 31.11 14.63
N ASP D 71 5.66 31.77 13.88
CA ASP D 71 6.29 33.01 14.27
C ASP D 71 5.24 33.97 14.81
N SER D 72 4.22 34.22 13.96
CA SER D 72 3.03 35.00 14.25
C SER D 72 3.01 35.50 15.68
N LYS D 73 2.86 34.54 16.61
CA LYS D 73 2.53 34.85 17.99
C LYS D 73 3.67 35.62 18.65
N ASP D 74 4.90 35.29 18.26
CA ASP D 74 6.09 35.93 18.83
C ASP D 74 6.30 37.27 18.14
N VAL D 75 6.14 37.27 16.81
CA VAL D 75 6.39 38.43 15.97
C VAL D 75 5.47 39.58 16.40
N LEU D 76 4.23 39.26 16.80
CA LEU D 76 3.27 40.29 17.17
C LEU D 76 3.67 40.91 18.51
N ASP D 77 4.04 40.06 19.48
CA ASP D 77 4.52 40.51 20.77
C ASP D 77 5.73 41.43 20.60
N LYS D 78 6.50 41.22 19.53
CA LYS D 78 7.72 41.98 19.31
C LYS D 78 7.41 43.37 18.75
N VAL D 79 6.55 43.42 17.72
CA VAL D 79 6.28 44.67 17.03
C VAL D 79 5.26 45.48 17.81
N ALA D 80 4.31 44.80 18.43
CA ALA D 80 3.24 45.45 19.17
C ALA D 80 3.81 46.22 20.36
N ARG D 81 4.89 45.71 20.94
CA ARG D 81 5.51 46.34 22.10
C ARG D 81 6.38 47.51 21.65
N LEU D 82 7.16 47.28 20.59
CA LEU D 82 7.97 48.29 19.92
C LEU D 82 7.05 49.34 19.28
N CYS D 83 5.76 49.31 19.63
CA CYS D 83 4.79 50.22 19.04
C CYS D 83 4.20 51.16 20.09
N ILE D 84 4.46 50.86 21.37
CA ILE D 84 4.27 51.83 22.44
C ILE D 84 5.62 52.42 22.85
N ASP D 85 6.70 51.99 22.20
CA ASP D 85 8.01 52.60 22.37
C ASP D 85 8.00 53.99 21.71
N LYS D 86 7.15 54.17 20.70
CA LYS D 86 7.03 55.44 20.01
C LYS D 86 5.56 55.85 19.89
N LYS D 87 4.69 55.14 20.62
CA LYS D 87 3.26 55.40 20.69
C LYS D 87 2.68 55.53 19.28
N ILE D 88 2.84 54.45 18.51
CA ILE D 88 2.50 54.39 17.10
C ILE D 88 1.22 53.58 16.91
N GLU D 89 0.53 53.80 15.77
CA GLU D 89 -0.77 53.24 15.48
C GLU D 89 -0.64 52.06 14.51
N PHE D 90 -1.33 50.95 14.84
CA PHE D 90 -1.19 49.71 14.11
C PHE D 90 -2.45 48.84 14.26
N LYS D 91 -2.58 47.89 13.33
CA LYS D 91 -3.60 46.85 13.31
C LYS D 91 -2.95 45.52 12.96
N HIS D 92 -3.54 44.42 13.44
CA HIS D 92 -3.11 43.07 13.08
C HIS D 92 -4.31 42.15 12.93
N LEU D 93 -4.11 41.04 12.19
CA LEU D 93 -5.11 40.00 12.02
C LEU D 93 -5.54 39.47 13.38
N LYS D 94 -6.86 39.41 13.59
CA LYS D 94 -7.41 39.34 14.94
C LYS D 94 -7.17 37.96 15.56
N ASP D 95 -7.09 36.91 14.74
CA ASP D 95 -7.00 35.55 15.24
C ASP D 95 -6.38 34.61 14.19
N LYS D 96 -6.24 33.34 14.59
CA LYS D 96 -5.65 32.28 13.77
C LYS D 96 -6.47 32.07 12.49
N ASP D 97 -7.80 32.03 12.63
CA ASP D 97 -8.69 31.86 11.49
C ASP D 97 -8.42 32.95 10.46
N SER D 98 -8.21 34.18 10.94
CA SER D 98 -7.95 35.32 10.09
C SER D 98 -6.65 35.13 9.29
N PHE D 99 -5.60 34.69 10.00
CA PHE D 99 -4.29 34.46 9.39
C PHE D 99 -4.39 33.43 8.27
N MET D 100 -5.11 32.33 8.55
CA MET D 100 -5.36 31.25 7.62
C MET D 100 -6.01 31.76 6.32
N LYS D 101 -7.05 32.60 6.47
CA LYS D 101 -7.86 33.06 5.34
C LYS D 101 -7.08 33.99 4.44
N MET D 102 -6.17 34.77 5.03
CA MET D 102 -5.44 35.80 4.30
C MET D 102 -4.20 35.23 3.63
N ASN D 103 -3.82 34.01 4.00
CA ASN D 103 -2.56 33.41 3.60
C ASN D 103 -2.79 32.04 2.95
N SER D 104 -4.06 31.60 2.90
CA SER D 104 -4.41 30.29 2.39
C SER D 104 -4.08 30.17 0.90
N LYS D 105 -4.16 28.94 0.37
CA LYS D 105 -3.89 28.65 -1.02
C LYS D 105 -4.67 29.60 -1.92
N ASN D 106 -5.89 29.93 -1.49
CA ASN D 106 -6.81 30.60 -2.40
C ASN D 106 -7.15 32.01 -1.93
N ALA D 107 -6.23 32.64 -1.19
CA ALA D 107 -6.34 34.05 -0.88
C ALA D 107 -5.86 34.86 -2.08
N ASN D 108 -6.33 36.11 -2.17
CA ASN D 108 -5.94 36.99 -3.27
C ASN D 108 -4.47 37.34 -3.12
N ARG D 109 -3.76 37.35 -4.25
CA ARG D 109 -2.33 37.54 -4.30
C ARG D 109 -1.96 38.93 -3.78
N ALA D 110 -2.83 39.91 -4.09
CA ALA D 110 -2.59 41.31 -3.83
C ALA D 110 -2.56 41.62 -2.33
N SER D 111 -3.08 40.71 -1.51
CA SER D 111 -3.46 41.09 -0.15
C SER D 111 -2.77 40.23 0.90
N SER D 112 -2.20 39.09 0.47
CA SER D 112 -1.70 38.06 1.38
C SER D 112 -0.39 38.48 2.03
N GLY D 113 -0.05 37.83 3.15
CA GLY D 113 1.20 38.05 3.86
C GLY D 113 1.11 39.23 4.82
N LYS D 114 0.12 40.10 4.60
CA LYS D 114 -0.01 41.33 5.36
C LYS D 114 -0.51 40.98 6.76
N PHE D 115 0.42 40.81 7.72
CA PHE D 115 0.02 40.38 9.06
C PHE D 115 -0.25 41.56 9.98
N ILE D 116 0.70 42.50 10.04
CA ILE D 116 0.55 43.71 10.83
C ILE D 116 0.69 44.90 9.89
N THR D 117 -0.22 45.89 10.02
CA THR D 117 -0.04 47.14 9.31
C THR D 117 0.33 48.23 10.32
N ILE D 118 1.28 49.08 9.94
CA ILE D 118 1.82 50.14 10.80
C ILE D 118 1.68 51.48 10.06
N TYR D 119 1.15 52.49 10.78
CA TYR D 119 0.92 53.82 10.23
C TYR D 119 1.78 54.85 10.97
N PRO D 120 2.99 55.19 10.43
CA PRO D 120 3.87 56.15 11.09
C PRO D 120 3.39 57.61 11.17
N THR D 121 3.81 58.42 10.18
CA THR D 121 3.81 59.88 10.23
C THR D 121 5.05 60.36 9.46
N ASN D 122 5.00 61.62 9.01
CA ASN D 122 5.83 62.11 7.91
C ASN D 122 7.15 61.34 7.85
N ASN D 123 7.19 60.41 6.89
CA ASN D 123 8.33 59.92 6.13
C ASN D 123 9.59 59.67 6.98
N GLU D 124 9.77 60.44 8.05
CA GLU D 124 10.95 60.31 8.88
C GLU D 124 10.78 59.11 9.81
N VAL D 125 9.66 59.09 10.54
CA VAL D 125 9.34 57.97 11.42
C VAL D 125 9.06 56.71 10.60
N PHE D 126 8.79 56.89 9.31
CA PHE D 126 8.66 55.78 8.38
C PHE D 126 10.03 55.17 8.16
N VAL D 127 10.92 55.95 7.54
CA VAL D 127 12.29 55.56 7.21
C VAL D 127 13.07 55.36 8.49
N GLU D 128 12.37 55.02 9.57
CA GLU D 128 12.98 54.84 10.87
C GLU D 128 12.27 53.71 11.61
N LEU D 129 11.01 53.45 11.26
CA LEU D 129 10.40 52.21 11.70
C LEU D 129 10.91 51.07 10.83
N LEU D 130 11.09 51.35 9.53
CA LEU D 130 11.78 50.42 8.64
C LEU D 130 13.02 49.91 9.35
N GLU D 131 13.77 50.83 9.98
CA GLU D 131 15.00 50.51 10.69
C GLU D 131 14.70 49.71 11.97
N MET D 132 13.96 50.33 12.90
CA MET D 132 13.87 49.87 14.27
C MET D 132 13.02 48.60 14.36
N ILE D 133 12.49 48.13 13.23
CA ILE D 133 11.62 46.96 13.23
C ILE D 133 12.36 45.76 12.62
N SER D 134 13.12 45.99 11.54
CA SER D 134 14.01 44.96 11.02
C SER D 134 14.72 44.28 12.18
N LEU D 135 15.20 45.10 13.13
CA LEU D 135 16.10 44.71 14.20
C LEU D 135 15.39 43.78 15.19
N ALA D 136 14.19 44.19 15.62
CA ALA D 136 13.46 43.50 16.68
C ALA D 136 12.93 42.16 16.18
N ILE D 137 12.90 41.98 14.86
CA ILE D 137 12.35 40.78 14.27
C ILE D 137 13.37 40.16 13.31
N GLN D 138 14.66 40.20 13.71
CA GLN D 138 15.73 39.75 12.82
C GLN D 138 16.07 38.28 13.06
N ASP D 139 15.80 37.78 14.27
CA ASP D 139 15.98 36.37 14.58
C ASP D 139 14.66 35.62 14.42
N PHE D 140 14.10 35.68 13.20
CA PHE D 140 12.81 35.07 12.92
C PHE D 140 12.75 34.54 11.49
N LYS D 141 12.13 33.37 11.37
CA LYS D 141 11.89 32.67 10.12
C LYS D 141 11.19 33.61 9.13
N LYS D 142 11.77 33.71 7.93
CA LYS D 142 11.30 34.62 6.91
C LYS D 142 9.93 34.18 6.42
N GLY D 143 8.91 35.02 6.72
CA GLY D 143 7.51 34.70 6.43
C GLY D 143 7.11 35.00 4.98
N PRO D 144 5.80 34.86 4.62
CA PRO D 144 5.37 35.04 3.24
C PRO D 144 5.62 36.46 2.70
N TYR D 145 6.13 36.51 1.47
CA TYR D 145 6.44 37.76 0.78
C TYR D 145 5.15 38.42 0.32
N ILE D 146 5.03 39.74 0.58
CA ILE D 146 3.90 40.54 0.15
C ILE D 146 4.17 41.03 -1.27
N LEU D 147 3.28 40.69 -2.21
CA LEU D 147 3.51 40.96 -3.63
C LEU D 147 3.08 42.38 -4.01
N ASN D 148 2.30 43.03 -3.15
CA ASN D 148 1.73 44.34 -3.45
C ASN D 148 2.70 45.43 -2.97
N ASP D 149 3.67 45.03 -2.13
CA ASP D 149 4.57 45.96 -1.49
C ASP D 149 5.98 45.76 -2.04
N LYS D 150 6.88 46.67 -1.62
CA LYS D 150 8.31 46.52 -1.79
C LYS D 150 8.88 45.91 -0.52
N ARG D 151 9.87 45.03 -0.69
CA ARG D 151 10.53 44.43 0.45
C ARG D 151 11.62 45.39 0.93
N TRP D 152 11.77 45.50 2.26
CA TRP D 152 12.86 46.31 2.78
C TRP D 152 14.04 45.42 3.11
N LYS D 153 15.10 45.61 2.32
CA LYS D 153 16.35 44.89 2.41
C LYS D 153 16.08 43.38 2.38
N ASN D 154 16.31 42.72 3.50
CA ASN D 154 16.27 41.27 3.59
C ASN D 154 15.32 40.86 4.71
N SER D 155 14.32 41.70 5.00
CA SER D 155 13.54 41.49 6.20
C SER D 155 12.12 41.02 5.86
N ASN D 156 11.37 40.77 6.94
CA ASN D 156 9.94 40.52 6.89
C ASN D 156 9.18 41.86 6.89
N VAL D 157 9.91 42.97 6.70
CA VAL D 157 9.28 44.28 6.72
C VAL D 157 9.10 44.78 5.29
N PHE D 158 7.87 45.22 5.00
CA PHE D 158 7.49 45.67 3.68
C PHE D 158 6.86 47.06 3.79
N TYR D 159 6.87 47.80 2.68
CA TYR D 159 6.29 49.13 2.66
C TYR D 159 5.59 49.37 1.33
N ARG D 160 4.62 50.28 1.38
CA ARG D 160 3.82 50.67 0.24
C ARG D 160 3.19 52.03 0.56
N TYR D 161 2.86 52.78 -0.49
CA TYR D 161 2.06 53.99 -0.33
C TYR D 161 0.60 53.68 -0.67
N GLY D 162 -0.31 54.08 0.24
CA GLY D 162 -1.74 53.91 0.08
C GLY D 162 -2.51 54.49 1.26
N GLY D 163 -3.79 54.16 1.36
CA GLY D 163 -4.70 54.80 2.30
C GLY D 163 -4.53 54.27 3.73
N PHE D 164 -4.83 55.12 4.70
CA PHE D 164 -4.72 54.77 6.11
C PHE D 164 -6.13 54.64 6.71
N LYS D 165 -7.14 54.86 5.87
CA LYS D 165 -8.52 54.89 6.31
C LYS D 165 -9.41 54.70 5.09
N GLY D 166 -10.61 54.16 5.32
CA GLY D 166 -11.62 54.06 4.29
C GLY D 166 -11.91 55.42 3.66
N ILE D 167 -11.78 55.47 2.33
CA ILE D 167 -12.22 56.61 1.53
C ILE D 167 -12.80 56.08 0.22
N PHE D 168 -13.78 55.18 0.37
CA PHE D 168 -14.44 54.49 -0.73
C PHE D 168 -15.23 55.49 -1.57
N ASN D 169 -15.33 55.23 -2.88
CA ASN D 169 -16.01 56.12 -3.80
C ASN D 169 -17.36 55.53 -4.23
N GLU D 170 -17.45 55.16 -5.51
CA GLU D 170 -18.71 54.82 -6.15
C GLU D 170 -18.68 53.38 -6.67
N HIS D 171 -18.61 53.23 -8.00
CA HIS D 171 -18.65 51.93 -8.64
C HIS D 171 -17.23 51.44 -8.95
N GLY D 172 -16.65 50.77 -7.94
CA GLY D 172 -15.29 50.29 -7.97
C GLY D 172 -14.83 49.87 -6.58
N GLU D 173 -13.50 49.75 -6.40
CA GLU D 173 -12.90 49.28 -5.17
C GLU D 173 -13.16 50.27 -4.02
N HIS D 174 -12.84 49.80 -2.80
CA HIS D 174 -12.99 50.57 -1.58
C HIS D 174 -11.74 51.43 -1.33
N CYS D 175 -10.74 51.23 -2.20
CA CYS D 175 -9.44 51.89 -2.07
C CYS D 175 -9.64 53.41 -2.19
N ILE D 176 -9.43 53.96 -3.40
CA ILE D 176 -9.50 55.38 -3.71
C ILE D 176 -8.69 56.21 -2.70
N ARG D 177 -7.80 57.03 -3.25
CA ARG D 177 -6.91 57.89 -2.49
C ARG D 177 -6.75 59.21 -3.26
N ASP D 178 -6.88 60.32 -2.53
CA ASP D 178 -6.90 61.67 -3.08
C ASP D 178 -5.54 62.04 -3.64
N LYS D 179 -5.53 62.44 -4.92
CA LYS D 179 -4.33 62.97 -5.57
C LYS D 179 -4.26 64.48 -5.29
N GLU D 180 -3.25 65.15 -5.86
CA GLU D 180 -3.13 66.60 -5.87
C GLU D 180 -4.35 67.23 -6.57
N GLY D 181 -5.40 67.47 -5.78
CA GLY D 181 -6.73 67.78 -6.28
C GLY D 181 -7.65 66.57 -6.22
N ASN D 182 -7.91 65.97 -7.40
CA ASN D 182 -8.86 64.88 -7.59
C ASN D 182 -8.47 63.68 -6.72
N LEU D 183 -9.35 62.65 -6.68
CA LEU D 183 -9.24 61.55 -5.72
C LEU D 183 -9.21 60.19 -6.43
N ILE D 184 -8.01 59.67 -6.69
CA ILE D 184 -7.75 58.57 -7.62
C ILE D 184 -7.92 57.21 -6.91
N LYS D 185 -7.66 56.12 -7.66
CA LYS D 185 -7.81 54.75 -7.18
C LYS D 185 -6.48 54.22 -6.63
N ASP D 186 -6.58 53.47 -5.53
CA ASP D 186 -5.45 52.82 -4.89
C ASP D 186 -5.31 51.42 -5.47
N GLN D 187 -4.13 51.13 -6.04
CA GLN D 187 -3.91 49.97 -6.89
C GLN D 187 -3.59 48.71 -6.09
N ARG D 188 -4.60 47.84 -5.97
CA ARG D 188 -4.44 46.57 -5.29
C ARG D 188 -4.23 45.47 -6.34
N ASN D 189 -2.97 45.07 -6.52
CA ASN D 189 -2.50 44.22 -7.61
C ASN D 189 -1.31 43.40 -7.11
N PRO D 190 -1.00 42.26 -7.75
CA PRO D 190 0.05 41.37 -7.25
C PRO D 190 1.48 41.83 -7.56
N PHE D 191 1.60 43.09 -8.01
CA PHE D 191 2.89 43.73 -8.19
C PHE D 191 2.92 45.01 -7.37
N TYR D 192 4.03 45.73 -7.45
CA TYR D 192 4.25 46.92 -6.64
C TYR D 192 4.01 48.17 -7.49
N GLN D 193 3.17 49.06 -6.95
CA GLN D 193 2.81 50.31 -7.59
C GLN D 193 3.19 51.48 -6.67
N VAL D 194 3.47 52.65 -7.28
CA VAL D 194 3.40 53.94 -6.61
C VAL D 194 2.90 55.00 -7.59
N PRO D 195 1.91 55.84 -7.19
CA PRO D 195 1.50 56.99 -8.02
C PRO D 195 2.69 57.91 -8.32
N ASP D 196 2.54 58.74 -9.36
CA ASP D 196 3.63 59.56 -9.86
C ASP D 196 3.94 60.71 -8.90
N PHE D 197 2.94 61.12 -8.12
CA PHE D 197 3.00 62.33 -7.31
C PHE D 197 3.81 62.12 -6.04
N VAL D 198 4.16 60.88 -5.73
CA VAL D 198 5.09 60.64 -4.64
C VAL D 198 6.25 59.77 -5.13
N LYS D 199 6.49 59.80 -6.45
CA LYS D 199 7.62 59.16 -7.10
C LYS D 199 8.91 59.64 -6.45
N ASP D 200 8.93 60.92 -6.07
CA ASP D 200 10.04 61.62 -5.42
C ASP D 200 10.60 60.78 -4.26
N PHE D 201 9.72 60.42 -3.32
CA PHE D 201 10.14 59.77 -2.09
C PHE D 201 10.41 58.29 -2.32
N ASP D 202 9.89 57.76 -3.44
CA ASP D 202 10.11 56.37 -3.80
C ASP D 202 11.56 56.16 -4.24
N ASP D 203 12.05 57.07 -5.10
CA ASP D 203 13.43 57.06 -5.57
C ASP D 203 14.38 57.17 -4.37
N TYR D 204 13.99 57.94 -3.36
CA TYR D 204 14.81 58.07 -2.17
C TYR D 204 15.08 56.70 -1.58
N LEU D 205 14.03 55.87 -1.56
CA LEU D 205 14.08 54.56 -0.96
C LEU D 205 14.84 53.58 -1.87
N ASN D 206 15.03 53.95 -3.14
CA ASN D 206 15.70 53.09 -4.10
C ASN D 206 17.21 53.14 -3.93
N THR D 207 17.73 54.19 -3.24
CA THR D 207 19.16 54.25 -3.02
C THR D 207 19.48 54.00 -1.55
N ILE D 208 18.42 53.85 -0.73
CA ILE D 208 18.60 53.54 0.68
C ILE D 208 18.26 52.07 0.91
N ASN D 209 17.53 51.47 -0.05
CA ASN D 209 17.22 50.05 -0.05
C ASN D 209 18.32 49.34 -0.85
N ASN D 210 19.48 49.16 -0.18
CA ASN D 210 20.71 48.62 -0.74
C ASN D 210 20.67 48.58 -2.27
N SER D 220 20.76 30.68 -13.83
CA SER D 220 19.30 30.77 -14.12
C SER D 220 18.83 29.50 -14.81
N ARG D 221 18.39 28.52 -14.01
CA ARG D 221 17.79 27.30 -14.53
C ARG D 221 16.34 27.58 -14.95
N LEU D 222 16.13 28.78 -15.51
CA LEU D 222 14.79 29.24 -15.83
C LEU D 222 14.80 30.04 -17.13
N GLY D 223 16.01 30.40 -17.58
CA GLY D 223 16.24 30.79 -18.95
C GLY D 223 16.38 29.54 -19.81
N LYS D 224 16.54 28.40 -19.12
CA LYS D 224 16.56 27.09 -19.72
C LYS D 224 15.16 26.72 -20.24
N TYR D 225 14.13 27.46 -19.81
CA TYR D 225 12.79 27.41 -20.37
C TYR D 225 12.33 28.82 -20.68
N LYS D 226 11.42 28.94 -21.66
CA LYS D 226 10.77 30.20 -21.98
C LYS D 226 9.29 30.12 -21.59
N ILE D 227 8.90 30.90 -20.58
CA ILE D 227 7.51 31.01 -20.17
C ILE D 227 6.72 31.69 -21.28
N GLU D 228 5.94 30.90 -22.02
CA GLU D 228 5.17 31.41 -23.15
C GLU D 228 3.84 31.99 -22.65
N THR D 229 3.40 31.51 -21.47
CA THR D 229 2.16 31.96 -20.84
C THR D 229 1.95 31.24 -19.52
N ALA D 230 1.09 31.83 -18.67
CA ALA D 230 0.72 31.25 -17.39
C ALA D 230 -0.70 30.68 -17.50
N LEU D 231 -0.86 29.45 -17.01
CA LEU D 231 -2.16 28.78 -17.04
C LEU D 231 -3.02 29.37 -15.93
N SER D 232 -2.67 29.01 -14.69
CA SER D 232 -3.35 29.47 -13.50
C SER D 232 -2.40 30.29 -12.63
N PHE D 233 -2.98 31.07 -11.71
CA PHE D 233 -2.26 31.68 -10.60
C PHE D 233 -2.99 31.34 -9.31
N SER D 234 -2.22 31.12 -8.23
CA SER D 234 -2.78 31.00 -6.89
C SER D 234 -1.81 31.62 -5.89
N ASN D 235 -2.27 31.85 -4.66
CA ASN D 235 -1.46 32.51 -3.64
C ASN D 235 -0.13 31.77 -3.52
N ALA D 236 -0.24 30.44 -3.44
CA ALA D 236 0.88 29.53 -3.28
C ALA D 236 1.89 29.67 -4.43
N GLY D 237 1.41 30.19 -5.57
CA GLY D 237 2.27 30.48 -6.71
C GLY D 237 1.52 30.33 -8.02
N GLY D 238 2.28 30.36 -9.12
CA GLY D 238 1.71 30.21 -10.45
C GLY D 238 1.87 28.79 -10.99
N VAL D 239 1.39 28.60 -12.23
CA VAL D 239 1.62 27.44 -13.06
C VAL D 239 1.76 27.94 -14.50
N TYR D 240 2.89 27.60 -15.14
CA TYR D 240 3.25 28.28 -16.38
C TYR D 240 3.47 27.25 -17.49
N LEU D 241 3.08 27.64 -18.71
CA LEU D 241 3.23 26.82 -19.91
C LEU D 241 4.55 27.18 -20.60
N ALA D 242 5.59 26.40 -20.30
CA ALA D 242 6.93 26.68 -20.81
C ALA D 242 7.24 25.86 -22.07
N THR D 243 8.37 26.20 -22.70
CA THR D 243 8.95 25.49 -23.84
C THR D 243 10.47 25.55 -23.77
N ARG D 244 11.09 24.40 -23.49
CA ARG D 244 12.54 24.23 -23.41
C ARG D 244 13.16 24.57 -24.77
N LYS D 245 14.07 25.55 -24.77
CA LYS D 245 14.74 26.03 -25.98
C LYS D 245 15.79 25.05 -26.47
N LYS D 246 15.99 25.06 -27.80
CA LYS D 246 16.68 24.05 -28.58
C LYS D 246 16.23 22.65 -28.16
N ASP D 247 14.90 22.50 -28.06
CA ASP D 247 14.24 21.26 -27.65
C ASP D 247 12.78 21.31 -28.10
N ASN D 248 11.98 22.11 -27.36
CA ASN D 248 10.62 22.51 -27.70
C ASN D 248 9.63 21.75 -26.83
N LEU D 249 10.15 21.05 -25.81
CA LEU D 249 9.37 20.25 -24.88
C LEU D 249 8.53 21.17 -24.01
N LYS D 250 7.26 21.34 -24.41
CA LYS D 250 6.24 21.97 -23.58
C LYS D 250 6.18 21.29 -22.22
N VAL D 251 6.15 22.11 -21.17
CA VAL D 251 6.12 21.62 -19.80
C VAL D 251 5.21 22.50 -18.95
N ILE D 252 5.00 22.04 -17.71
CA ILE D 252 4.30 22.75 -16.65
C ILE D 252 5.34 23.09 -15.58
N ILE D 253 5.49 24.38 -15.31
CA ILE D 253 6.29 24.80 -14.17
C ILE D 253 5.33 25.18 -13.04
N LYS D 254 5.58 24.62 -11.85
CA LYS D 254 4.76 24.78 -10.67
C LYS D 254 5.53 25.56 -9.61
N GLU D 255 5.27 26.88 -9.54
CA GLU D 255 5.93 27.80 -8.65
C GLU D 255 5.48 27.54 -7.22
N ALA D 256 6.33 27.87 -6.24
CA ALA D 256 5.98 27.67 -4.85
C ALA D 256 6.69 28.68 -3.95
N ARG D 257 5.95 29.72 -3.55
CA ARG D 257 6.45 30.74 -2.65
C ARG D 257 6.43 30.19 -1.22
N PRO D 258 7.58 30.17 -0.51
CA PRO D 258 7.63 29.61 0.85
C PRO D 258 6.85 30.44 1.86
N SER D 259 6.13 29.71 2.74
CA SER D 259 5.34 30.27 3.83
C SER D 259 4.03 30.86 3.30
N ALA D 260 3.81 30.77 1.99
CA ALA D 260 2.58 31.22 1.34
C ALA D 260 1.50 30.13 1.39
N GLY D 261 0.66 30.12 0.33
CA GLY D 261 -0.57 29.35 0.19
C GLY D 261 -0.77 28.24 1.21
N LEU D 262 -1.14 28.64 2.43
CA LEU D 262 -1.39 27.70 3.52
C LEU D 262 -2.66 26.91 3.24
N ASP D 263 -2.67 25.66 3.70
CA ASP D 263 -3.86 24.83 3.70
C ASP D 263 -4.25 24.59 5.16
N GLY D 264 -5.19 23.66 5.36
CA GLY D 264 -5.80 23.45 6.67
C GLY D 264 -4.98 22.56 7.60
N ALA D 265 -3.80 22.13 7.11
CA ALA D 265 -2.91 21.27 7.88
C ALA D 265 -1.66 22.04 8.31
N ALA D 266 -1.69 23.37 8.12
CA ALA D 266 -0.61 24.29 8.44
C ALA D 266 0.52 24.12 7.43
N GLN D 267 0.25 23.35 6.36
CA GLN D 267 1.23 23.07 5.34
C GLN D 267 1.28 24.24 4.36
N ASP D 268 2.50 24.66 4.02
CA ASP D 268 2.70 25.75 3.10
C ASP D 268 2.89 25.21 1.68
N ALA D 269 3.14 26.09 0.73
CA ALA D 269 3.28 25.73 -0.68
C ALA D 269 4.63 25.06 -0.92
N LEU D 270 5.46 25.00 0.13
CA LEU D 270 6.76 24.36 0.05
C LEU D 270 6.58 22.91 0.48
N ALA D 271 6.03 22.73 1.70
CA ALA D 271 5.72 21.42 2.26
C ALA D 271 5.05 20.55 1.19
N ARG D 272 3.97 21.09 0.60
CA ARG D 272 3.13 20.37 -0.34
C ARG D 272 3.82 20.17 -1.67
N GLN D 273 4.72 21.08 -2.05
CA GLN D 273 5.42 20.95 -3.32
C GLN D 273 6.49 19.85 -3.19
N LYS D 274 7.02 19.71 -1.97
CA LYS D 274 7.86 18.58 -1.63
C LYS D 274 6.98 17.35 -1.79
N ILE D 275 5.93 17.29 -0.97
CA ILE D 275 5.07 16.13 -0.82
C ILE D 275 4.70 15.57 -2.20
N GLU D 276 4.53 16.47 -3.17
CA GLU D 276 4.31 16.09 -4.56
C GLU D 276 5.67 15.75 -5.21
N TYR D 277 6.60 15.24 -4.39
CA TYR D 277 7.91 14.83 -4.88
C TYR D 277 8.25 13.43 -4.38
N ASP D 278 8.25 13.26 -3.04
CA ASP D 278 8.31 11.93 -2.42
C ASP D 278 6.95 11.24 -2.54
N ALA D 279 6.33 11.45 -3.70
CA ALA D 279 5.09 10.79 -4.11
C ALA D 279 5.01 10.78 -5.63
N LEU D 280 5.74 11.70 -6.28
CA LEU D 280 5.75 11.77 -7.73
C LEU D 280 6.92 10.94 -8.25
N LYS D 281 7.92 10.75 -7.39
CA LYS D 281 9.10 9.96 -7.74
C LYS D 281 8.81 8.48 -7.52
N LYS D 282 8.05 8.14 -6.48
CA LYS D 282 7.60 6.78 -6.24
C LYS D 282 6.79 6.27 -7.44
N LEU D 283 6.28 7.21 -8.24
CA LEU D 283 5.38 6.90 -9.35
C LEU D 283 5.94 7.48 -10.65
N LYS D 284 7.28 7.53 -10.75
CA LYS D 284 7.96 7.99 -11.96
C LYS D 284 7.86 6.92 -13.05
N ASP D 285 7.60 5.69 -12.60
CA ASP D 285 7.38 4.52 -13.44
C ASP D 285 5.92 4.49 -13.89
N VAL D 286 5.00 4.29 -12.93
CA VAL D 286 3.57 4.18 -13.21
C VAL D 286 3.20 5.30 -14.19
N SER D 287 2.79 4.89 -15.39
CA SER D 287 2.78 5.79 -16.55
C SER D 287 1.39 6.39 -16.75
N GLY D 288 0.51 6.18 -15.76
CA GLY D 288 -0.66 7.03 -15.58
C GLY D 288 -0.25 8.37 -14.98
N VAL D 289 0.47 8.29 -13.86
CA VAL D 289 1.05 9.43 -13.17
C VAL D 289 1.94 10.21 -14.13
N VAL D 290 2.14 11.49 -13.82
CA VAL D 290 2.88 12.41 -14.66
C VAL D 290 4.34 12.37 -14.19
N ASN D 291 5.26 12.53 -15.14
CA ASN D 291 6.66 12.34 -14.79
C ASN D 291 7.37 13.69 -14.77
N LEU D 292 8.18 13.89 -13.72
CA LEU D 292 8.73 15.18 -13.37
C LEU D 292 10.13 15.30 -13.97
N ILE D 293 10.47 16.51 -14.41
CA ILE D 293 11.72 16.73 -15.13
C ILE D 293 12.80 17.17 -14.15
N GLU D 294 12.58 18.32 -13.49
CA GLU D 294 13.57 18.87 -12.56
C GLU D 294 12.92 19.78 -11.52
N TYR D 295 13.43 19.63 -10.29
CA TYR D 295 13.25 20.54 -9.17
C TYR D 295 14.45 21.47 -9.12
N PHE D 296 14.30 22.65 -8.49
CA PHE D 296 15.39 23.59 -8.27
C PHE D 296 14.86 24.90 -7.70
N GLN D 297 15.68 25.55 -6.86
CA GLN D 297 15.30 26.75 -6.14
C GLN D 297 15.92 27.96 -6.83
N GLU D 298 15.20 28.51 -7.83
CA GLU D 298 15.54 29.83 -8.34
C GLU D 298 15.16 30.90 -7.32
N TRP D 299 15.85 32.04 -7.36
CA TRP D 299 15.68 33.17 -6.43
C TRP D 299 15.35 32.66 -5.04
N GLU D 300 14.19 33.09 -4.50
CA GLU D 300 13.79 32.75 -3.14
C GLU D 300 12.71 31.67 -3.20
N HIS D 301 12.22 31.40 -4.42
CA HIS D 301 11.09 30.52 -4.65
C HIS D 301 11.55 29.05 -4.72
N TYR D 302 10.87 28.28 -5.58
CA TYR D 302 11.06 26.86 -5.81
C TYR D 302 10.19 26.46 -7.01
N PHE D 303 10.73 25.61 -7.89
CA PHE D 303 10.05 25.28 -9.13
C PHE D 303 10.14 23.77 -9.40
N LEU D 304 9.09 23.23 -10.02
CA LEU D 304 9.00 21.82 -10.36
C LEU D 304 8.44 21.70 -11.77
N VAL D 305 9.34 21.44 -12.73
CA VAL D 305 8.92 21.20 -14.10
C VAL D 305 8.34 19.79 -14.21
N GLU D 306 7.16 19.70 -14.83
CA GLU D 306 6.43 18.47 -15.00
C GLU D 306 6.20 18.24 -16.49
N GLU D 307 6.02 16.97 -16.87
CA GLU D 307 5.72 16.55 -18.22
C GLU D 307 4.36 17.14 -18.61
N PHE D 308 4.34 17.88 -19.73
CA PHE D 308 3.10 18.39 -20.28
C PHE D 308 2.32 17.25 -20.92
N ILE D 309 0.98 17.35 -20.81
CA ILE D 309 0.06 16.36 -21.36
C ILE D 309 -1.03 17.08 -22.14
N GLU D 310 -0.98 16.99 -23.48
CA GLU D 310 -2.07 17.47 -24.32
C GLU D 310 -3.31 16.63 -24.04
N GLY D 311 -4.49 17.21 -24.28
CA GLY D 311 -5.75 16.54 -23.97
C GLY D 311 -6.77 17.49 -23.34
N ARG D 312 -7.40 17.03 -22.25
CA ARG D 312 -8.36 17.81 -21.48
C ARG D 312 -8.52 17.19 -20.10
N ASP D 313 -8.84 18.01 -19.10
CA ASP D 313 -9.25 17.44 -17.82
C ASP D 313 -10.69 16.94 -17.96
N LEU D 314 -11.09 16.03 -17.07
CA LEU D 314 -12.35 15.31 -17.25
C LEU D 314 -13.51 16.28 -17.37
N ARG D 315 -13.50 17.32 -16.51
CA ARG D 315 -14.52 18.36 -16.50
C ARG D 315 -14.69 18.94 -17.91
N GLN D 316 -13.55 19.23 -18.56
CA GLN D 316 -13.52 19.86 -19.87
C GLN D 316 -14.02 18.88 -20.94
N TRP D 317 -13.72 17.60 -20.73
CA TRP D 317 -14.17 16.52 -21.61
C TRP D 317 -15.69 16.37 -21.53
N ILE D 318 -16.19 16.26 -20.28
CA ILE D 318 -17.62 16.25 -19.99
C ILE D 318 -18.30 17.41 -20.71
N ALA D 319 -17.75 18.62 -20.51
CA ALA D 319 -18.34 19.83 -21.06
C ALA D 319 -18.49 19.74 -22.57
N GLN D 320 -17.52 19.10 -23.26
CA GLN D 320 -17.51 19.15 -24.71
C GLN D 320 -18.02 17.85 -25.34
N GLU D 321 -17.98 16.74 -24.58
CA GLU D 321 -18.16 15.43 -25.20
C GLU D 321 -19.35 14.65 -24.63
N PHE D 322 -19.68 14.88 -23.36
CA PHE D 322 -20.91 14.31 -22.79
C PHE D 322 -22.08 14.70 -23.68
N PRO D 323 -22.98 13.75 -24.04
CA PRO D 323 -24.07 14.06 -24.96
C PRO D 323 -25.28 14.69 -24.29
N PHE D 324 -25.27 16.02 -24.17
CA PHE D 324 -26.28 16.74 -23.40
C PHE D 324 -27.60 16.80 -24.17
N PHE D 325 -27.51 17.06 -25.47
CA PHE D 325 -28.73 17.21 -26.28
C PHE D 325 -29.30 15.84 -26.64
N GLU D 326 -30.61 15.68 -26.40
CA GLU D 326 -31.35 14.46 -26.69
C GLU D 326 -31.36 14.17 -28.19
N ASP D 327 -30.54 13.18 -28.54
CA ASP D 327 -30.07 12.86 -29.88
C ASP D 327 -30.61 11.50 -30.29
N ASN D 328 -31.79 11.14 -29.76
CA ASN D 328 -32.44 9.86 -29.94
C ASN D 328 -31.45 8.75 -30.31
N ASN D 329 -30.79 8.21 -29.29
CA ASN D 329 -29.89 7.06 -29.41
C ASN D 329 -28.49 7.56 -29.79
N GLY D 330 -27.57 7.44 -28.83
CA GLY D 330 -26.21 7.94 -29.00
C GLY D 330 -25.46 8.04 -27.67
N MET D 331 -26.08 7.51 -26.60
CA MET D 331 -25.48 7.46 -25.28
C MET D 331 -24.60 6.22 -25.19
N SER D 332 -24.87 5.23 -26.04
CA SER D 332 -24.08 4.01 -26.09
C SER D 332 -22.67 4.33 -26.56
N ASN D 333 -22.59 5.26 -27.53
CA ASN D 333 -21.32 5.81 -28.00
C ASN D 333 -20.51 6.24 -26.77
N HIS D 334 -21.16 7.00 -25.89
CA HIS D 334 -20.56 7.56 -24.69
C HIS D 334 -20.37 6.46 -23.64
N ILE D 335 -21.08 5.33 -23.79
CA ILE D 335 -20.99 4.23 -22.84
C ILE D 335 -19.59 3.62 -22.85
N LYS D 336 -19.09 3.33 -24.06
CA LYS D 336 -17.73 2.81 -24.26
C LYS D 336 -16.71 3.71 -23.57
N ASP D 337 -16.92 5.03 -23.67
CA ASP D 337 -15.97 6.01 -23.19
C ASP D 337 -15.90 5.95 -21.68
N VAL D 338 -17.06 6.01 -21.03
CA VAL D 338 -17.09 5.90 -19.58
C VAL D 338 -16.45 4.58 -19.17
N LYS D 339 -16.37 3.65 -20.14
CA LYS D 339 -15.83 2.31 -19.93
C LYS D 339 -14.30 2.35 -20.07
N MET D 340 -13.82 2.76 -21.24
CA MET D 340 -12.39 2.93 -21.49
C MET D 340 -11.73 3.63 -20.31
N ILE D 341 -12.28 4.80 -19.93
CA ILE D 341 -11.69 5.71 -18.95
C ILE D 341 -11.70 5.08 -17.56
N LEU D 342 -12.88 4.64 -17.10
CA LEU D 342 -13.02 4.20 -15.71
C LEU D 342 -12.24 2.91 -15.48
N LEU D 343 -12.09 2.09 -16.52
CA LEU D 343 -11.42 0.82 -16.31
C LEU D 343 -9.91 1.05 -16.12
N GLN D 344 -9.33 1.96 -16.91
CA GLN D 344 -7.97 2.42 -16.67
C GLN D 344 -7.87 2.92 -15.24
N LEU D 345 -8.49 4.08 -14.97
CA LEU D 345 -8.53 4.75 -13.69
C LEU D 345 -8.43 3.73 -12.56
N LEU D 346 -9.10 2.58 -12.74
CA LEU D 346 -9.25 1.56 -11.72
C LEU D 346 -7.94 0.82 -11.50
N ASP D 347 -7.20 0.59 -12.59
CA ASP D 347 -5.84 0.06 -12.50
C ASP D 347 -5.05 1.00 -11.61
N LEU D 348 -5.10 2.29 -12.00
CA LEU D 348 -4.18 3.32 -11.57
C LEU D 348 -4.19 3.44 -10.06
N ILE D 349 -5.36 3.21 -9.44
CA ILE D 349 -5.47 3.37 -8.00
C ILE D 349 -4.97 2.10 -7.31
N ASP D 350 -5.12 0.95 -8.01
CA ASP D 350 -4.47 -0.27 -7.56
C ASP D 350 -2.95 -0.14 -7.73
N SER D 351 -2.53 0.32 -8.92
CA SER D 351 -1.12 0.53 -9.22
C SER D 351 -0.49 1.41 -8.13
N MET D 352 -0.98 2.65 -8.01
CA MET D 352 -0.42 3.65 -7.10
C MET D 352 -0.44 3.10 -5.67
N HIS D 353 -1.48 2.34 -5.33
CA HIS D 353 -1.68 1.87 -3.96
C HIS D 353 -0.75 0.70 -3.64
N ASN D 354 -0.13 0.12 -4.67
CA ASN D 354 0.87 -0.93 -4.51
C ASN D 354 2.23 -0.32 -4.21
N GLN D 355 2.35 0.99 -4.46
CA GLN D 355 3.58 1.75 -4.23
C GLN D 355 3.48 2.48 -2.90
N GLY D 356 2.28 2.50 -2.31
CA GLY D 356 2.03 3.04 -0.98
C GLY D 356 1.50 4.47 -1.01
N VAL D 357 1.38 5.05 -2.21
CA VAL D 357 1.08 6.48 -2.35
C VAL D 357 -0.33 6.68 -2.89
N ALA D 358 -1.19 7.22 -2.03
CA ALA D 358 -2.59 7.51 -2.33
C ALA D 358 -2.74 8.98 -2.73
N MET D 359 -3.40 9.23 -3.87
CA MET D 359 -3.26 10.49 -4.58
C MET D 359 -3.98 11.65 -3.87
N GLY D 360 -4.88 11.33 -2.92
CA GLY D 360 -5.26 12.26 -1.87
C GLY D 360 -6.44 13.17 -2.23
N ASP D 361 -6.59 13.48 -3.52
CA ASP D 361 -7.70 14.30 -3.98
C ASP D 361 -8.11 13.89 -5.39
N LEU D 362 -8.96 12.86 -5.46
CA LEU D 362 -9.36 12.25 -6.72
C LEU D 362 -10.70 12.84 -7.16
N GLN D 363 -10.69 13.57 -8.29
CA GLN D 363 -11.88 14.20 -8.83
C GLN D 363 -11.61 14.63 -10.27
N PRO D 364 -12.67 14.98 -11.05
CA PRO D 364 -12.52 15.23 -12.49
C PRO D 364 -11.59 16.36 -12.93
N ALA D 365 -11.04 17.11 -11.95
CA ALA D 365 -10.12 18.19 -12.24
C ALA D 365 -8.70 17.65 -12.40
N ASN D 366 -8.36 16.68 -11.53
CA ASN D 366 -7.02 16.13 -11.38
C ASN D 366 -6.81 14.88 -12.22
N ILE D 367 -7.68 14.69 -13.23
CA ILE D 367 -7.60 13.53 -14.10
C ILE D 367 -7.83 14.04 -15.51
N MET D 368 -6.94 13.61 -16.41
CA MET D 368 -6.89 14.13 -17.77
C MET D 368 -7.11 12.98 -18.75
N VAL D 369 -7.45 13.35 -19.99
CA VAL D 369 -7.94 12.41 -20.98
C VAL D 369 -7.62 12.94 -22.37
N THR D 370 -6.76 12.19 -23.06
CA THR D 370 -6.25 12.58 -24.37
C THR D 370 -7.30 12.22 -25.42
N GLU D 371 -6.97 12.43 -26.69
CA GLU D 371 -7.82 11.97 -27.78
C GLU D 371 -7.99 10.47 -27.66
N ASP D 372 -6.86 9.77 -27.53
CA ASP D 372 -6.85 8.31 -27.57
C ASP D 372 -7.47 7.79 -26.28
N LEU D 373 -7.94 8.74 -25.45
CA LEU D 373 -8.63 8.46 -24.20
C LEU D 373 -7.71 7.72 -23.24
N THR D 374 -6.50 8.25 -23.06
CA THR D 374 -5.57 7.74 -22.05
C THR D 374 -5.76 8.55 -20.76
N VAL D 375 -5.81 7.84 -19.65
CA VAL D 375 -6.11 8.43 -18.36
C VAL D 375 -4.78 8.76 -17.70
N ARG D 376 -4.43 10.06 -17.75
CA ARG D 376 -3.25 10.61 -17.10
C ARG D 376 -3.69 11.45 -15.91
N ILE D 377 -3.11 11.15 -14.74
CA ILE D 377 -3.35 11.90 -13.52
C ILE D 377 -2.27 12.96 -13.40
N ILE D 378 -2.63 14.13 -12.86
CA ILE D 378 -1.68 15.17 -12.48
C ILE D 378 -1.96 15.55 -11.02
N ASP D 379 -1.24 16.57 -10.51
CA ASP D 379 -1.53 17.23 -9.25
C ASP D 379 -1.43 16.22 -8.10
N PHE D 380 -0.40 16.34 -7.26
CA PHE D 380 -0.14 15.34 -6.23
C PHE D 380 0.14 16.00 -4.88
N GLU D 381 -0.43 17.19 -4.66
CA GLU D 381 -0.06 18.02 -3.51
C GLU D 381 -0.72 17.46 -2.26
N THR D 382 -1.63 16.50 -2.47
CA THR D 382 -2.31 15.82 -1.38
C THR D 382 -1.81 14.38 -1.28
N ALA D 383 -0.97 13.98 -2.24
CA ALA D 383 -0.42 12.63 -2.31
C ALA D 383 0.14 12.25 -0.95
N MET D 384 -0.23 11.05 -0.48
CA MET D 384 -0.10 10.71 0.92
C MET D 384 0.37 9.26 1.09
N PRO D 385 0.60 8.80 2.34
CA PRO D 385 0.74 7.37 2.63
C PRO D 385 -0.60 6.68 2.91
N VAL D 386 -0.92 5.68 2.08
CA VAL D 386 -2.05 4.79 2.33
C VAL D 386 -1.92 4.24 3.75
N ASN D 387 -3.05 4.17 4.47
CA ASN D 387 -3.10 3.66 5.83
C ASN D 387 -2.87 4.77 6.84
N SER D 388 -2.65 6.00 6.34
CA SER D 388 -2.46 7.17 7.19
C SER D 388 -3.79 7.62 7.80
N ASP D 389 -3.78 7.91 9.10
CA ASP D 389 -4.98 8.20 9.86
C ASP D 389 -4.98 9.68 10.22
N ASP D 390 -4.39 10.48 9.32
CA ASP D 390 -4.20 11.90 9.51
C ASP D 390 -5.39 12.63 8.89
N ARG D 391 -5.83 13.69 9.56
CA ARG D 391 -6.77 14.64 8.97
C ARG D 391 -6.24 15.06 7.60
N PRO D 392 -7.06 14.94 6.52
CA PRO D 392 -6.61 15.30 5.18
C PRO D 392 -6.34 16.80 5.04
N ALA D 393 -5.66 17.17 3.94
CA ALA D 393 -5.19 18.53 3.73
C ALA D 393 -6.37 19.42 3.35
N MET D 394 -7.05 19.05 2.26
CA MET D 394 -8.12 19.85 1.69
C MET D 394 -9.06 18.92 0.92
N LEU D 395 -10.34 18.93 1.32
CA LEU D 395 -11.36 18.04 0.76
C LEU D 395 -12.07 18.74 -0.40
N THR D 396 -12.21 18.01 -1.51
CA THR D 396 -13.08 18.40 -2.61
C THR D 396 -14.50 17.87 -2.38
N THR D 397 -15.30 18.68 -1.68
CA THR D 397 -16.72 18.45 -1.46
C THR D 397 -17.34 17.86 -2.73
N GLY D 398 -18.18 16.84 -2.56
CA GLY D 398 -18.81 16.23 -3.71
C GLY D 398 -18.12 14.94 -4.16
N PHE D 399 -16.91 14.73 -3.64
CA PHE D 399 -16.13 13.53 -3.93
C PHE D 399 -15.44 13.05 -2.65
N VAL D 400 -16.02 13.37 -1.50
CA VAL D 400 -15.49 12.97 -0.21
C VAL D 400 -16.64 12.65 0.73
N SER D 401 -16.32 12.12 1.92
CA SER D 401 -17.30 11.79 2.93
C SER D 401 -16.61 11.80 4.29
N HIS D 402 -17.33 12.30 5.31
CA HIS D 402 -16.82 12.52 6.65
C HIS D 402 -16.80 11.21 7.44
N GLU D 403 -16.94 10.07 6.74
CA GLU D 403 -16.95 8.76 7.36
C GLU D 403 -15.69 7.98 7.00
N MET D 404 -14.97 8.44 5.96
CA MET D 404 -13.66 7.91 5.64
C MET D 404 -12.65 8.46 6.66
N LYS D 405 -11.93 7.54 7.30
CA LYS D 405 -10.99 7.90 8.36
C LYS D 405 -9.56 7.89 7.81
N VAL D 406 -9.33 7.05 6.78
CA VAL D 406 -8.01 6.59 6.39
C VAL D 406 -7.75 7.05 4.96
N SER D 407 -6.48 7.37 4.66
CA SER D 407 -6.07 7.85 3.35
C SER D 407 -6.70 7.02 2.25
N GLY D 408 -6.29 5.75 2.15
CA GLY D 408 -6.66 4.88 1.03
C GLY D 408 -8.15 4.86 0.73
N ALA D 409 -8.97 4.79 1.78
CA ALA D 409 -10.42 4.75 1.67
C ALA D 409 -10.90 5.91 0.79
N ARG D 410 -10.43 7.13 1.14
CA ARG D 410 -10.79 8.40 0.52
C ARG D 410 -10.51 8.35 -0.99
N ASP D 411 -9.39 7.74 -1.37
CA ASP D 411 -9.00 7.66 -2.76
C ASP D 411 -10.02 6.86 -3.55
N TRP D 412 -10.55 5.79 -2.93
CA TRP D 412 -11.48 4.90 -3.61
C TRP D 412 -12.86 5.52 -3.66
N PHE D 413 -13.24 6.23 -2.58
CA PHE D 413 -14.52 6.92 -2.55
C PHE D 413 -14.59 7.95 -3.67
N GLY D 414 -13.48 8.64 -3.93
CA GLY D 414 -13.43 9.63 -5.00
C GLY D 414 -13.80 9.01 -6.33
N PHE D 415 -13.17 7.87 -6.62
CA PHE D 415 -13.41 7.08 -7.83
C PHE D 415 -14.87 6.62 -7.87
N LYS D 416 -15.37 6.12 -6.73
CA LYS D 416 -16.73 5.64 -6.59
C LYS D 416 -17.70 6.71 -7.09
N ARG D 417 -17.72 7.87 -6.42
CA ARG D 417 -18.58 9.00 -6.80
C ARG D 417 -18.34 9.40 -8.24
N LEU D 418 -17.08 9.33 -8.70
CA LEU D 418 -16.70 9.71 -10.05
C LEU D 418 -17.20 8.69 -11.07
N VAL D 419 -17.42 7.44 -10.63
CA VAL D 419 -17.96 6.41 -11.50
C VAL D 419 -19.34 6.85 -11.99
N ARG D 420 -20.23 7.18 -11.05
CA ARG D 420 -21.55 7.70 -11.37
C ARG D 420 -21.42 9.05 -12.07
N TYR D 421 -20.50 9.90 -11.57
CA TYR D 421 -20.34 11.25 -12.09
C TYR D 421 -20.14 11.24 -13.61
N LEU D 422 -19.36 10.29 -14.13
CA LEU D 422 -19.07 10.27 -15.55
C LEU D 422 -20.34 9.90 -16.32
N ALA D 423 -21.21 9.14 -15.66
CA ALA D 423 -22.43 8.65 -16.28
C ALA D 423 -23.49 9.75 -16.25
N LEU D 424 -23.68 10.36 -15.06
CA LEU D 424 -24.50 11.55 -14.91
C LEU D 424 -23.71 12.64 -14.18
N PRO D 425 -23.25 13.70 -14.89
CA PRO D 425 -22.39 14.72 -14.31
C PRO D 425 -23.23 15.79 -13.60
N VAL D 426 -23.54 15.50 -12.34
CA VAL D 426 -24.29 16.37 -11.46
C VAL D 426 -23.63 16.27 -10.10
N LEU D 427 -23.07 17.39 -9.62
CA LEU D 427 -22.34 17.36 -8.37
C LEU D 427 -23.32 17.02 -7.26
N THR D 428 -22.78 16.52 -6.15
CA THR D 428 -23.55 16.30 -4.93
C THR D 428 -22.56 16.37 -3.78
N SER D 429 -23.04 16.60 -2.56
CA SER D 429 -22.21 16.49 -1.38
C SER D 429 -22.75 15.38 -0.47
N GLU D 430 -21.88 14.89 0.42
CA GLU D 430 -22.14 13.79 1.34
C GLU D 430 -23.31 14.16 2.25
N ASP D 431 -23.88 15.35 2.06
CA ASP D 431 -24.97 15.81 2.92
C ASP D 431 -26.32 15.51 2.26
N LEU D 432 -26.32 15.41 0.92
CA LEU D 432 -27.54 15.28 0.15
C LEU D 432 -27.52 13.96 -0.64
N GLU D 433 -26.32 13.37 -0.75
CA GLU D 433 -26.07 12.18 -1.54
C GLU D 433 -26.97 11.03 -1.08
N GLY D 434 -27.24 10.99 0.23
CA GLY D 434 -28.21 10.07 0.79
C GLY D 434 -29.51 10.04 -0.02
N TYR D 435 -30.04 11.23 -0.32
CA TYR D 435 -31.32 11.35 -1.00
C TYR D 435 -31.14 11.17 -2.51
N LEU D 436 -30.08 11.74 -3.07
CA LEU D 436 -30.02 11.94 -4.51
C LEU D 436 -29.40 10.72 -5.21
N GLN D 437 -28.75 9.84 -4.45
CA GLN D 437 -28.26 8.60 -5.03
C GLN D 437 -29.42 7.92 -5.75
N TYR D 438 -30.56 7.82 -5.04
CA TYR D 438 -31.80 7.30 -5.59
C TYR D 438 -32.08 8.00 -6.92
N ASN D 439 -32.00 9.33 -6.93
CA ASN D 439 -32.36 10.11 -8.11
C ASN D 439 -31.47 9.73 -9.30
N HIS D 440 -30.15 9.67 -9.09
CA HIS D 440 -29.23 9.53 -10.22
C HIS D 440 -29.20 8.08 -10.73
N LEU D 441 -29.26 7.13 -9.80
CA LEU D 441 -29.21 5.74 -10.24
C LEU D 441 -30.41 5.43 -11.12
N ASN D 442 -31.61 5.88 -10.66
CA ASN D 442 -32.83 5.70 -11.43
C ASN D 442 -32.71 6.40 -12.78
N TRP D 443 -32.08 7.58 -12.79
CA TRP D 443 -31.88 8.32 -14.04
C TRP D 443 -31.03 7.48 -14.99
N ILE D 444 -29.96 6.86 -14.45
CA ILE D 444 -28.97 6.15 -15.25
C ILE D 444 -29.64 4.92 -15.86
N LYS D 445 -30.29 4.14 -15.00
CA LYS D 445 -31.06 2.97 -15.39
C LYS D 445 -31.98 3.33 -16.55
N GLU D 446 -32.58 4.53 -16.48
CA GLU D 446 -33.62 4.95 -17.39
C GLU D 446 -33.06 5.37 -18.75
N ASN D 447 -31.80 5.83 -18.80
CA ASN D 447 -31.32 6.49 -20.00
C ASN D 447 -30.21 5.67 -20.66
N TYR D 448 -29.61 4.77 -19.89
CA TYR D 448 -28.51 3.97 -20.36
C TYR D 448 -28.93 2.52 -20.59
N GLY D 449 -29.79 2.01 -19.70
CA GLY D 449 -30.22 0.62 -19.73
C GLY D 449 -29.81 -0.07 -18.43
N TYR D 450 -30.34 -1.27 -18.18
CA TYR D 450 -30.00 -1.99 -16.97
C TYR D 450 -28.53 -2.44 -16.99
N GLU D 451 -28.03 -2.71 -18.20
CA GLU D 451 -26.66 -3.13 -18.43
C GLU D 451 -25.70 -2.14 -17.78
N PHE D 452 -25.76 -0.88 -18.22
CA PHE D 452 -24.84 0.16 -17.78
C PHE D 452 -25.08 0.47 -16.31
N TYR D 453 -26.35 0.45 -15.87
CA TYR D 453 -26.64 0.64 -14.46
C TYR D 453 -25.84 -0.37 -13.62
N SER D 454 -25.82 -1.64 -14.05
CA SER D 454 -25.23 -2.73 -13.29
C SER D 454 -23.72 -2.57 -13.20
N PHE D 455 -23.09 -2.32 -14.35
CA PHE D 455 -21.69 -1.93 -14.44
C PHE D 455 -21.32 -0.92 -13.36
N ILE D 456 -22.10 0.17 -13.28
CA ILE D 456 -21.86 1.25 -12.33
C ILE D 456 -21.93 0.72 -10.91
N VAL D 457 -23.04 0.04 -10.57
CA VAL D 457 -23.30 -0.38 -9.20
C VAL D 457 -22.15 -1.24 -8.68
N ASP D 458 -21.62 -2.12 -9.55
CA ASP D 458 -20.62 -3.12 -9.21
C ASP D 458 -19.27 -2.46 -8.96
N LEU D 459 -18.84 -1.64 -9.93
CA LEU D 459 -17.62 -0.85 -9.83
C LEU D 459 -17.62 -0.11 -8.49
N GLN D 460 -18.82 0.19 -7.99
CA GLN D 460 -19.02 0.94 -6.76
C GLN D 460 -19.17 -0.01 -5.57
N GLU D 461 -19.47 -1.28 -5.86
CA GLU D 461 -19.43 -2.36 -4.87
C GLU D 461 -17.98 -2.85 -4.76
N LYS D 462 -17.25 -2.75 -5.88
CA LYS D 462 -15.81 -2.94 -5.94
C LYS D 462 -15.12 -1.95 -4.99
N CYS D 463 -15.31 -0.64 -5.27
CA CYS D 463 -14.66 0.45 -4.56
C CYS D 463 -14.98 0.36 -3.07
N ASP D 464 -16.22 -0.04 -2.78
CA ASP D 464 -16.75 -0.23 -1.44
C ASP D 464 -15.88 -1.26 -0.71
N LYS D 465 -15.39 -2.26 -1.45
CA LYS D 465 -14.61 -3.33 -0.88
C LYS D 465 -13.20 -2.85 -0.56
N ARG D 466 -12.57 -2.12 -1.50
CA ARG D 466 -11.21 -1.61 -1.32
C ARG D 466 -11.14 -0.60 -0.16
N ILE D 467 -12.31 -0.30 0.43
CA ILE D 467 -12.41 0.59 1.57
C ILE D 467 -12.56 -0.26 2.84
N LYS D 468 -13.22 -1.40 2.70
CA LYS D 468 -13.33 -2.38 3.79
C LYS D 468 -11.95 -2.93 4.14
N ASP D 469 -11.01 -2.86 3.17
CA ASP D 469 -9.60 -3.14 3.38
C ASP D 469 -8.87 -1.98 4.06
N TYR D 470 -9.62 -1.03 4.64
CA TYR D 470 -9.02 0.02 5.46
C TYR D 470 -9.84 0.24 6.74
N GLN D 471 -11.17 0.16 6.66
CA GLN D 471 -11.94 0.47 7.85
C GLN D 471 -13.31 -0.20 7.88
N THR D 472 -13.74 -0.43 9.12
CA THR D 472 -15.11 -0.70 9.54
C THR D 472 -16.02 0.39 8.96
N PHE D 473 -16.93 -0.02 8.05
CA PHE D 473 -17.76 0.87 7.25
C PHE D 473 -18.85 0.05 6.55
N ILE D 474 -20.09 0.13 7.05
CA ILE D 474 -21.22 -0.56 6.43
C ILE D 474 -21.92 0.37 5.44
N PRO D 475 -21.74 0.14 4.11
CA PRO D 475 -22.33 1.00 3.08
C PRO D 475 -23.81 0.72 2.93
N LYS D 476 -24.62 1.78 2.82
CA LYS D 476 -26.06 1.65 3.02
C LYS D 476 -26.73 1.12 1.76
N GLU D 477 -27.91 0.51 1.94
CA GLU D 477 -28.46 -0.44 0.98
C GLU D 477 -29.50 0.22 0.07
N ILE D 478 -29.69 -0.40 -1.10
CA ILE D 478 -30.43 0.15 -2.24
C ILE D 478 -31.93 0.24 -1.90
N ASN D 479 -32.75 -0.01 -2.93
CA ASN D 479 -34.21 0.12 -2.96
C ASN D 479 -34.61 1.35 -3.75
N LEU D 480 -34.27 1.36 -5.04
CA LEU D 480 -34.56 2.46 -5.95
C LEU D 480 -36.07 2.75 -5.98
N ASN D 481 -36.89 1.71 -5.75
CA ASN D 481 -38.34 1.83 -5.85
C ASN D 481 -38.88 2.83 -4.83
N ASP D 482 -37.99 3.34 -3.97
CA ASP D 482 -38.37 4.21 -2.85
C ASP D 482 -38.55 5.64 -3.36
N GLN D 483 -38.19 5.86 -4.63
CA GLN D 483 -38.09 7.17 -5.24
C GLN D 483 -38.72 7.08 -6.62
N THR D 484 -39.70 7.95 -6.89
CA THR D 484 -40.42 7.95 -8.15
C THR D 484 -40.53 9.38 -8.68
N SER D 485 -40.47 9.50 -10.00
CA SER D 485 -40.65 10.76 -10.69
C SER D 485 -42.06 11.28 -10.48
N ASP D 486 -42.18 12.60 -10.35
CA ASP D 486 -43.46 13.29 -10.27
C ASP D 486 -43.58 14.22 -11.48
N PHE D 487 -44.63 14.02 -12.27
CA PHE D 487 -44.84 14.76 -13.50
C PHE D 487 -46.10 15.61 -13.43
N ASN D 488 -46.74 15.63 -12.26
CA ASN D 488 -47.91 16.45 -12.07
C ASN D 488 -47.50 17.78 -11.46
N LEU D 489 -47.66 18.88 -12.23
CA LEU D 489 -47.18 20.20 -11.87
C LEU D 489 -47.74 20.63 -10.51
N THR D 490 -49.05 20.39 -10.31
CA THR D 490 -49.74 20.78 -9.10
C THR D 490 -49.24 19.96 -7.92
N SER D 491 -48.95 18.69 -8.17
CA SER D 491 -48.38 17.82 -7.15
C SER D 491 -47.03 18.37 -6.68
N ILE D 492 -46.18 18.79 -7.62
CA ILE D 492 -44.85 19.29 -7.30
C ILE D 492 -44.94 20.61 -6.54
N ILE D 493 -45.74 21.56 -7.05
CA ILE D 493 -45.87 22.86 -6.41
C ILE D 493 -46.23 22.64 -4.93
N ASN D 494 -47.36 21.97 -4.69
CA ASN D 494 -47.93 21.76 -3.36
C ASN D 494 -46.90 21.18 -2.40
N LYS D 495 -46.11 20.22 -2.91
CA LYS D 495 -45.19 19.52 -2.06
C LYS D 495 -43.93 20.36 -1.83
N LEU D 496 -43.58 21.22 -2.80
CA LEU D 496 -42.49 22.14 -2.56
C LEU D 496 -42.92 23.21 -1.55
N ILE D 497 -44.15 23.70 -1.66
CA ILE D 497 -44.67 24.68 -0.71
C ILE D 497 -44.60 24.13 0.71
N ILE D 498 -45.19 22.96 0.92
CA ILE D 498 -45.21 22.33 2.23
C ILE D 498 -43.76 22.24 2.73
N GLY D 499 -42.85 21.90 1.82
CA GLY D 499 -41.43 21.86 2.12
C GLY D 499 -40.96 23.19 2.72
N VAL D 500 -41.33 24.30 2.07
CA VAL D 500 -40.86 25.60 2.51
C VAL D 500 -41.47 25.90 3.88
N GLU D 501 -42.77 25.65 4.01
CA GLU D 501 -43.51 25.84 5.25
C GLU D 501 -42.89 25.00 6.37
N SER D 502 -42.22 23.91 5.99
CA SER D 502 -41.64 22.98 6.95
C SER D 502 -40.20 23.37 7.33
N SER D 503 -39.68 24.45 6.76
CA SER D 503 -38.27 24.79 6.96
C SER D 503 -38.06 26.28 7.26
N LEU D 504 -39.13 26.99 7.64
CA LEU D 504 -38.93 28.35 8.12
C LEU D 504 -37.96 28.32 9.30
N THR D 505 -36.76 28.86 9.10
CA THR D 505 -35.98 29.48 10.18
C THR D 505 -36.95 30.37 10.94
N ASN D 506 -36.59 30.83 12.14
CA ASN D 506 -37.40 31.90 12.69
C ASN D 506 -36.50 33.12 12.91
N ASP D 507 -35.41 33.16 12.14
CA ASP D 507 -34.49 34.28 12.14
C ASP D 507 -34.87 35.27 11.02
N GLU D 508 -34.05 36.31 10.87
CA GLU D 508 -34.35 37.46 10.03
C GLU D 508 -34.49 37.07 8.55
N ARG D 509 -33.85 35.96 8.16
CA ARG D 509 -33.75 35.51 6.78
C ARG D 509 -35.08 34.92 6.28
N PHE D 510 -35.89 34.38 7.20
CA PHE D 510 -37.14 33.69 6.91
C PHE D 510 -36.89 32.30 6.31
N ILE D 511 -35.82 32.15 5.53
CA ILE D 511 -35.59 30.88 4.87
C ILE D 511 -34.10 30.66 4.73
N ASN D 512 -33.69 29.40 4.59
CA ASN D 512 -32.32 29.05 4.26
C ASN D 512 -32.14 29.18 2.74
N GLY D 513 -31.22 30.02 2.31
CA GLY D 513 -30.96 30.12 0.89
C GLY D 513 -29.49 29.95 0.59
N ASP D 514 -29.07 30.48 -0.56
CA ASP D 514 -27.71 30.44 -1.05
C ASP D 514 -26.80 31.17 -0.05
N ILE D 515 -25.50 31.09 -0.28
CA ILE D 515 -24.55 31.72 0.62
C ILE D 515 -24.57 33.25 0.45
N ARG D 516 -25.02 33.70 -0.72
CA ARG D 516 -25.17 35.13 -0.98
C ARG D 516 -26.08 35.77 0.09
N GLN D 517 -26.79 34.94 0.84
CA GLN D 517 -27.54 35.43 2.00
C GLN D 517 -26.61 36.11 3.01
N PHE D 518 -25.41 35.55 3.19
CA PHE D 518 -24.47 36.07 4.18
C PHE D 518 -23.38 36.89 3.51
N GLU D 519 -23.14 36.65 2.22
CA GLU D 519 -21.98 37.19 1.55
C GLU D 519 -22.30 38.53 0.85
N MET D 520 -23.58 38.79 0.59
CA MET D 520 -23.94 39.91 -0.27
C MET D 520 -24.88 40.86 0.47
N ASN D 521 -24.67 42.16 0.22
CA ASN D 521 -25.47 43.24 0.78
C ASN D 521 -26.95 42.96 0.57
N GLY D 522 -27.71 42.88 1.67
CA GLY D 522 -29.16 42.80 1.60
C GLY D 522 -29.68 41.38 1.34
N GLY D 523 -28.76 40.42 1.29
CA GLY D 523 -29.06 39.07 0.88
C GLY D 523 -29.99 38.32 1.83
N LYS D 524 -30.13 38.84 3.06
CA LYS D 524 -31.02 38.20 4.02
C LYS D 524 -32.46 38.61 3.76
N PHE D 525 -32.68 39.63 2.92
CA PHE D 525 -34.01 40.22 2.86
C PHE D 525 -34.56 40.22 1.45
N ASN D 526 -33.68 40.35 0.47
CA ASN D 526 -34.03 40.68 -0.91
C ASN D 526 -34.66 39.48 -1.62
N PHE D 527 -35.21 39.75 -2.80
CA PHE D 527 -36.01 38.76 -3.51
C PHE D 527 -35.18 37.57 -3.98
N LEU D 528 -33.88 37.76 -4.18
CA LEU D 528 -33.07 36.76 -4.88
C LEU D 528 -32.65 35.62 -3.95
N THR D 529 -32.14 35.94 -2.75
CA THR D 529 -31.78 34.90 -1.81
C THR D 529 -32.47 35.09 -0.45
N GLY D 530 -33.16 36.22 -0.27
CA GLY D 530 -33.61 36.62 1.06
C GLY D 530 -35.01 36.09 1.37
N GLY D 531 -35.67 36.72 2.36
CA GLY D 531 -36.95 36.19 2.80
C GLY D 531 -38.10 36.65 1.91
N SER D 532 -37.95 37.86 1.36
CA SER D 532 -38.92 38.43 0.42
C SER D 532 -39.25 37.44 -0.70
N GLY D 533 -38.27 36.67 -1.16
CA GLY D 533 -38.46 35.72 -2.24
C GLY D 533 -39.36 34.54 -1.89
N ALA D 534 -39.18 34.00 -0.67
CA ALA D 534 -40.07 32.96 -0.21
C ALA D 534 -41.39 33.57 0.24
N ALA D 535 -41.33 34.71 0.93
CA ALA D 535 -42.54 35.39 1.38
C ALA D 535 -43.49 35.60 0.20
N PHE D 536 -42.95 36.21 -0.87
CA PHE D 536 -43.64 36.45 -2.13
C PHE D 536 -44.26 35.17 -2.70
N THR D 537 -43.46 34.10 -2.87
CA THR D 537 -43.94 32.85 -3.42
C THR D 537 -45.05 32.22 -2.57
N LEU D 538 -44.92 32.25 -1.23
CA LEU D 538 -45.98 31.75 -0.35
C LEU D 538 -47.28 32.55 -0.52
N THR D 539 -47.17 33.86 -0.71
CA THR D 539 -48.31 34.71 -1.00
C THR D 539 -48.95 34.40 -2.35
N LYS D 540 -48.19 33.85 -3.31
CA LYS D 540 -48.79 33.49 -4.60
C LYS D 540 -49.61 32.21 -4.47
N ASN D 541 -49.14 31.27 -3.65
CA ASN D 541 -49.91 30.08 -3.36
C ASN D 541 -50.85 30.28 -2.18
N LYS D 542 -51.07 31.52 -1.76
CA LYS D 542 -52.01 31.86 -0.70
C LYS D 542 -51.76 30.97 0.52
N SER D 543 -50.50 30.88 0.94
CA SER D 543 -50.08 29.93 1.94
C SER D 543 -49.17 30.64 2.95
N SER D 544 -49.19 30.16 4.21
CA SER D 544 -48.44 30.69 5.35
C SER D 544 -48.65 32.18 5.62
N ILE D 545 -49.87 32.69 5.47
CA ILE D 545 -50.12 34.12 5.60
C ILE D 545 -49.61 34.70 6.92
N ALA D 546 -49.88 34.05 8.08
CA ALA D 546 -49.46 34.63 9.37
C ALA D 546 -47.94 34.60 9.54
N GLU D 547 -47.28 33.56 9.05
CA GLU D 547 -45.82 33.51 9.05
C GLU D 547 -45.29 34.69 8.23
N VAL D 548 -45.91 34.95 7.07
CA VAL D 548 -45.42 36.02 6.21
C VAL D 548 -45.64 37.35 6.93
N ASP D 549 -46.84 37.55 7.47
CA ASP D 549 -47.15 38.76 8.22
C ASP D 549 -46.19 38.93 9.40
N LYS D 550 -46.02 37.88 10.21
CA LYS D 550 -45.10 37.99 11.32
C LYS D 550 -43.76 38.50 10.80
N TRP D 551 -43.23 37.85 9.77
CA TRP D 551 -41.91 38.20 9.29
C TRP D 551 -41.87 39.62 8.73
N ILE D 552 -42.87 39.97 7.90
CA ILE D 552 -42.90 41.31 7.36
C ILE D 552 -42.88 42.32 8.50
N GLN D 553 -43.73 42.08 9.50
CA GLN D 553 -44.05 43.06 10.52
C GLN D 553 -42.87 43.30 11.47
N SER D 554 -42.10 42.26 11.80
CA SER D 554 -41.17 42.35 12.91
C SER D 554 -39.72 42.36 12.46
N VAL D 555 -39.50 42.18 11.13
CA VAL D 555 -38.17 42.07 10.57
C VAL D 555 -38.02 42.98 9.36
N LEU D 556 -38.87 42.76 8.34
CA LEU D 556 -38.66 43.39 7.04
C LEU D 556 -38.81 44.91 7.14
N LEU D 557 -39.92 45.39 7.72
CA LEU D 557 -40.15 46.84 7.74
C LEU D 557 -39.05 47.55 8.51
N ASP D 558 -38.54 46.94 9.60
CA ASP D 558 -37.51 47.59 10.39
C ASP D 558 -36.26 47.77 9.54
N ASN D 559 -36.03 46.80 8.65
CA ASN D 559 -34.77 46.68 7.94
C ASN D 559 -34.84 47.43 6.60
N LEU D 560 -36.05 47.59 6.07
CA LEU D 560 -36.25 48.11 4.72
C LEU D 560 -35.45 49.41 4.53
N PRO D 561 -35.60 50.42 5.41
CA PRO D 561 -34.96 51.73 5.22
C PRO D 561 -33.45 51.66 5.18
N LEU D 562 -32.91 50.48 5.46
CA LEU D 562 -31.48 50.30 5.72
C LEU D 562 -30.84 49.46 4.62
N ILE D 563 -31.66 48.89 3.72
CA ILE D 563 -31.12 48.23 2.54
C ILE D 563 -30.60 49.29 1.58
N GLU D 564 -29.30 49.22 1.27
CA GLU D 564 -28.66 50.30 0.51
C GLU D 564 -28.99 50.20 -0.98
N GLU D 565 -29.14 48.98 -1.51
CA GLU D 565 -29.34 48.79 -2.94
C GLU D 565 -30.81 48.91 -3.32
N ASP D 566 -31.04 49.40 -4.54
CA ASP D 566 -32.38 49.62 -5.06
C ASP D 566 -32.81 48.46 -5.96
N GLY D 567 -31.86 47.55 -6.21
CA GLY D 567 -31.93 46.50 -7.22
C GLY D 567 -33.20 45.68 -7.14
N LEU D 568 -33.66 45.17 -8.29
CA LEU D 568 -34.89 44.39 -8.37
C LEU D 568 -34.69 43.05 -7.69
N PHE D 569 -33.56 42.38 -7.93
CA PHE D 569 -33.35 41.10 -7.28
C PHE D 569 -32.54 41.28 -6.00
N THR D 570 -31.66 42.29 -5.99
CA THR D 570 -30.63 42.47 -4.99
C THR D 570 -31.06 43.44 -3.88
N GLY D 571 -32.09 44.27 -4.11
CA GLY D 571 -32.36 45.38 -3.21
C GLY D 571 -33.83 45.67 -2.98
N LYS D 572 -34.19 46.96 -2.87
CA LYS D 572 -35.49 47.36 -2.36
C LYS D 572 -36.65 47.07 -3.31
N THR D 573 -36.44 47.09 -4.64
CA THR D 573 -37.59 47.16 -5.54
C THR D 573 -38.37 45.84 -5.56
N GLY D 574 -37.64 44.72 -5.58
CA GLY D 574 -38.26 43.42 -5.41
C GLY D 574 -39.11 43.36 -4.14
N ILE D 575 -38.52 43.82 -3.02
CA ILE D 575 -39.17 43.83 -1.72
C ILE D 575 -40.45 44.69 -1.78
N LEU D 576 -40.38 45.88 -2.41
CA LEU D 576 -41.51 46.80 -2.53
C LEU D 576 -42.66 46.13 -3.29
N ALA D 577 -42.35 45.25 -4.24
CA ALA D 577 -43.39 44.51 -4.93
C ALA D 577 -44.15 43.62 -3.95
N LEU D 578 -43.43 42.81 -3.17
CA LEU D 578 -44.03 42.05 -2.09
C LEU D 578 -44.88 42.96 -1.18
N LEU D 579 -44.25 44.04 -0.67
CA LEU D 579 -44.94 44.91 0.27
C LEU D 579 -46.25 45.46 -0.31
N TYR D 580 -46.24 45.91 -1.58
CA TYR D 580 -47.42 46.49 -2.20
C TYR D 580 -48.53 45.44 -2.31
N ASP D 581 -48.15 44.23 -2.75
CA ASP D 581 -49.10 43.16 -2.95
C ASP D 581 -49.66 42.69 -1.61
N LYS D 582 -49.06 43.14 -0.51
CA LYS D 582 -49.50 42.71 0.81
C LYS D 582 -50.33 43.79 1.46
N GLY D 583 -50.47 44.94 0.78
CA GLY D 583 -51.31 46.05 1.19
C GLY D 583 -50.58 47.22 1.84
N TYR D 584 -49.24 47.18 1.84
CA TYR D 584 -48.43 48.21 2.48
C TYR D 584 -48.16 49.37 1.52
N LYS D 585 -49.23 49.96 0.99
CA LYS D 585 -49.11 50.91 -0.09
C LYS D 585 -48.32 52.13 0.36
N GLU D 586 -48.64 52.63 1.57
CA GLU D 586 -48.02 53.84 2.08
C GLU D 586 -46.50 53.71 2.07
N VAL D 587 -46.01 52.53 2.46
CA VAL D 587 -44.60 52.27 2.63
C VAL D 587 -43.92 52.31 1.26
N VAL D 588 -44.53 51.63 0.27
CA VAL D 588 -44.03 51.68 -1.10
C VAL D 588 -44.02 53.15 -1.56
N LEU D 589 -45.15 53.82 -1.32
CA LEU D 589 -45.30 55.21 -1.70
C LEU D 589 -44.10 56.02 -1.20
N ASN D 590 -43.85 55.98 0.11
CA ASN D 590 -42.78 56.76 0.70
C ASN D 590 -41.45 56.34 0.08
N GLU D 591 -41.29 55.03 -0.15
CA GLU D 591 -40.01 54.52 -0.61
C GLU D 591 -39.75 54.96 -2.06
N LEU D 592 -40.81 55.18 -2.85
CA LEU D 592 -40.68 55.60 -4.24
C LEU D 592 -40.30 57.08 -4.31
N LYS D 593 -40.83 57.85 -3.37
CA LYS D 593 -40.51 59.26 -3.24
C LYS D 593 -39.01 59.41 -3.06
N ILE D 594 -38.38 58.39 -2.46
CA ILE D 594 -36.97 58.43 -2.14
C ILE D 594 -36.16 57.79 -3.26
N LEU D 595 -36.79 56.95 -4.08
CA LEU D 595 -36.09 56.23 -5.12
C LEU D 595 -35.80 57.18 -6.29
N LYS D 596 -36.80 58.02 -6.61
CA LYS D 596 -36.73 58.82 -7.80
C LYS D 596 -35.54 59.79 -7.71
N ASP D 597 -34.73 59.70 -6.63
CA ASP D 597 -33.56 60.53 -6.44
C ASP D 597 -32.30 59.70 -6.20
N ASN D 598 -32.41 58.53 -5.57
CA ASN D 598 -31.41 57.93 -4.67
C ASN D 598 -30.08 57.55 -5.34
N ILE D 599 -29.83 56.24 -5.55
CA ILE D 599 -28.63 55.76 -6.23
C ILE D 599 -28.95 55.47 -7.70
N ASN D 600 -29.32 56.53 -8.42
CA ASN D 600 -29.97 56.46 -9.71
C ASN D 600 -28.95 56.62 -10.84
N GLN D 601 -28.07 55.60 -11.04
CA GLN D 601 -26.86 55.77 -11.84
C GLN D 601 -26.53 54.62 -12.81
N THR D 602 -25.41 53.88 -12.64
CA THR D 602 -24.67 53.38 -13.80
C THR D 602 -24.89 51.90 -14.14
N ASP D 603 -25.59 51.15 -13.29
CA ASP D 603 -25.86 49.74 -13.52
C ASP D 603 -27.23 49.66 -14.19
N ILE D 604 -27.32 48.92 -15.30
CA ILE D 604 -28.56 48.95 -16.08
C ILE D 604 -29.25 47.58 -16.06
N SER D 605 -28.61 46.60 -15.42
CA SER D 605 -29.06 45.22 -15.44
C SER D 605 -30.47 45.06 -14.87
N ILE D 606 -31.10 43.94 -15.19
CA ILE D 606 -32.35 43.54 -14.55
C ILE D 606 -32.07 43.19 -13.09
N ARG D 607 -31.02 42.39 -12.87
CA ARG D 607 -30.66 41.91 -11.56
C ARG D 607 -30.65 43.05 -10.56
N SER D 608 -29.82 44.08 -10.82
CA SER D 608 -29.55 45.08 -9.80
C SER D 608 -29.57 46.51 -10.33
N GLY D 609 -29.94 46.73 -11.61
CA GLY D 609 -29.75 48.04 -12.23
C GLY D 609 -31.05 48.77 -12.58
N LEU D 610 -30.90 49.85 -13.34
CA LEU D 610 -32.00 50.74 -13.70
C LEU D 610 -33.10 50.01 -14.48
N SER D 611 -32.74 48.98 -15.27
CA SER D 611 -33.74 48.24 -16.03
C SER D 611 -34.71 47.47 -15.13
N GLY D 612 -34.14 46.74 -14.15
CA GLY D 612 -34.93 45.96 -13.20
C GLY D 612 -35.83 46.87 -12.38
N ILE D 613 -35.28 48.01 -11.96
CA ILE D 613 -35.98 49.02 -11.20
C ILE D 613 -37.06 49.65 -12.08
N GLY D 614 -36.70 50.02 -13.32
CA GLY D 614 -37.65 50.55 -14.29
C GLY D 614 -38.81 49.58 -14.58
N LEU D 615 -38.49 48.29 -14.71
CA LEU D 615 -39.54 47.28 -14.88
C LEU D 615 -40.51 47.30 -13.70
N PHE D 616 -39.96 47.32 -12.48
CA PHE D 616 -40.81 47.40 -11.31
C PHE D 616 -41.66 48.67 -11.40
N VAL D 617 -41.01 49.81 -11.67
CA VAL D 617 -41.70 51.09 -11.72
C VAL D 617 -42.87 51.05 -12.71
N ILE D 618 -42.64 50.51 -13.92
CA ILE D 618 -43.72 50.37 -14.87
C ILE D 618 -44.86 49.52 -14.27
N SER D 619 -44.51 48.39 -13.63
CA SER D 619 -45.56 47.52 -13.12
C SER D 619 -46.41 48.21 -12.04
N LEU D 620 -45.80 49.14 -11.28
CA LEU D 620 -46.49 49.95 -10.28
C LEU D 620 -47.38 51.00 -10.94
N TYR D 621 -46.91 51.55 -12.07
CA TYR D 621 -47.72 52.46 -12.86
C TYR D 621 -48.97 51.77 -13.37
N LEU D 622 -48.80 50.53 -13.84
CA LEU D 622 -49.93 49.77 -14.35
C LEU D 622 -50.94 49.54 -13.23
N GLU D 623 -50.44 49.28 -12.01
CA GLU D 623 -51.31 48.96 -10.90
C GLU D 623 -52.05 50.20 -10.41
N THR D 624 -51.34 51.32 -10.30
CA THR D 624 -51.87 52.53 -9.69
C THR D 624 -51.80 53.60 -10.77
N GLU D 625 -52.83 53.72 -11.61
CA GLU D 625 -52.69 54.43 -12.87
C GLU D 625 -52.22 55.87 -12.62
N ASN D 626 -51.07 56.01 -11.94
CA ASN D 626 -50.55 57.27 -11.45
C ASN D 626 -49.36 57.69 -12.32
N LYS D 627 -49.51 58.80 -13.05
CA LYS D 627 -48.63 59.17 -14.15
C LYS D 627 -47.26 59.60 -13.64
N GLU D 628 -47.15 59.87 -12.33
CA GLU D 628 -45.87 60.19 -11.71
C GLU D 628 -44.89 59.05 -11.96
N TYR D 629 -45.42 57.81 -11.98
CA TYR D 629 -44.59 56.62 -12.13
C TYR D 629 -44.23 56.39 -13.59
N LEU D 630 -45.12 56.82 -14.50
CA LEU D 630 -44.79 56.80 -15.92
C LEU D 630 -43.63 57.78 -16.15
N LYS D 631 -43.73 58.96 -15.54
CA LYS D 631 -42.72 59.99 -15.68
C LYS D 631 -41.40 59.46 -15.11
N LEU D 632 -41.50 58.60 -14.10
CA LEU D 632 -40.31 58.06 -13.48
C LEU D 632 -39.67 57.02 -14.41
N ALA D 633 -40.53 56.25 -15.09
CA ALA D 633 -40.06 55.23 -16.02
C ALA D 633 -39.34 55.90 -17.19
N LYS D 634 -39.86 57.05 -17.64
CA LYS D 634 -39.25 57.76 -18.77
C LYS D 634 -37.91 58.34 -18.36
N ASP D 635 -37.83 58.92 -17.16
CA ASP D 635 -36.57 59.46 -16.66
C ASP D 635 -35.52 58.36 -16.58
N LEU D 636 -35.93 57.15 -16.16
CA LEU D 636 -35.01 56.04 -16.00
C LEU D 636 -34.46 55.59 -17.35
N GLU D 637 -35.36 55.59 -18.35
CA GLU D 637 -34.99 55.29 -19.72
C GLU D 637 -33.85 56.21 -20.15
N ARG D 638 -34.02 57.53 -19.98
CA ARG D 638 -33.04 58.51 -20.39
C ARG D 638 -31.69 58.21 -19.75
N MET D 639 -31.71 57.81 -18.48
CA MET D 639 -30.50 57.42 -17.78
C MET D 639 -29.90 56.14 -18.36
N ILE D 640 -30.72 55.18 -18.81
CA ILE D 640 -30.22 53.90 -19.30
C ILE D 640 -29.50 54.14 -20.62
N LYS D 641 -30.19 54.89 -21.49
CA LYS D 641 -29.72 55.33 -22.79
C LYS D 641 -28.30 55.86 -22.65
N LEU D 642 -28.13 56.82 -21.74
CA LEU D 642 -26.87 57.51 -21.60
C LEU D 642 -25.82 56.52 -21.11
N ASN D 643 -26.22 55.68 -20.14
CA ASN D 643 -25.34 54.71 -19.52
C ASN D 643 -24.84 53.73 -20.58
N ARG D 644 -25.76 53.31 -21.47
CA ARG D 644 -25.46 52.49 -22.64
C ARG D 644 -24.40 53.18 -23.52
N ALA D 645 -24.37 54.51 -23.49
CA ALA D 645 -23.44 55.29 -24.30
C ALA D 645 -22.06 55.34 -23.66
N LYS D 646 -22.00 55.24 -22.32
CA LYS D 646 -20.75 55.38 -21.57
C LYS D 646 -19.73 54.32 -22.01
N ASP D 647 -20.22 53.15 -22.42
CA ASP D 647 -19.44 52.11 -23.08
C ASP D 647 -20.35 50.91 -23.38
N LYS D 648 -20.11 50.28 -24.54
CA LYS D 648 -20.98 49.22 -25.08
C LYS D 648 -20.65 47.89 -24.42
N GLN D 649 -20.32 47.93 -23.12
CA GLN D 649 -20.06 46.74 -22.32
C GLN D 649 -20.43 47.03 -20.87
N LEU D 650 -20.71 45.97 -20.11
CA LEU D 650 -21.20 46.05 -18.74
C LEU D 650 -20.25 45.36 -17.78
N LYS D 651 -19.82 46.12 -16.75
CA LYS D 651 -19.03 45.63 -15.62
C LYS D 651 -19.93 44.75 -14.75
N VAL D 652 -19.31 43.85 -13.97
CA VAL D 652 -20.04 42.82 -13.25
C VAL D 652 -19.56 42.71 -11.79
N LYS D 653 -20.43 42.17 -10.92
CA LYS D 653 -20.16 42.08 -9.50
C LYS D 653 -20.17 40.64 -9.01
N ASP D 654 -21.35 40.01 -9.00
CA ASP D 654 -21.56 38.62 -8.62
C ASP D 654 -20.70 37.70 -9.50
N TRP D 655 -19.99 36.76 -8.87
CA TRP D 655 -19.00 35.94 -9.56
C TRP D 655 -19.64 35.00 -10.59
N MET D 656 -20.97 34.81 -10.49
CA MET D 656 -21.68 33.93 -11.41
C MET D 656 -22.33 34.76 -12.52
N ALA D 657 -22.32 36.08 -12.39
CA ALA D 657 -22.94 36.93 -13.40
C ALA D 657 -22.14 36.82 -14.70
N VAL D 658 -22.80 37.18 -15.81
CA VAL D 658 -22.13 37.24 -17.10
C VAL D 658 -22.74 38.38 -17.92
N ASP D 659 -22.01 38.84 -18.94
CA ASP D 659 -22.27 40.12 -19.60
C ASP D 659 -23.31 39.99 -20.71
N ILE D 660 -24.07 38.89 -20.71
CA ILE D 660 -24.97 38.54 -21.80
C ILE D 660 -26.26 38.04 -21.18
N GLY D 661 -27.39 38.34 -21.82
CA GLY D 661 -28.60 37.65 -21.42
C GLY D 661 -29.46 38.52 -20.49
N VAL D 662 -30.51 37.90 -19.93
CA VAL D 662 -31.68 38.64 -19.48
C VAL D 662 -31.45 39.17 -18.07
N ILE D 663 -30.52 38.55 -17.32
CA ILE D 663 -30.29 38.85 -15.91
C ILE D 663 -29.31 40.00 -15.77
N ASP D 664 -28.15 39.92 -16.45
CA ASP D 664 -27.10 40.92 -16.34
C ASP D 664 -26.77 41.55 -17.69
N GLY D 665 -27.48 41.16 -18.77
CA GLY D 665 -27.11 41.55 -20.11
C GLY D 665 -28.14 42.46 -20.78
N LEU D 666 -27.92 42.75 -22.07
CA LEU D 666 -28.70 43.73 -22.80
C LEU D 666 -30.09 43.19 -23.14
N SER D 667 -30.23 41.86 -23.14
CA SER D 667 -31.50 41.17 -23.32
C SER D 667 -32.49 41.59 -22.24
N GLY D 668 -31.96 41.71 -21.01
CA GLY D 668 -32.78 42.13 -19.89
C GLY D 668 -33.13 43.60 -19.97
N VAL D 669 -32.17 44.41 -20.46
CA VAL D 669 -32.44 45.82 -20.69
C VAL D 669 -33.61 45.96 -21.67
N SER D 670 -33.75 45.02 -22.61
CA SER D 670 -34.82 45.07 -23.60
C SER D 670 -36.19 44.88 -22.99
N LEU D 671 -36.30 44.03 -21.95
CA LEU D 671 -37.54 43.83 -21.21
C LEU D 671 -38.11 45.18 -20.80
N PHE D 672 -37.24 46.07 -20.33
CA PHE D 672 -37.68 47.37 -19.86
C PHE D 672 -38.31 48.14 -21.03
N TYR D 673 -37.61 48.08 -22.18
CA TYR D 673 -38.01 48.83 -23.36
C TYR D 673 -39.33 48.29 -23.88
N SER D 674 -39.46 46.96 -23.93
CA SER D 674 -40.74 46.39 -24.34
C SER D 674 -41.83 46.94 -23.43
N ALA D 675 -41.60 46.86 -22.12
CA ALA D 675 -42.62 47.18 -21.15
C ALA D 675 -42.98 48.64 -21.30
N LEU D 676 -41.95 49.51 -21.43
CA LEU D 676 -42.16 50.93 -21.65
C LEU D 676 -42.92 51.15 -22.97
N TYR D 677 -42.64 50.32 -23.98
CA TYR D 677 -43.44 50.37 -25.18
C TYR D 677 -44.92 50.19 -24.84
N SER D 678 -45.23 49.12 -24.11
CA SER D 678 -46.62 48.80 -23.81
C SER D 678 -47.40 49.99 -23.25
N VAL D 679 -46.75 50.94 -22.58
CA VAL D 679 -47.47 51.98 -21.85
C VAL D 679 -47.36 53.34 -22.51
N THR D 680 -46.35 53.52 -23.39
CA THR D 680 -46.23 54.76 -24.13
C THR D 680 -46.94 54.68 -25.47
N GLN D 681 -46.72 53.59 -26.21
CA GLN D 681 -47.17 53.39 -27.59
C GLN D 681 -46.19 54.07 -28.55
N ASN D 682 -45.02 54.37 -28.00
CA ASN D 682 -43.95 55.07 -28.66
C ASN D 682 -43.01 54.06 -29.30
N GLN D 683 -42.97 54.09 -30.65
CA GLN D 683 -42.28 53.09 -31.45
C GLN D 683 -40.78 53.12 -31.22
N LYS D 684 -40.25 54.27 -30.75
CA LYS D 684 -38.82 54.40 -30.55
C LYS D 684 -38.31 53.34 -29.58
N TYR D 685 -39.06 53.09 -28.49
CA TYR D 685 -38.68 52.10 -27.47
C TYR D 685 -38.69 50.70 -28.05
N LEU D 686 -39.68 50.41 -28.92
CA LEU D 686 -39.74 49.11 -29.53
C LEU D 686 -38.46 48.80 -30.33
N GLU D 687 -37.89 49.81 -31.04
CA GLU D 687 -36.72 49.50 -31.83
C GLU D 687 -35.47 49.43 -30.95
N GLU D 688 -35.47 50.12 -29.80
CA GLU D 688 -34.38 49.96 -28.85
C GLU D 688 -34.40 48.53 -28.28
N ALA D 689 -35.59 48.01 -28.02
CA ALA D 689 -35.75 46.65 -27.52
C ALA D 689 -35.17 45.65 -28.52
N GLU D 690 -35.64 45.73 -29.79
CA GLU D 690 -35.18 44.87 -30.87
C GLU D 690 -33.66 44.88 -31.01
N VAL D 691 -33.08 46.08 -30.95
CA VAL D 691 -31.64 46.30 -31.07
C VAL D 691 -30.90 45.64 -29.90
N LEU D 692 -31.45 45.76 -28.69
CA LEU D 692 -30.76 45.25 -27.53
C LEU D 692 -30.76 43.72 -27.57
N ILE D 693 -31.87 43.14 -28.07
CA ILE D 693 -31.97 41.70 -28.31
C ILE D 693 -30.90 41.35 -29.34
N LYS D 694 -30.98 42.04 -30.49
CA LYS D 694 -30.10 41.79 -31.62
C LYS D 694 -28.66 41.69 -31.15
N GLU D 695 -28.17 42.71 -30.42
CA GLU D 695 -26.78 42.72 -29.96
C GLU D 695 -26.46 41.47 -29.15
N ASP D 696 -27.46 40.86 -28.50
CA ASP D 696 -27.26 39.66 -27.69
C ASP D 696 -27.26 38.41 -28.56
N LEU D 697 -28.17 38.38 -29.55
CA LEU D 697 -28.24 37.26 -30.48
C LEU D 697 -26.93 37.09 -31.22
N GLU D 698 -26.19 38.19 -31.42
CA GLU D 698 -24.93 38.16 -32.15
C GLU D 698 -23.92 37.28 -31.44
N SER D 699 -24.07 37.12 -30.12
CA SER D 699 -23.15 36.33 -29.31
C SER D 699 -23.76 34.96 -28.99
N THR D 700 -24.58 34.45 -29.91
CA THR D 700 -25.13 33.11 -29.74
C THR D 700 -24.34 32.13 -30.62
N LYS D 701 -24.40 30.85 -30.26
CA LYS D 701 -23.76 29.80 -31.05
C LYS D 701 -24.78 28.69 -31.28
N LYS D 702 -25.23 28.57 -32.54
CA LYS D 702 -26.05 27.44 -32.93
C LYS D 702 -25.14 26.23 -33.14
N ASP D 703 -25.60 25.06 -32.69
CA ASP D 703 -24.89 23.82 -32.92
C ASP D 703 -25.31 23.26 -34.28
N ASP D 704 -24.34 22.74 -35.04
CA ASP D 704 -24.60 22.31 -36.40
C ASP D 704 -25.30 20.96 -36.39
N VAL D 705 -24.73 19.99 -35.66
CA VAL D 705 -25.29 18.64 -35.60
C VAL D 705 -26.74 18.73 -35.14
N THR D 706 -26.95 18.89 -33.83
CA THR D 706 -28.25 19.24 -33.29
C THR D 706 -28.46 20.75 -33.44
N GLY D 707 -29.71 21.20 -33.59
CA GLY D 707 -29.91 22.59 -33.97
C GLY D 707 -30.20 23.48 -32.76
N VAL D 708 -29.36 23.41 -31.71
CA VAL D 708 -29.57 24.16 -30.48
C VAL D 708 -28.72 25.42 -30.44
N LEU D 709 -29.42 26.54 -30.20
CA LEU D 709 -28.81 27.84 -29.94
C LEU D 709 -28.51 27.96 -28.44
N GLN D 710 -27.25 28.23 -28.13
CA GLN D 710 -26.84 28.68 -26.81
C GLN D 710 -26.14 30.02 -26.97
N THR D 711 -25.97 30.79 -25.87
CA THR D 711 -25.11 31.94 -25.92
C THR D 711 -23.66 31.49 -25.74
N VAL D 712 -22.75 32.40 -26.06
CA VAL D 712 -21.31 32.17 -25.94
C VAL D 712 -20.74 33.37 -25.19
N ASP D 713 -20.08 33.11 -24.07
CA ASP D 713 -19.59 34.21 -23.26
C ASP D 713 -18.18 34.58 -23.73
N ASN D 714 -17.38 35.21 -22.86
CA ASN D 714 -16.04 35.65 -23.22
C ASN D 714 -14.99 34.89 -22.42
N LYS D 715 -15.45 33.95 -21.58
CA LYS D 715 -14.63 32.84 -21.11
C LYS D 715 -14.79 31.70 -22.12
N ASN D 716 -15.41 32.03 -23.26
CA ASN D 716 -15.67 31.13 -24.37
C ASN D 716 -16.44 29.88 -23.93
N ARG D 717 -17.47 30.11 -23.10
CA ARG D 717 -18.34 29.08 -22.55
C ARG D 717 -19.68 29.15 -23.28
N LEU D 718 -20.38 28.01 -23.38
CA LEU D 718 -21.67 27.92 -24.03
C LEU D 718 -22.76 27.77 -22.96
N LEU D 719 -23.75 28.67 -23.00
CA LEU D 719 -24.65 28.89 -21.87
C LEU D 719 -26.11 28.69 -22.29
N PRO D 720 -26.86 27.76 -21.65
CA PRO D 720 -28.30 27.66 -21.84
C PRO D 720 -29.21 28.45 -20.90
N TYR D 721 -28.68 28.90 -19.75
CA TYR D 721 -29.47 29.19 -18.56
C TYR D 721 -30.17 30.55 -18.63
N LEU D 722 -31.01 30.84 -17.60
CA LEU D 722 -31.71 32.12 -17.53
C LEU D 722 -30.72 33.25 -17.21
N SER D 723 -29.72 32.92 -16.40
CA SER D 723 -28.62 33.83 -16.13
C SER D 723 -27.51 33.55 -17.14
N GLY D 724 -27.45 34.37 -18.20
CA GLY D 724 -26.32 34.37 -19.10
C GLY D 724 -26.56 33.68 -20.45
N GLY D 725 -27.60 32.84 -20.53
CA GLY D 725 -27.74 31.90 -21.64
C GLY D 725 -28.99 32.14 -22.48
N SER D 726 -29.22 31.22 -23.43
CA SER D 726 -30.20 31.40 -24.50
C SER D 726 -31.66 31.39 -24.01
N ILE D 727 -31.94 30.68 -22.90
CA ILE D 727 -33.31 30.62 -22.41
C ILE D 727 -33.77 32.04 -22.10
N GLY D 728 -32.88 32.85 -21.53
CA GLY D 728 -33.18 34.22 -21.15
C GLY D 728 -33.40 35.08 -22.38
N VAL D 729 -32.51 34.95 -23.35
CA VAL D 729 -32.63 35.59 -24.66
C VAL D 729 -34.02 35.32 -25.21
N ALA D 730 -34.48 34.07 -25.17
CA ALA D 730 -35.78 33.67 -25.66
C ALA D 730 -36.91 34.41 -24.93
N ILE D 731 -36.80 34.47 -23.59
CA ILE D 731 -37.78 35.19 -22.78
C ILE D 731 -37.90 36.63 -23.28
N SER D 732 -36.76 37.26 -23.60
CA SER D 732 -36.78 38.63 -24.10
C SER D 732 -37.49 38.73 -25.46
N ILE D 733 -37.23 37.76 -26.35
CA ILE D 733 -37.94 37.68 -27.63
C ILE D 733 -39.43 37.45 -27.38
N TRP D 734 -39.76 36.53 -26.45
CA TRP D 734 -41.16 36.20 -26.28
C TRP D 734 -41.91 37.44 -25.85
N PHE D 735 -41.21 38.32 -25.15
CA PHE D 735 -41.88 39.43 -24.49
C PHE D 735 -42.02 40.61 -25.44
N LEU D 736 -40.95 40.92 -26.17
CA LEU D 736 -41.02 41.81 -27.33
C LEU D 736 -42.24 41.46 -28.18
N ASN D 737 -42.33 40.20 -28.59
CA ASN D 737 -43.44 39.76 -29.44
C ASN D 737 -44.79 40.05 -28.78
N HIS D 738 -44.86 39.72 -27.48
CA HIS D 738 -46.09 39.85 -26.72
C HIS D 738 -46.59 41.30 -26.67
N VAL D 739 -45.68 42.27 -26.58
CA VAL D 739 -46.09 43.66 -26.45
C VAL D 739 -46.41 44.27 -27.82
N SER D 740 -45.74 43.79 -28.89
CA SER D 740 -45.78 44.49 -30.17
C SER D 740 -46.75 43.83 -31.16
N GLY D 741 -46.98 42.52 -31.00
CA GLY D 741 -47.84 41.80 -31.92
C GLY D 741 -47.06 41.00 -32.96
N GLN D 742 -45.74 41.11 -32.94
CA GLN D 742 -44.92 40.55 -34.01
C GLN D 742 -44.57 39.10 -33.70
N ASP D 743 -43.74 38.50 -34.56
CA ASP D 743 -43.17 37.18 -34.33
C ASP D 743 -41.71 37.19 -34.76
N LEU D 744 -40.98 38.23 -34.34
CA LEU D 744 -39.56 38.35 -34.63
C LEU D 744 -38.84 37.09 -34.17
N TYR D 745 -37.67 36.87 -34.77
CA TYR D 745 -36.66 35.89 -34.38
C TYR D 745 -37.27 34.51 -34.18
N ARG D 746 -38.39 34.23 -34.86
CA ARG D 746 -39.07 32.94 -34.81
C ARG D 746 -38.12 31.75 -34.98
N GLU D 747 -37.06 31.92 -35.78
CA GLU D 747 -36.22 30.77 -36.10
C GLU D 747 -35.13 30.59 -35.03
N GLU D 748 -34.69 31.70 -34.41
CA GLU D 748 -33.77 31.64 -33.27
C GLU D 748 -34.54 31.15 -32.03
N MET D 749 -35.81 31.55 -31.94
CA MET D 749 -36.70 31.12 -30.87
C MET D 749 -36.84 29.61 -30.90
N ASN D 750 -37.12 29.06 -32.10
CA ASN D 750 -37.30 27.64 -32.29
C ASN D 750 -36.02 26.89 -31.88
N SER D 751 -34.87 27.45 -32.21
CA SER D 751 -33.62 26.75 -31.94
C SER D 751 -33.31 26.76 -30.44
N ILE D 752 -33.95 27.66 -29.68
CA ILE D 752 -33.65 27.75 -28.26
C ILE D 752 -34.50 26.71 -27.53
N LEU D 753 -35.77 26.60 -27.93
CA LEU D 753 -36.69 25.66 -27.31
C LEU D 753 -36.22 24.23 -27.50
N LYS D 754 -35.34 23.99 -28.49
CA LYS D 754 -34.72 22.68 -28.70
C LYS D 754 -33.86 22.29 -27.51
N LEU D 755 -33.48 23.27 -26.68
CA LEU D 755 -32.76 23.04 -25.44
C LEU D 755 -33.62 22.27 -24.44
N SER D 756 -34.90 22.09 -24.79
CA SER D 756 -35.80 21.30 -23.96
C SER D 756 -35.25 19.88 -23.85
N LYS D 757 -34.48 19.47 -24.86
CA LYS D 757 -34.00 18.10 -25.01
C LYS D 757 -32.82 17.81 -24.09
N THR D 758 -32.39 18.81 -23.28
CA THR D 758 -31.19 18.66 -22.48
C THR D 758 -31.39 17.54 -21.45
N ARG D 759 -30.37 16.69 -21.31
CA ARG D 759 -30.48 15.49 -20.50
C ARG D 759 -30.16 15.76 -19.04
N CYS D 760 -29.15 16.60 -18.79
CA CYS D 760 -28.79 16.93 -17.42
C CYS D 760 -28.05 18.27 -17.39
N THR D 761 -27.90 18.81 -16.17
CA THR D 761 -27.25 20.05 -15.84
C THR D 761 -26.53 19.78 -14.53
N ILE D 762 -25.46 20.53 -14.22
CA ILE D 762 -24.60 20.22 -13.08
C ILE D 762 -25.30 20.64 -11.79
N SER D 763 -26.26 21.56 -11.89
CA SER D 763 -26.94 22.18 -10.76
C SER D 763 -28.41 22.35 -11.08
N GLY D 764 -29.21 22.64 -10.05
CA GLY D 764 -30.64 22.41 -10.17
C GLY D 764 -31.47 23.67 -10.37
N GLY D 765 -30.87 24.85 -10.13
CA GLY D 765 -31.56 26.07 -9.74
C GLY D 765 -32.14 26.85 -10.90
N LEU D 766 -33.01 27.82 -10.58
CA LEU D 766 -33.73 28.61 -11.56
C LEU D 766 -32.77 29.36 -12.47
N PHE D 767 -31.73 29.98 -11.91
CA PHE D 767 -30.86 30.92 -12.60
C PHE D 767 -29.71 30.18 -13.29
N ASP D 768 -29.14 29.18 -12.60
CA ASP D 768 -27.89 28.56 -12.99
C ASP D 768 -28.01 27.05 -13.27
N GLY D 769 -29.22 26.49 -13.22
CA GLY D 769 -29.32 25.03 -13.31
C GLY D 769 -30.55 24.53 -14.06
N ALA D 770 -31.02 23.34 -13.68
CA ALA D 770 -32.14 22.64 -14.29
C ALA D 770 -33.41 23.50 -14.31
N GLY D 771 -33.59 24.29 -13.24
CA GLY D 771 -34.74 25.17 -13.08
C GLY D 771 -34.95 26.13 -14.24
N SER D 772 -33.87 26.44 -14.98
CA SER D 772 -33.94 27.35 -16.12
C SER D 772 -34.90 26.81 -17.17
N PHE D 773 -34.81 25.50 -17.42
CA PHE D 773 -35.46 24.82 -18.53
C PHE D 773 -36.96 24.81 -18.36
N LEU D 774 -37.42 24.80 -17.10
CA LEU D 774 -38.83 24.92 -16.78
C LEU D 774 -39.44 26.08 -17.55
N LEU D 775 -38.67 27.14 -17.78
CA LEU D 775 -39.21 28.31 -18.45
C LEU D 775 -39.54 28.02 -19.92
N ILE D 776 -38.83 27.07 -20.54
CA ILE D 776 -39.04 26.76 -21.95
C ILE D 776 -40.51 26.51 -22.27
N PRO D 777 -41.21 25.56 -21.59
CA PRO D 777 -42.64 25.34 -21.82
C PRO D 777 -43.58 26.55 -21.69
N SER D 778 -43.23 27.49 -20.81
CA SER D 778 -44.12 28.64 -20.64
C SER D 778 -44.11 29.52 -21.88
N MET D 779 -43.22 29.23 -22.84
CA MET D 779 -43.06 30.06 -24.01
C MET D 779 -43.70 29.42 -25.25
N VAL D 780 -43.99 28.12 -25.16
CA VAL D 780 -44.51 27.36 -26.29
C VAL D 780 -46.01 27.58 -26.39
N LYS D 781 -46.47 27.96 -27.59
CA LYS D 781 -47.86 28.33 -27.83
C LYS D 781 -48.68 27.07 -28.09
N ASN D 782 -48.11 26.17 -28.90
CA ASN D 782 -48.69 24.85 -29.13
C ASN D 782 -48.72 24.11 -27.80
N ASP D 783 -49.76 23.28 -27.60
CA ASP D 783 -49.97 22.58 -26.34
C ASP D 783 -49.46 21.16 -26.47
N LYS D 784 -49.54 20.64 -27.71
CA LYS D 784 -49.07 19.29 -27.99
C LYS D 784 -47.56 19.31 -28.18
N ASN D 785 -47.01 20.49 -28.44
CA ASN D 785 -45.57 20.71 -28.38
C ASN D 785 -45.18 20.94 -26.91
N ARG D 786 -46.09 21.61 -26.17
CA ARG D 786 -45.86 21.99 -24.79
C ARG D 786 -45.71 20.72 -23.94
N GLU D 787 -46.51 19.69 -24.24
CA GLU D 787 -46.60 18.48 -23.44
C GLU D 787 -45.32 17.68 -23.52
N VAL D 788 -44.87 17.41 -24.76
CA VAL D 788 -43.61 16.72 -25.01
C VAL D 788 -42.49 17.48 -24.33
N ILE D 789 -42.54 18.81 -24.45
CA ILE D 789 -41.47 19.67 -23.96
C ILE D 789 -41.50 19.70 -22.43
N LEU D 790 -42.67 19.98 -21.86
CA LEU D 790 -42.86 19.94 -20.43
C LEU D 790 -42.34 18.61 -19.89
N ASN D 791 -42.73 17.52 -20.55
CA ASN D 791 -42.37 16.18 -20.11
C ASN D 791 -40.85 16.01 -20.08
N GLU D 792 -40.14 16.63 -21.02
CA GLU D 792 -38.70 16.48 -21.10
C GLU D 792 -38.00 17.22 -19.94
N VAL D 793 -38.44 18.46 -19.67
CA VAL D 793 -37.81 19.30 -18.67
C VAL D 793 -38.12 18.79 -17.25
N LEU D 794 -39.27 18.13 -17.08
CA LEU D 794 -39.62 17.46 -15.83
C LEU D 794 -38.67 16.29 -15.60
N ASN D 795 -38.20 15.66 -16.68
CA ASN D 795 -37.22 14.59 -16.53
C ASN D 795 -35.95 15.17 -15.94
N LEU D 796 -35.50 16.29 -16.52
CA LEU D 796 -34.38 17.03 -16.01
C LEU D 796 -34.58 17.33 -14.52
N LEU D 797 -35.73 17.95 -14.18
CA LEU D 797 -36.02 18.40 -12.82
C LEU D 797 -36.02 17.24 -11.82
N ASN D 798 -36.45 16.05 -12.24
CA ASN D 798 -36.57 14.92 -11.33
C ASN D 798 -35.20 14.42 -10.87
N ILE D 799 -34.13 14.86 -11.56
CA ILE D 799 -32.78 14.60 -11.09
C ILE D 799 -32.56 15.30 -9.74
N PHE D 800 -33.38 16.32 -9.46
CA PHE D 800 -33.07 17.24 -8.37
C PHE D 800 -34.15 17.23 -7.29
N LEU D 801 -35.33 16.76 -7.63
CA LEU D 801 -36.43 16.75 -6.66
C LEU D 801 -36.11 15.73 -5.57
N ILE D 802 -36.33 16.12 -4.30
CA ILE D 802 -36.02 15.29 -3.16
C ILE D 802 -37.28 15.03 -2.34
N GLU D 803 -37.67 13.74 -2.25
CA GLU D 803 -38.73 13.28 -1.35
C GLU D 803 -38.21 13.36 0.08
N LYS D 804 -39.00 14.00 0.95
CA LYS D 804 -38.73 14.03 2.38
C LYS D 804 -40.07 14.11 3.12
N ASN D 805 -40.31 13.15 4.01
CA ASN D 805 -41.61 12.95 4.65
C ASN D 805 -42.69 12.91 3.58
N SER D 806 -43.67 13.81 3.66
CA SER D 806 -44.74 13.80 2.69
C SER D 806 -44.43 14.69 1.48
N TYR D 807 -43.34 15.47 1.54
CA TYR D 807 -43.20 16.63 0.69
C TYR D 807 -41.86 16.63 -0.06
N TYR D 808 -41.60 17.72 -0.78
CA TYR D 808 -40.34 17.88 -1.49
C TYR D 808 -39.57 19.05 -0.89
N VAL D 809 -38.24 18.94 -0.92
CA VAL D 809 -37.35 20.06 -0.72
C VAL D 809 -36.43 20.18 -1.95
N TYR D 810 -35.55 21.17 -1.97
CA TYR D 810 -34.75 21.33 -3.19
C TYR D 810 -33.30 21.64 -2.83
N PRO D 811 -32.33 21.03 -3.56
CA PRO D 811 -30.91 21.29 -3.32
C PRO D 811 -30.56 22.66 -3.87
N GLY D 812 -29.66 23.36 -3.17
CA GLY D 812 -29.10 24.62 -3.63
C GLY D 812 -27.99 24.38 -4.64
N GLN D 813 -27.09 25.35 -4.80
CA GLN D 813 -26.04 25.30 -5.81
C GLN D 813 -25.20 24.05 -5.60
N PHE D 814 -24.96 23.32 -6.70
CA PHE D 814 -24.05 22.17 -6.71
C PHE D 814 -24.61 21.03 -5.85
N SER D 815 -25.85 21.17 -5.38
CA SER D 815 -26.51 20.20 -4.51
C SER D 815 -25.63 19.81 -3.33
N TYR D 816 -24.94 20.78 -2.72
CA TYR D 816 -24.20 20.51 -1.50
C TYR D 816 -25.08 20.67 -0.27
N ARG D 817 -26.10 21.53 -0.36
CA ARG D 817 -27.02 21.82 0.74
C ARG D 817 -28.38 22.25 0.19
N LEU D 818 -29.43 22.13 1.01
CA LEU D 818 -30.77 22.54 0.64
C LEU D 818 -30.85 24.07 0.60
N ALA D 819 -31.88 24.59 -0.11
CA ALA D 819 -32.16 26.02 -0.12
C ALA D 819 -33.59 26.27 -0.57
N ASP D 820 -34.22 27.31 -0.01
CA ASP D 820 -35.62 27.60 -0.29
C ASP D 820 -35.79 28.89 -1.09
N ASP D 821 -34.68 29.50 -1.50
CA ASP D 821 -34.66 30.84 -2.07
C ASP D 821 -35.04 30.83 -3.56
N VAL D 822 -35.12 32.04 -4.15
CA VAL D 822 -35.55 32.18 -5.52
C VAL D 822 -34.39 31.81 -6.45
N TYR D 823 -33.18 32.27 -6.11
CA TYR D 823 -31.97 32.07 -6.90
C TYR D 823 -31.64 30.60 -7.16
N THR D 824 -31.78 29.74 -6.14
CA THR D 824 -31.32 28.36 -6.28
C THR D 824 -32.34 27.36 -5.70
N GLY D 825 -33.19 27.85 -4.80
CA GLY D 825 -33.98 26.96 -3.98
C GLY D 825 -35.38 26.78 -4.53
N SER D 826 -36.24 26.20 -3.68
CA SER D 826 -37.54 25.72 -4.11
C SER D 826 -38.47 26.84 -4.58
N SER D 827 -38.31 28.06 -4.04
CA SER D 827 -39.14 29.19 -4.42
C SER D 827 -38.96 29.54 -5.90
N GLY D 828 -37.70 29.52 -6.36
CA GLY D 828 -37.39 29.76 -7.75
C GLY D 828 -38.17 28.80 -8.63
N ILE D 829 -38.19 27.53 -8.20
CA ILE D 829 -38.80 26.43 -8.93
C ILE D 829 -40.31 26.53 -8.85
N ILE D 830 -40.87 26.83 -7.66
CA ILE D 830 -42.31 26.97 -7.51
C ILE D 830 -42.79 28.04 -8.50
N LEU D 831 -42.08 29.18 -8.56
CA LEU D 831 -42.44 30.28 -9.45
C LEU D 831 -42.41 29.83 -10.90
N ALA D 832 -41.45 28.97 -11.25
CA ALA D 832 -41.27 28.54 -12.63
C ALA D 832 -42.42 27.63 -13.03
N LEU D 833 -42.82 26.77 -12.09
CA LEU D 833 -43.85 25.79 -12.35
C LEU D 833 -45.19 26.49 -12.47
N MET D 834 -45.36 27.57 -11.71
CA MET D 834 -46.57 28.36 -11.76
C MET D 834 -46.62 29.14 -13.08
N GLY D 835 -45.44 29.52 -13.61
CA GLY D 835 -45.34 30.10 -14.93
C GLY D 835 -45.90 29.17 -16.00
N VAL D 836 -45.40 27.93 -16.02
CA VAL D 836 -45.87 26.89 -16.91
C VAL D 836 -47.40 26.86 -16.93
N ILE D 837 -48.00 26.65 -15.74
CA ILE D 837 -49.46 26.66 -15.59
C ILE D 837 -50.01 27.89 -16.32
N LYS D 838 -49.54 29.08 -15.93
CA LYS D 838 -50.08 30.35 -16.39
C LYS D 838 -49.65 30.69 -17.82
N GLY D 839 -48.74 29.89 -18.40
CA GLY D 839 -48.14 30.21 -19.69
C GLY D 839 -47.48 31.59 -19.67
N ASN D 840 -46.78 31.86 -18.56
CA ASN D 840 -46.13 33.13 -18.30
C ASN D 840 -44.66 32.89 -17.98
N PRO D 841 -43.75 33.13 -18.96
CA PRO D 841 -42.30 32.95 -18.72
C PRO D 841 -41.62 34.06 -17.92
N LEU D 842 -42.41 35.03 -17.41
CA LEU D 842 -41.86 36.13 -16.63
C LEU D 842 -42.30 36.04 -15.15
N TYR D 843 -42.87 34.91 -14.73
CA TYR D 843 -43.56 34.86 -13.46
C TYR D 843 -42.59 34.87 -12.28
N TRP D 844 -41.29 34.69 -12.55
CA TRP D 844 -40.24 34.69 -11.55
C TRP D 844 -39.80 36.12 -11.25
N LEU D 845 -40.42 37.10 -11.93
CA LEU D 845 -40.05 38.50 -11.75
C LEU D 845 -40.84 39.09 -10.58
N PRO D 846 -40.22 39.83 -9.65
CA PRO D 846 -40.95 40.43 -8.54
C PRO D 846 -41.58 41.77 -8.93
N LEU D 847 -42.67 41.70 -9.69
CA LEU D 847 -43.43 42.87 -10.10
C LEU D 847 -44.72 43.00 -9.30
N VAL D 848 -45.23 44.23 -9.20
CA VAL D 848 -46.53 44.54 -8.63
C VAL D 848 -47.59 43.77 -9.40
N ASN D 849 -48.52 43.14 -8.65
CA ASN D 849 -49.70 42.46 -9.19
C ASN D 849 -49.38 41.81 -10.53
N SER D 850 -48.37 40.93 -10.51
CA SER D 850 -47.77 40.33 -11.69
C SER D 850 -48.71 39.26 -12.26
N ASP D 851 -49.87 39.08 -11.63
CA ASP D 851 -50.87 38.15 -12.13
C ASP D 851 -51.73 38.85 -13.17
N GLU D 852 -51.66 40.19 -13.24
CA GLU D 852 -52.38 40.93 -14.27
C GLU D 852 -51.42 41.45 -15.35
N PHE D 853 -50.11 41.37 -15.07
CA PHE D 853 -49.09 42.08 -15.83
C PHE D 853 -49.11 41.77 -17.33
N LEU D 854 -49.15 40.48 -17.69
CA LEU D 854 -49.16 40.06 -19.09
C LEU D 854 -50.36 40.66 -19.83
N ALA D 855 -51.55 40.57 -19.23
CA ALA D 855 -52.76 41.08 -19.87
C ALA D 855 -52.65 42.59 -20.08
N ARG D 856 -51.93 43.27 -19.19
CA ARG D 856 -51.85 44.72 -19.19
C ARG D 856 -50.76 45.22 -20.13
N THR D 857 -49.83 44.33 -20.51
CA THR D 857 -48.76 44.69 -21.42
C THR D 857 -49.04 44.16 -22.83
N LYS D 858 -50.06 43.31 -22.99
CA LYS D 858 -50.32 42.72 -24.29
C LYS D 858 -50.63 43.80 -25.33
N VAL D 859 -50.42 43.47 -26.61
CA VAL D 859 -50.43 44.45 -27.70
C VAL D 859 -51.73 45.27 -27.73
#